data_7ZQT
#
_entry.id   7ZQT
#
_cell.length_a   99.700
_cell.length_b   68.400
_cell.length_c   176.600
_cell.angle_alpha   90.000
_cell.angle_beta   104.400
_cell.angle_gamma   90.000
#
_symmetry.space_group_name_H-M   'P 1 21 1'
#
loop_
_entity.id
_entity.type
_entity.pdbx_description
1 polymer 'Adhesin binding fucosylated histo-blood group antigen'
2 polymer 'Nanobody Nb19'
3 polymer 'VH domain human IgG antibody ABbA'
4 polymer 'VL domain human IgG antibody ABbA'
5 non-polymer 1,2-ETHANEDIOL
6 non-polymer GLYCEROL
7 water water
#
loop_
_entity_poly.entity_id
_entity_poly.type
_entity_poly.pdbx_seq_one_letter_code
_entity_poly.pdbx_strand_id
1 'polypeptide(L)'
;ASWSHPQFEKSGGGGGLVPRGSGIQDLSDNYENLSKLLTRYSTLNTLIKLSADPSAINAARENLGASAKNLIGDTKNSPA
YQAVLLAINAAVGFWNVLGYATQCGGNANGQESTSSTTIFNNEPGYRSTSITCSLNRYKPGYYGPMSIENFKKLNEAYQI
LQTALNKGLPALKENNGTVSVTYTYTCSGEGNDNCSKKATGVSDQNGGTKTKTQTIDGKTVTTTISSKVVDSQAKGNTTR
VSYTEITNKLDGVPDSAQALLAQASTLINTINTACPYFSVTNKSGGPQMEPTRGKLCGFTEEISAIQKMITDAQELVNQT
SVINEHEQSTPVGGNNGKPFNPFTDASFAQGMLANASAQAKMLNLAHQVGQTINPDNLTGTFKNFVTGFLATCNNKSTAG
TSGTQGSPPGTVTTQTFASGCAYVEQTITNLNNSIAHFGTQEQQIQQAENIADTLVNFGSHHHHHH
;
A,E
2 'polypeptide(L)'
;QVQLQESGGGLVQPGGSLRLSCAASGSIFSGNVMGWYRQAPGKLREWVAAITPQGVPNYADSVKGRFTISRDNAKNMLYL
QMSSLKPEDTALYYCNRLPNYRSWGQGTQVTVSSHHHHHH
;
B,F
3 'polypeptide(L)'
;QVQLVQSGGGIGQPGGSLRLACEASGFTFNLFEMAWVRQAPGQSLEVISYIGSSGSTTRYADSVKGRFIVSRDNDKESMF
LQLNSLRVDDTATYFCARLNGWAGSGLDHWGQGTLVAVSSASTKGPSVFPLAPSSKSTSGGTAALGCLVKDYFPEPVTVS
WNSGALTSGVHTFPAVLQSSGLYSLSSVVTVPSSSLGTQTYICNVNHKPSNTKVDKKAEPKS
;
C,G
4 'polypeptide(L)'
;DIQMTQSPSSLSASVGDRVTITCRASQSISSYLNWYQQKPGKAPKLLIYAASSLQSGVPSRFSGSGSGTDFTLTISSLQP
EDFATYYCQQSYSTLWTFGQGTKVEIKRTVAAPSVFIFPPSDEQLKSGTASVVCLLNNFYPREAKVQWKVDNALQSGNSQ
ESVTEQDSKDSTYSLSSTLTLSKADYEKHKVYACEVTHQGLSSPVTKSFNR
;
D,H
#
# COMPACT_ATOMS: atom_id res chain seq x y z
N SER A 42 -1.22 -44.25 72.54
CA SER A 42 -0.86 -43.84 71.18
C SER A 42 -0.30 -42.38 71.13
N THR A 43 -0.02 -41.85 69.93
CA THR A 43 0.58 -40.50 69.88
C THR A 43 -0.35 -39.41 70.42
N LEU A 44 -1.64 -39.71 70.59
CA LEU A 44 -2.56 -38.76 71.21
C LEU A 44 -2.43 -38.74 72.73
N ASN A 45 -1.95 -39.82 73.34
CA ASN A 45 -1.60 -39.75 74.75
C ASN A 45 -0.52 -38.69 74.97
N THR A 46 0.57 -38.76 74.20
CA THR A 46 1.61 -37.75 74.30
C THR A 46 1.11 -36.35 73.93
N LEU A 47 0.10 -36.24 73.05
CA LEU A 47 -0.37 -34.91 72.66
C LEU A 47 -1.08 -34.18 73.79
N ILE A 48 -1.87 -34.90 74.60
CA ILE A 48 -2.51 -34.24 75.72
C ILE A 48 -1.52 -34.06 76.86
N LYS A 49 -0.69 -35.08 77.13
CA LYS A 49 0.37 -34.96 78.13
C LYS A 49 1.23 -33.72 77.89
N LEU A 50 1.45 -33.34 76.62
CA LEU A 50 2.16 -32.11 76.26
C LEU A 50 1.27 -30.87 76.24
N SER A 51 -0.01 -31.04 75.88
CA SER A 51 -0.91 -29.90 75.80
C SER A 51 -1.17 -29.22 77.14
N ALA A 52 -0.90 -29.88 78.26
CA ALA A 52 -1.10 -29.30 79.59
C ALA A 52 0.21 -29.01 80.30
N ASP A 53 1.34 -29.08 79.59
CA ASP A 53 2.67 -28.76 80.08
C ASP A 53 3.05 -27.36 79.61
N PRO A 54 3.06 -26.34 80.49
CA PRO A 54 3.43 -24.99 80.04
C PRO A 54 4.84 -24.92 79.49
N SER A 55 5.76 -25.76 79.99
CA SER A 55 7.10 -25.78 79.42
C SER A 55 7.08 -26.28 77.97
N ALA A 56 6.25 -27.29 77.70
CA ALA A 56 6.16 -27.86 76.36
C ALA A 56 5.44 -26.92 75.40
N ILE A 57 4.52 -26.10 75.90
CA ILE A 57 3.82 -25.15 75.04
C ILE A 57 4.71 -23.96 74.71
N ASN A 58 5.32 -23.35 75.74
CA ASN A 58 6.19 -22.21 75.51
C ASN A 58 7.36 -22.57 74.60
N ALA A 59 7.84 -23.82 74.68
CA ALA A 59 8.87 -24.27 73.75
C ALA A 59 8.38 -24.23 72.32
N ALA A 60 7.14 -24.67 72.06
CA ALA A 60 6.58 -24.61 70.71
C ALA A 60 6.36 -23.17 70.25
N ARG A 61 5.86 -22.32 71.15
CA ARG A 61 5.61 -20.93 70.82
C ARG A 61 6.90 -20.25 70.35
N GLU A 62 8.00 -20.46 71.07
CA GLU A 62 9.28 -19.91 70.64
C GLU A 62 9.80 -20.63 69.39
N ASN A 63 9.46 -21.91 69.22
CA ASN A 63 9.74 -22.57 67.95
C ASN A 63 9.02 -21.88 66.82
N LEU A 64 7.83 -21.31 67.09
CA LEU A 64 7.08 -20.66 66.04
C LEU A 64 7.66 -19.29 65.69
N GLY A 65 8.14 -18.55 66.69
CA GLY A 65 8.82 -17.31 66.40
C GLY A 65 10.08 -17.51 65.58
N ALA A 66 10.86 -18.54 65.93
CA ALA A 66 12.07 -18.84 65.17
C ALA A 66 11.72 -19.21 63.74
N SER A 67 10.75 -20.11 63.55
CA SER A 67 10.42 -20.50 62.18
C SER A 67 9.68 -19.38 61.45
N ALA A 68 8.94 -18.53 62.17
CA ALA A 68 8.31 -17.38 61.54
C ALA A 68 9.35 -16.40 61.03
N LYS A 69 10.24 -15.95 61.91
CA LYS A 69 11.36 -15.13 61.49
C LYS A 69 12.27 -15.85 60.49
N ASN A 70 12.39 -17.17 60.59
CA ASN A 70 13.18 -17.92 59.60
C ASN A 70 12.60 -17.79 58.21
N LEU A 71 11.27 -17.76 58.09
CA LEU A 71 10.52 -17.67 56.84
C LEU A 71 10.48 -16.26 56.26
N ILE A 72 10.15 -15.26 57.08
CA ILE A 72 9.80 -13.96 56.56
C ILE A 72 10.88 -12.92 56.85
N GLY A 73 11.94 -13.29 57.58
CA GLY A 73 13.05 -12.39 57.88
C GLY A 73 14.38 -12.78 57.25
N ASP A 74 14.56 -14.07 56.95
CA ASP A 74 15.73 -14.54 56.23
C ASP A 74 15.42 -14.47 54.73
N THR A 75 16.43 -14.77 53.91
CA THR A 75 16.29 -14.73 52.46
C THR A 75 16.91 -16.00 51.89
N LYS A 76 18.22 -16.15 52.12
CA LYS A 76 18.92 -17.36 51.75
C LYS A 76 18.16 -18.60 52.18
N ASN A 77 17.62 -18.59 53.40
CA ASN A 77 17.05 -19.76 54.06
C ASN A 77 15.53 -19.75 54.12
N SER A 78 14.86 -19.01 53.24
CA SER A 78 13.41 -18.96 53.30
C SER A 78 12.82 -19.62 52.05
N PRO A 79 12.20 -20.80 52.17
CA PRO A 79 11.47 -21.34 51.02
C PRO A 79 10.48 -20.34 50.43
N ALA A 80 9.82 -19.57 51.31
CA ALA A 80 8.91 -18.53 50.89
C ALA A 80 9.60 -17.48 50.00
N TYR A 81 10.69 -16.87 50.51
CA TYR A 81 11.49 -15.94 49.70
C TYR A 81 11.81 -16.53 48.35
N GLN A 82 12.43 -17.72 48.31
CA GLN A 82 12.80 -18.29 47.02
C GLN A 82 11.60 -18.44 46.10
N ALA A 83 10.44 -18.75 46.65
CA ALA A 83 9.29 -19.03 45.81
C ALA A 83 8.73 -17.75 45.20
N VAL A 84 8.75 -16.64 45.95
CA VAL A 84 8.41 -15.34 45.37
C VAL A 84 9.45 -14.93 44.31
N LEU A 85 10.73 -15.00 44.67
CA LEU A 85 11.81 -14.80 43.70
C LEU A 85 11.64 -15.70 42.49
N LEU A 86 11.26 -16.97 42.71
CA LEU A 86 11.14 -17.85 41.55
C LEU A 86 9.99 -17.42 40.64
N ALA A 87 8.91 -16.90 41.22
CA ALA A 87 7.81 -16.44 40.40
C ALA A 87 8.23 -15.25 39.54
N ILE A 88 8.82 -14.23 40.19
CA ILE A 88 9.27 -13.00 39.52
C ILE A 88 10.22 -13.33 38.39
N ASN A 89 11.36 -13.92 38.73
CA ASN A 89 12.34 -14.28 37.73
C ASN A 89 11.79 -15.17 36.64
N ALA A 90 10.71 -15.91 36.91
CA ALA A 90 10.11 -16.72 35.85
C ALA A 90 9.49 -15.84 34.77
N ALA A 91 8.79 -14.77 35.18
CA ALA A 91 8.15 -13.85 34.25
C ALA A 91 9.22 -13.10 33.45
N VAL A 92 10.09 -12.41 34.19
CA VAL A 92 11.25 -11.71 33.70
C VAL A 92 11.97 -12.56 32.66
N GLY A 93 12.28 -13.79 33.01
CA GLY A 93 13.00 -14.63 32.06
C GLY A 93 12.19 -14.95 30.84
N PHE A 94 10.86 -15.01 30.97
CA PHE A 94 10.05 -15.37 29.81
C PHE A 94 10.19 -14.33 28.73
N TRP A 95 10.12 -13.05 29.10
CA TRP A 95 10.28 -11.97 28.13
C TRP A 95 11.69 -11.92 27.57
N ASN A 96 12.72 -12.15 28.40
CA ASN A 96 14.08 -12.17 27.90
C ASN A 96 14.26 -13.20 26.82
N VAL A 97 13.46 -14.25 26.85
CA VAL A 97 13.65 -15.31 25.88
C VAL A 97 12.97 -14.94 24.57
N LEU A 98 11.86 -14.20 24.62
CA LEU A 98 11.02 -14.01 23.45
C LEU A 98 10.86 -12.57 22.99
N GLY A 99 11.34 -11.58 23.74
CA GLY A 99 11.18 -10.20 23.31
C GLY A 99 11.84 -9.89 21.98
N TYR A 100 13.09 -10.34 21.80
CA TYR A 100 13.83 -9.99 20.59
C TYR A 100 13.09 -10.39 19.34
N ALA A 101 12.29 -11.46 19.42
CA ALA A 101 11.54 -11.97 18.29
C ALA A 101 10.13 -11.43 18.24
N THR A 102 9.74 -10.54 19.15
CA THR A 102 8.37 -10.06 19.21
C THR A 102 8.15 -8.84 18.31
N GLN A 103 7.18 -8.95 17.41
CA GLN A 103 6.86 -7.88 16.48
C GLN A 103 6.09 -6.74 17.14
N CYS A 104 6.52 -5.50 16.88
CA CYS A 104 5.88 -4.29 17.39
C CYS A 104 6.15 -3.11 16.47
N GLY A 105 5.18 -2.22 16.40
CA GLY A 105 5.36 -0.98 15.67
C GLY A 105 4.15 -0.07 15.78
N GLY A 106 4.08 0.88 14.84
CA GLY A 106 2.94 1.79 14.75
C GLY A 106 3.15 3.12 15.45
N ASN A 107 2.08 3.90 15.48
CA ASN A 107 2.01 5.22 16.08
C ASN A 107 1.18 5.14 17.37
N ALA A 108 0.59 6.26 17.78
CA ALA A 108 0.23 6.49 19.18
C ALA A 108 -0.78 5.50 19.74
N ASN A 109 -2.02 5.52 19.26
CA ASN A 109 -3.05 4.67 19.86
C ASN A 109 -3.27 3.44 18.99
N GLY A 110 -2.25 2.59 18.93
CA GLY A 110 -2.34 1.40 18.11
C GLY A 110 -2.55 1.65 16.64
N GLN A 111 -2.19 2.84 16.17
CA GLN A 111 -2.48 3.20 14.80
C GLN A 111 -1.31 2.77 13.93
N GLU A 112 -1.61 2.33 12.70
CA GLU A 112 -0.54 2.04 11.77
C GLU A 112 0.29 3.30 11.49
N SER A 113 1.57 3.08 11.19
CA SER A 113 2.49 4.19 10.98
C SER A 113 3.14 4.03 9.62
N THR A 114 3.42 5.17 8.97
CA THR A 114 4.08 5.11 7.67
C THR A 114 5.58 4.87 7.83
N SER A 115 6.20 5.61 8.75
CA SER A 115 7.64 5.48 8.89
C SER A 115 8.02 5.89 10.31
N SER A 116 7.72 4.99 11.25
CA SER A 116 8.00 5.16 12.66
C SER A 116 9.07 4.17 13.07
N THR A 117 10.03 4.63 13.86
CA THR A 117 10.99 3.76 14.53
C THR A 117 11.01 4.20 15.98
N THR A 118 10.50 3.35 16.86
CA THR A 118 10.51 3.62 18.28
C THR A 118 11.36 2.54 18.92
N ILE A 119 12.46 2.96 19.56
CA ILE A 119 13.45 2.07 20.15
C ILE A 119 13.41 2.25 21.64
N PHE A 120 13.19 1.14 22.37
CA PHE A 120 13.22 1.12 23.82
C PHE A 120 14.56 0.58 24.30
N ASN A 121 15.17 1.29 25.24
CA ASN A 121 16.48 0.93 25.74
C ASN A 121 16.42 0.00 26.95
N ASN A 122 17.52 -0.75 27.10
CA ASN A 122 17.74 -1.71 28.18
C ASN A 122 16.66 -2.80 28.12
N GLU A 123 16.57 -3.41 26.93
CA GLU A 123 15.62 -4.43 26.52
C GLU A 123 16.37 -5.47 25.71
N PRO A 124 15.99 -6.75 25.82
CA PRO A 124 16.81 -7.82 25.22
C PRO A 124 16.59 -8.01 23.72
N GLY A 125 17.21 -7.13 22.92
CA GLY A 125 17.01 -7.20 21.49
C GLY A 125 17.96 -8.16 20.82
N TYR A 126 17.68 -8.43 19.54
CA TYR A 126 18.58 -9.30 18.78
C TYR A 126 19.92 -8.61 18.63
N ARG A 127 20.98 -9.23 19.15
CA ARG A 127 22.31 -8.62 19.13
C ARG A 127 22.37 -7.26 19.79
N SER A 128 21.41 -6.89 20.63
CA SER A 128 21.41 -5.51 21.08
C SER A 128 20.82 -5.39 22.47
N THR A 129 21.13 -4.28 23.12
CA THR A 129 20.56 -3.91 24.41
C THR A 129 19.38 -2.97 24.26
N SER A 130 18.79 -2.92 23.08
CA SER A 130 17.55 -2.19 22.86
C SER A 130 16.62 -3.09 22.09
N ILE A 131 15.32 -2.81 22.14
CA ILE A 131 14.36 -3.42 21.23
C ILE A 131 13.86 -2.34 20.30
N THR A 132 13.65 -2.72 19.03
CA THR A 132 13.35 -1.79 17.96
C THR A 132 11.97 -2.11 17.40
N CYS A 133 11.00 -1.29 17.74
CA CYS A 133 9.67 -1.39 17.17
C CYS A 133 9.61 -0.45 15.96
N SER A 134 9.66 -1.02 14.77
CA SER A 134 9.72 -0.21 13.58
C SER A 134 8.99 -0.89 12.42
N LEU A 135 7.86 -1.50 12.70
CA LEU A 135 7.04 -2.17 11.70
C LEU A 135 5.97 -1.23 11.22
N ASN A 136 5.84 -1.08 9.90
CA ASN A 136 4.99 -0.06 9.31
C ASN A 136 3.95 -0.64 8.36
N ARG A 137 2.89 0.15 8.15
CA ARG A 137 1.79 -0.17 7.24
C ARG A 137 1.02 -1.42 7.66
N TYR A 138 1.12 -1.81 8.93
CA TYR A 138 0.24 -2.79 9.54
C TYR A 138 -0.29 -2.23 10.85
N LYS A 139 -1.60 -2.29 11.07
CA LYS A 139 -2.11 -1.86 12.35
C LYS A 139 -1.74 -2.88 13.42
N PRO A 140 -1.30 -2.45 14.58
CA PRO A 140 -0.95 -3.40 15.63
C PRO A 140 -2.19 -4.12 16.15
N GLY A 141 -1.99 -5.34 16.61
CA GLY A 141 -3.09 -6.11 17.16
C GLY A 141 -2.71 -7.57 17.34
N TYR A 142 -3.72 -8.36 17.71
CA TYR A 142 -3.57 -9.80 17.94
C TYR A 142 -2.98 -10.50 16.73
N TYR A 143 -2.03 -11.40 17.00
CA TYR A 143 -1.35 -12.16 15.94
C TYR A 143 -0.75 -11.21 14.92
N GLY A 144 -0.41 -10.01 15.37
CA GLY A 144 0.28 -9.04 14.57
C GLY A 144 1.25 -8.31 15.47
N PRO A 145 1.71 -7.13 15.06
CA PRO A 145 2.68 -6.37 15.87
C PRO A 145 2.08 -5.81 17.14
N MET A 146 2.92 -5.68 18.16
CA MET A 146 2.44 -5.12 19.42
C MET A 146 2.38 -3.60 19.31
N SER A 147 1.27 -3.02 19.75
CA SER A 147 1.19 -1.57 19.79
C SER A 147 2.30 -0.99 20.66
N ILE A 148 2.76 0.23 20.33
CA ILE A 148 3.66 0.97 21.20
C ILE A 148 2.97 1.28 22.52
N GLU A 149 1.64 1.38 22.51
CA GLU A 149 0.92 1.60 23.76
C GLU A 149 1.13 0.42 24.73
N ASN A 150 1.07 -0.82 24.22
CA ASN A 150 1.30 -1.98 25.09
C ASN A 150 2.78 -2.16 25.43
N PHE A 151 3.67 -1.88 24.48
CA PHE A 151 5.08 -2.06 24.77
C PHE A 151 5.55 -1.13 25.87
N LYS A 152 4.87 0.00 26.03
CA LYS A 152 5.24 0.90 27.11
C LYS A 152 4.90 0.30 28.46
N LYS A 153 3.69 -0.24 28.61
CA LYS A 153 3.35 -0.99 29.82
C LYS A 153 4.31 -2.16 30.02
N LEU A 154 4.52 -2.98 28.99
CA LEU A 154 5.48 -4.08 29.11
C LEU A 154 6.80 -3.53 29.61
N ASN A 155 7.35 -2.57 28.86
CA ASN A 155 8.69 -2.05 29.11
C ASN A 155 8.85 -1.49 30.50
N GLU A 156 7.90 -0.66 30.93
CA GLU A 156 8.02 -0.06 32.26
C GLU A 156 8.04 -1.13 33.37
N ALA A 157 7.14 -2.12 33.29
CA ALA A 157 7.18 -3.23 34.26
C ALA A 157 8.50 -3.99 34.18
N TYR A 158 8.99 -4.26 32.96
CA TYR A 158 10.27 -4.95 32.84
C TYR A 158 11.40 -4.14 33.45
N GLN A 159 11.41 -2.80 33.25
CA GLN A 159 12.50 -2.00 33.82
C GLN A 159 12.44 -1.98 35.35
N ILE A 160 11.22 -1.85 35.92
CA ILE A 160 11.06 -1.85 37.37
C ILE A 160 11.51 -3.18 37.97
N LEU A 161 11.10 -4.30 37.36
CA LEU A 161 11.56 -5.62 37.82
C LEU A 161 13.09 -5.72 37.78
N GLN A 162 13.68 -5.54 36.61
CA GLN A 162 15.12 -5.75 36.44
C GLN A 162 15.94 -4.90 37.41
N THR A 163 15.53 -3.65 37.64
CA THR A 163 16.23 -2.87 38.65
C THR A 163 16.05 -3.49 40.03
N ALA A 164 14.81 -3.83 40.36
CA ALA A 164 14.52 -4.41 41.68
C ALA A 164 15.33 -5.69 41.90
N LEU A 165 15.25 -6.63 40.94
CA LEU A 165 16.10 -7.81 40.99
C LEU A 165 17.57 -7.45 41.22
N ASN A 166 18.06 -6.41 40.53
CA ASN A 166 19.47 -6.05 40.62
C ASN A 166 19.81 -5.58 42.01
N LYS A 167 18.95 -4.75 42.59
CA LYS A 167 19.17 -4.33 43.97
C LYS A 167 19.06 -5.50 44.93
N GLY A 168 18.15 -6.45 44.63
CA GLY A 168 17.92 -7.54 45.55
C GLY A 168 16.57 -7.43 46.21
N LEU A 169 15.70 -8.42 45.97
CA LEU A 169 14.41 -8.46 46.62
C LEU A 169 14.62 -8.55 48.13
N PRO A 170 13.90 -7.75 48.93
CA PRO A 170 14.07 -7.81 50.37
C PRO A 170 13.24 -8.92 51.01
N ALA A 171 13.55 -9.19 52.27
CA ALA A 171 12.78 -10.20 53.00
C ALA A 171 11.31 -9.80 53.02
N LEU A 172 10.43 -10.81 53.10
CA LEU A 172 9.00 -10.53 53.01
C LEU A 172 8.50 -9.71 54.18
N LYS A 173 9.27 -9.65 55.27
CA LYS A 173 8.89 -8.79 56.38
C LYS A 173 8.92 -7.32 55.96
N GLU A 174 9.73 -7.00 54.93
CA GLU A 174 9.94 -5.62 54.52
C GLU A 174 8.87 -5.16 53.54
N ASN A 175 8.25 -4.03 53.86
CA ASN A 175 7.25 -3.44 52.99
C ASN A 175 7.58 -1.98 52.67
N ASN A 176 8.66 -1.44 53.26
CA ASN A 176 9.06 -0.04 53.08
C ASN A 176 10.25 0.14 52.15
N GLY A 177 10.69 -0.91 51.47
CA GLY A 177 11.77 -0.77 50.50
C GLY A 177 11.35 0.06 49.29
N THR A 178 12.25 0.88 48.80
CA THR A 178 12.03 1.65 47.57
C THR A 178 13.10 1.29 46.56
N VAL A 179 12.84 1.63 45.31
CA VAL A 179 13.86 1.52 44.28
C VAL A 179 13.68 2.74 43.37
N SER A 180 14.78 3.34 42.96
CA SER A 180 14.73 4.36 41.92
C SER A 180 14.93 3.68 40.58
N VAL A 181 14.12 4.06 39.58
CA VAL A 181 14.18 3.43 38.27
C VAL A 181 14.30 4.51 37.18
N THR A 182 15.16 4.25 36.18
CA THR A 182 15.34 5.15 35.02
C THR A 182 15.49 4.34 33.75
N TYR A 183 14.73 4.75 32.72
CA TYR A 183 14.78 4.12 31.42
C TYR A 183 14.44 5.16 30.36
N THR A 184 14.99 4.94 29.17
CA THR A 184 14.80 5.84 28.06
C THR A 184 14.30 5.07 26.85
N TYR A 185 13.49 5.74 26.03
CA TYR A 185 13.26 5.30 24.66
C TYR A 185 13.46 6.48 23.67
N THR A 186 13.61 6.14 22.38
CA THR A 186 13.76 7.14 21.32
C THR A 186 12.73 6.93 20.21
N CYS A 187 12.38 8.03 19.54
CA CYS A 187 11.51 8.02 18.36
C CYS A 187 12.21 8.74 17.22
N SER A 188 12.23 8.12 16.03
CA SER A 188 12.82 8.72 14.85
C SER A 188 11.96 8.38 13.65
N GLY A 189 12.25 8.99 12.51
CA GLY A 189 11.42 8.76 11.34
C GLY A 189 10.30 9.78 11.24
N GLU A 190 9.91 10.13 10.01
CA GLU A 190 8.87 11.14 9.83
C GLU A 190 7.50 10.66 10.31
N GLY A 191 6.81 11.55 11.02
CA GLY A 191 5.44 11.34 11.45
C GLY A 191 5.27 10.46 12.67
N ASN A 192 6.38 9.99 13.26
CA ASN A 192 6.34 9.25 14.50
C ASN A 192 5.92 10.19 15.62
N ASP A 193 4.71 9.98 16.16
CA ASP A 193 4.19 10.80 17.24
C ASP A 193 4.17 10.07 18.59
N ASN A 194 4.77 8.88 18.64
CA ASN A 194 4.89 8.19 19.92
C ASN A 194 5.69 8.99 20.94
N CYS A 195 6.30 10.10 20.55
CA CYS A 195 7.01 10.93 21.51
C CYS A 195 6.41 12.32 21.66
N SER A 196 5.21 12.55 21.14
CA SER A 196 4.68 13.91 21.09
C SER A 196 4.28 14.37 22.48
N LYS A 197 4.06 15.68 22.59
CA LYS A 197 3.58 16.27 23.84
C LYS A 197 2.26 15.64 24.28
N LYS A 198 1.56 14.95 23.37
CA LYS A 198 0.29 14.29 23.65
C LYS A 198 0.53 12.88 24.16
N ALA A 199 1.51 12.18 23.59
CA ALA A 199 1.92 10.87 24.09
C ALA A 199 2.51 10.97 25.50
N THR A 200 3.50 11.84 25.67
CA THR A 200 4.23 11.93 26.91
C THR A 200 3.65 12.91 27.93
N GLY A 201 2.81 13.85 27.50
CA GLY A 201 2.23 14.73 28.49
C GLY A 201 3.10 15.88 28.90
N VAL A 202 4.22 16.10 28.22
CA VAL A 202 5.19 17.09 28.63
C VAL A 202 4.75 18.45 28.08
N SER A 203 5.25 19.53 28.67
CA SER A 203 4.84 20.87 28.23
C SER A 203 5.23 21.10 26.77
N ASP A 204 6.35 20.54 26.34
CA ASP A 204 6.81 20.69 24.96
C ASP A 204 7.83 19.60 24.66
N GLN A 205 7.67 18.96 23.51
CA GLN A 205 8.57 17.89 23.11
C GLN A 205 10.04 18.34 23.07
N ASN A 206 10.32 19.58 22.67
CA ASN A 206 11.70 20.06 22.56
C ASN A 206 12.07 20.64 23.92
N GLY A 207 12.77 19.86 24.73
CA GLY A 207 13.31 20.35 25.99
C GLY A 207 12.39 20.29 27.21
N GLY A 208 11.17 19.79 27.10
CA GLY A 208 10.22 19.91 28.18
C GLY A 208 10.34 18.84 29.27
N THR A 209 9.60 19.06 30.36
CA THR A 209 9.62 18.16 31.51
C THR A 209 8.26 18.15 32.20
N LYS A 210 7.91 16.99 32.77
CA LYS A 210 6.66 16.87 33.51
C LYS A 210 6.93 16.00 34.73
N THR A 211 6.50 16.48 35.91
CA THR A 211 6.68 15.76 37.17
C THR A 211 5.32 15.37 37.76
N LYS A 212 5.23 14.14 38.22
CA LYS A 212 4.02 13.63 38.86
C LYS A 212 4.31 13.10 40.24
N THR A 213 3.49 13.47 41.21
CA THR A 213 3.50 12.80 42.51
C THR A 213 2.07 12.33 42.78
N GLN A 214 1.81 11.07 42.44
CA GLN A 214 0.50 10.44 42.63
C GLN A 214 0.79 9.09 43.29
N THR A 215 0.62 9.07 44.61
CA THR A 215 0.95 7.95 45.48
C THR A 215 -0.10 6.83 45.48
N VAL A 221 5.45 8.48 45.82
CA VAL A 221 6.07 8.09 44.55
C VAL A 221 6.08 9.24 43.51
N THR A 222 7.26 9.63 43.05
CA THR A 222 7.42 10.75 42.12
C THR A 222 7.92 10.29 40.76
N THR A 223 7.34 10.85 39.69
CA THR A 223 7.71 10.59 38.30
C THR A 223 8.09 11.88 37.58
N THR A 224 9.33 11.94 37.06
CA THR A 224 9.75 13.02 36.16
C THR A 224 9.98 12.45 34.75
N ILE A 225 9.23 12.97 33.77
CA ILE A 225 9.46 12.68 32.35
C ILE A 225 10.15 13.90 31.72
N SER A 226 11.16 13.66 30.88
CA SER A 226 11.79 14.80 30.22
C SER A 226 12.05 14.43 28.77
N SER A 227 11.85 15.42 27.89
CA SER A 227 11.90 15.23 26.45
C SER A 227 13.03 16.05 25.85
N LYS A 228 13.82 15.41 25.00
CA LYS A 228 15.01 16.00 24.42
C LYS A 228 15.07 15.65 22.94
N VAL A 229 15.09 16.68 22.07
CA VAL A 229 15.21 16.53 20.62
C VAL A 229 16.68 16.61 20.23
N VAL A 230 17.16 15.65 19.46
CA VAL A 230 18.51 15.68 18.90
C VAL A 230 18.38 15.98 17.41
N ASP A 231 18.97 17.08 16.99
CA ASP A 231 18.74 17.53 15.64
C ASP A 231 19.64 16.82 14.64
N SER A 232 19.11 16.58 13.43
CA SER A 232 19.82 15.79 12.44
C SER A 232 21.26 16.22 12.28
N GLN A 233 21.51 17.51 12.30
CA GLN A 233 22.87 18.03 12.12
C GLN A 233 23.52 18.43 13.44
N ALA A 234 23.08 17.83 14.55
CA ALA A 234 23.71 18.09 15.83
C ALA A 234 25.05 17.39 15.90
N LYS A 235 26.02 18.05 16.56
CA LYS A 235 27.34 17.45 16.74
C LYS A 235 27.22 16.20 17.61
N GLY A 236 27.71 15.10 17.08
CA GLY A 236 27.58 13.84 17.75
C GLY A 236 26.50 12.95 17.18
N ASN A 237 25.51 13.52 16.50
CA ASN A 237 24.40 12.73 15.94
C ASN A 237 24.92 11.85 14.80
N THR A 238 25.13 10.56 15.12
CA THR A 238 25.70 9.60 14.18
C THR A 238 24.74 9.24 13.05
N THR A 239 23.45 9.17 13.37
CA THR A 239 22.39 8.85 12.41
C THR A 239 22.17 9.89 11.33
N ARG A 240 22.57 11.15 11.57
CA ARG A 240 22.26 12.28 10.70
C ARG A 240 20.76 12.40 10.48
N VAL A 241 19.97 11.98 11.46
CA VAL A 241 18.51 12.03 11.40
C VAL A 241 18.00 12.56 12.74
N SER A 242 17.07 13.50 12.68
CA SER A 242 16.48 13.99 13.91
C SER A 242 15.78 12.83 14.60
N TYR A 243 15.77 12.87 15.94
CA TYR A 243 15.05 11.90 16.74
C TYR A 243 14.73 12.53 18.10
N THR A 244 13.91 11.82 18.89
CA THR A 244 13.46 12.26 20.21
C THR A 244 13.77 11.18 21.24
N GLU A 245 14.47 11.54 22.30
CA GLU A 245 14.77 10.66 23.42
C GLU A 245 13.92 11.07 24.62
N ILE A 246 13.15 10.11 25.12
CA ILE A 246 12.36 10.26 26.34
C ILE A 246 13.08 9.58 27.48
N THR A 247 13.31 10.32 28.58
CA THR A 247 13.83 9.78 29.82
C THR A 247 12.69 9.71 30.84
N ASN A 248 12.50 8.54 31.46
CA ASN A 248 11.57 8.35 32.58
C ASN A 248 12.39 8.09 33.85
N LYS A 249 12.21 8.94 34.87
CA LYS A 249 12.84 8.70 36.16
C LYS A 249 11.76 8.53 37.23
N LEU A 250 11.69 7.32 37.80
CA LEU A 250 10.73 6.97 38.84
C LEU A 250 11.46 6.88 40.18
N ASP A 251 11.03 7.67 41.15
CA ASP A 251 11.56 7.55 42.48
C ASP A 251 10.48 7.09 43.44
N GLY A 252 10.90 6.46 44.53
CA GLY A 252 10.03 5.85 45.52
C GLY A 252 9.21 4.65 45.04
N VAL A 253 9.66 3.95 44.01
CA VAL A 253 8.94 2.77 43.53
C VAL A 253 9.12 1.62 44.52
N PRO A 254 8.03 1.06 45.04
CA PRO A 254 8.17 -0.01 46.05
C PRO A 254 8.68 -1.30 45.41
N ASP A 255 9.61 -1.95 46.10
CA ASP A 255 10.06 -3.28 45.71
C ASP A 255 9.81 -4.25 46.86
N SER A 256 8.55 -4.36 47.24
CA SER A 256 8.09 -5.34 48.19
C SER A 256 7.61 -6.55 47.40
N ALA A 257 7.41 -7.67 48.09
CA ALA A 257 6.99 -8.87 47.37
C ALA A 257 5.70 -8.64 46.59
N GLN A 258 4.71 -8.00 47.22
CA GLN A 258 3.44 -7.81 46.52
C GLN A 258 3.55 -6.74 45.45
N ALA A 259 4.33 -5.68 45.68
CA ALA A 259 4.57 -4.69 44.65
C ALA A 259 5.24 -5.32 43.43
N LEU A 260 6.36 -6.03 43.64
CA LEU A 260 7.05 -6.69 42.53
C LEU A 260 6.25 -7.85 41.93
N LEU A 261 5.60 -8.70 42.75
CA LEU A 261 4.76 -9.74 42.16
C LEU A 261 3.65 -9.12 41.31
N ALA A 262 3.19 -7.91 41.66
CA ALA A 262 2.21 -7.23 40.82
C ALA A 262 2.82 -6.74 39.50
N GLN A 263 4.06 -6.22 39.53
CA GLN A 263 4.72 -5.86 38.26
C GLN A 263 4.87 -7.07 37.37
N ALA A 264 5.28 -8.21 37.94
CA ALA A 264 5.42 -9.43 37.13
C ALA A 264 4.10 -9.77 36.47
N SER A 265 3.00 -9.55 37.18
CA SER A 265 1.71 -9.81 36.57
C SER A 265 1.42 -8.81 35.44
N THR A 266 1.82 -7.54 35.60
CA THR A 266 1.66 -6.62 34.46
C THR A 266 2.47 -7.06 33.25
N LEU A 267 3.71 -7.50 33.48
CA LEU A 267 4.54 -8.01 32.38
C LEU A 267 3.87 -9.20 31.69
N ILE A 268 3.62 -10.29 32.40
CA ILE A 268 3.14 -11.48 31.70
C ILE A 268 1.76 -11.26 31.13
N ASN A 269 0.96 -10.38 31.74
CA ASN A 269 -0.43 -10.26 31.28
C ASN A 269 -0.53 -9.37 30.06
N THR A 270 0.29 -8.33 30.00
CA THR A 270 0.39 -7.55 28.78
C THR A 270 0.84 -8.42 27.63
N ILE A 271 1.86 -9.25 27.86
CA ILE A 271 2.30 -10.17 26.83
C ILE A 271 1.11 -10.97 26.32
N ASN A 272 0.43 -11.64 27.25
CA ASN A 272 -0.58 -12.61 26.88
C ASN A 272 -1.81 -11.93 26.29
N THR A 273 -2.15 -10.72 26.74
CA THR A 273 -3.35 -10.05 26.22
C THR A 273 -3.11 -9.38 24.87
N ALA A 274 -2.02 -8.62 24.72
CA ALA A 274 -1.69 -8.12 23.39
C ALA A 274 -1.50 -9.28 22.42
N CYS A 275 -0.76 -10.30 22.85
CA CYS A 275 -0.53 -11.51 22.07
C CYS A 275 0.03 -11.21 20.69
N PRO A 276 1.18 -10.58 20.59
CA PRO A 276 1.69 -10.18 19.28
C PRO A 276 2.28 -11.37 18.52
N TYR A 277 2.46 -11.17 17.23
CA TYR A 277 3.13 -12.15 16.39
C TYR A 277 4.62 -12.17 16.71
N PHE A 278 5.22 -13.36 16.60
CA PHE A 278 6.64 -13.51 16.90
C PHE A 278 7.30 -14.38 15.83
N SER A 279 8.63 -14.22 15.72
CA SER A 279 9.46 -14.93 14.73
C SER A 279 10.82 -15.23 15.34
N VAL A 280 11.06 -16.49 15.70
CA VAL A 280 12.29 -16.85 16.39
C VAL A 280 13.43 -17.00 15.38
N THR A 281 14.65 -16.76 15.84
CA THR A 281 15.88 -17.01 15.08
C THR A 281 16.76 -17.95 15.88
N ASN A 282 16.64 -19.25 15.61
CA ASN A 282 17.36 -20.24 16.39
C ASN A 282 18.85 -20.14 16.11
N LYS A 283 19.67 -20.21 17.15
CA LYS A 283 21.10 -20.30 16.87
C LYS A 283 21.39 -21.65 16.22
N SER A 284 22.38 -21.67 15.35
CA SER A 284 22.77 -22.92 14.72
C SER A 284 23.66 -23.70 15.67
N GLY A 285 23.17 -24.86 16.11
CA GLY A 285 23.86 -25.67 17.09
C GLY A 285 23.56 -25.31 18.51
N GLY A 286 22.76 -24.27 18.75
CA GLY A 286 22.29 -23.98 20.07
C GLY A 286 20.94 -24.64 20.29
N PRO A 287 20.22 -24.19 21.31
CA PRO A 287 18.87 -24.72 21.55
C PRO A 287 17.87 -24.29 20.47
N GLN A 288 17.12 -25.28 19.96
CA GLN A 288 16.06 -25.10 18.98
C GLN A 288 14.71 -24.78 19.63
N MET A 289 14.05 -23.70 19.21
CA MET A 289 12.71 -23.35 19.70
C MET A 289 11.59 -23.76 18.72
N GLU A 290 10.43 -24.15 19.28
CA GLU A 290 9.18 -24.50 18.60
C GLU A 290 8.00 -23.95 19.41
N PRO A 291 7.05 -23.25 18.76
CA PRO A 291 7.10 -23.03 17.31
C PRO A 291 8.09 -21.90 16.91
N THR A 292 8.35 -21.78 15.61
CA THR A 292 9.30 -20.80 15.11
C THR A 292 8.61 -19.48 14.82
N ARG A 293 7.33 -19.55 14.54
CA ARG A 293 6.49 -18.40 14.33
C ARG A 293 5.13 -18.68 14.97
N GLY A 294 4.46 -17.62 15.37
CA GLY A 294 3.10 -17.71 15.83
C GLY A 294 2.77 -16.49 16.65
N LYS A 295 1.87 -16.68 17.59
CA LYS A 295 1.41 -15.68 18.53
C LYS A 295 2.00 -15.98 19.90
N LEU A 296 2.18 -14.94 20.70
CA LEU A 296 2.79 -15.16 22.00
C LEU A 296 1.87 -15.98 22.90
N CYS A 297 0.54 -15.85 22.76
CA CYS A 297 -0.38 -16.72 23.50
C CYS A 297 -0.12 -18.19 23.21
N GLY A 298 0.45 -18.47 22.03
CA GLY A 298 0.69 -19.85 21.63
C GLY A 298 1.48 -20.64 22.65
N PHE A 299 2.14 -19.93 23.55
CA PHE A 299 2.77 -20.53 24.72
C PHE A 299 1.79 -20.57 25.90
N THR A 300 0.66 -21.26 25.66
CA THR A 300 -0.34 -21.40 26.71
C THR A 300 0.23 -22.14 27.92
N GLU A 301 1.04 -23.18 27.68
CA GLU A 301 1.61 -23.94 28.80
C GLU A 301 2.50 -23.07 29.65
N GLU A 302 3.29 -22.21 29.02
CA GLU A 302 4.28 -21.41 29.74
C GLU A 302 3.61 -20.22 30.41
N ILE A 303 2.69 -19.56 29.71
CA ILE A 303 2.04 -18.40 30.30
C ILE A 303 1.19 -18.82 31.50
N SER A 304 0.49 -19.97 31.39
CA SER A 304 -0.28 -20.49 32.52
C SER A 304 0.60 -20.79 33.72
N ALA A 305 1.69 -21.53 33.50
CA ALA A 305 2.60 -21.84 34.59
C ALA A 305 3.01 -20.58 35.33
N ILE A 306 3.40 -19.56 34.59
CA ILE A 306 3.86 -18.30 35.18
C ILE A 306 2.70 -17.62 35.92
N GLN A 307 1.51 -17.61 35.31
CA GLN A 307 0.37 -16.96 35.96
C GLN A 307 -0.02 -17.66 37.26
N LYS A 308 0.01 -18.99 37.32
CA LYS A 308 -0.28 -19.64 38.61
C LYS A 308 0.85 -19.43 39.62
N MET A 309 2.12 -19.45 39.17
CA MET A 309 3.21 -19.15 40.11
C MET A 309 3.06 -17.77 40.72
N ILE A 310 2.56 -16.80 39.96
CA ILE A 310 2.35 -15.47 40.52
C ILE A 310 1.18 -15.50 41.50
N THR A 311 0.04 -16.09 41.09
CA THR A 311 -1.10 -16.26 42.00
C THR A 311 -0.73 -16.98 43.29
N ASP A 312 0.09 -18.04 43.21
CA ASP A 312 0.46 -18.79 44.42
C ASP A 312 1.34 -17.97 45.36
N ALA A 313 2.30 -17.21 44.81
CA ALA A 313 3.19 -16.41 45.65
C ALA A 313 2.50 -15.17 46.20
N GLN A 314 1.52 -14.65 45.48
CA GLN A 314 0.72 -13.56 46.03
C GLN A 314 -0.01 -14.02 47.30
N GLU A 315 -0.72 -15.16 47.21
CA GLU A 315 -1.36 -15.72 48.40
C GLU A 315 -0.34 -16.16 49.45
N LEU A 316 0.79 -16.72 49.02
CA LEU A 316 1.91 -16.96 49.92
C LEU A 316 2.32 -15.69 50.66
N VAL A 317 2.49 -14.58 49.94
CA VAL A 317 2.82 -13.32 50.61
C VAL A 317 1.67 -12.85 51.49
N ASN A 318 0.43 -13.16 51.13
CA ASN A 318 -0.73 -12.72 51.91
C ASN A 318 -0.77 -13.34 53.30
N GLN A 319 -0.06 -14.45 53.50
CA GLN A 319 0.01 -15.14 54.77
C GLN A 319 0.99 -14.51 55.74
N THR A 320 1.90 -13.65 55.26
CA THR A 320 2.81 -12.98 56.17
C THR A 320 2.07 -12.09 57.17
N SER A 321 0.96 -11.48 56.73
CA SER A 321 0.23 -10.57 57.61
C SER A 321 -0.39 -11.35 58.75
N VAL A 322 -0.77 -12.58 58.48
CA VAL A 322 -1.27 -13.47 59.53
C VAL A 322 -0.18 -13.73 60.57
N ILE A 323 1.03 -14.10 60.13
CA ILE A 323 2.11 -14.42 61.07
C ILE A 323 2.41 -13.22 61.95
N ASN A 324 2.42 -12.01 61.37
CA ASN A 324 2.72 -10.79 62.10
C ASN A 324 1.66 -10.51 63.16
N GLU A 325 0.39 -10.76 62.83
CA GLU A 325 -0.69 -10.45 63.76
C GLU A 325 -0.87 -11.51 64.84
N HIS A 326 -0.18 -12.65 64.74
CA HIS A 326 -0.21 -13.67 65.79
C HIS A 326 1.21 -13.97 66.27
N GLU A 327 1.88 -12.90 66.70
CA GLU A 327 3.18 -12.99 67.35
C GLU A 327 3.10 -14.02 68.46
N GLN A 328 4.11 -14.89 68.52
CA GLN A 328 4.16 -16.03 69.43
C GLN A 328 5.34 -15.95 70.39
N SER A 329 5.56 -14.81 71.04
CA SER A 329 6.76 -14.66 71.85
C SER A 329 6.47 -14.47 73.33
N THR A 330 5.27 -14.03 73.71
CA THR A 330 4.99 -13.94 75.14
C THR A 330 4.81 -15.33 75.75
N PRO A 331 5.33 -15.57 76.95
CA PRO A 331 5.13 -16.88 77.60
C PRO A 331 3.72 -17.06 78.15
N VAL A 332 3.42 -18.29 78.54
CA VAL A 332 2.05 -18.63 78.94
C VAL A 332 1.98 -19.52 80.19
N GLY A 337 4.03 -16.95 88.81
CA GLY A 337 4.25 -18.39 88.66
C GLY A 337 3.13 -19.09 89.40
N LYS A 338 2.33 -19.95 88.74
CA LYS A 338 1.01 -20.40 89.25
C LYS A 338 0.66 -21.78 88.68
N PRO A 339 -0.54 -22.37 88.87
CA PRO A 339 -0.86 -23.58 88.07
C PRO A 339 -1.53 -23.23 86.75
N PHE A 340 -1.48 -24.17 85.79
CA PHE A 340 -2.00 -23.89 84.43
C PHE A 340 -2.94 -24.99 83.96
N ASN A 341 -4.28 -24.65 83.77
CA ASN A 341 -5.22 -25.64 83.26
C ASN A 341 -5.79 -25.23 81.92
N PRO A 342 -5.80 -26.14 80.94
CA PRO A 342 -6.26 -25.80 79.58
C PRO A 342 -7.66 -25.22 79.48
N PHE A 343 -8.58 -25.61 80.35
CA PHE A 343 -9.98 -25.25 80.13
C PHE A 343 -10.26 -23.77 80.37
N THR A 344 -9.34 -23.05 81.00
CA THR A 344 -9.64 -21.69 81.44
C THR A 344 -8.67 -20.65 80.91
N ASP A 345 -7.36 -20.85 81.06
CA ASP A 345 -6.36 -19.83 80.76
C ASP A 345 -5.61 -20.06 79.45
N ALA A 346 -6.29 -20.54 78.41
CA ALA A 346 -5.64 -20.99 77.19
C ALA A 346 -6.15 -20.20 75.97
N SER A 347 -6.39 -18.89 76.16
CA SER A 347 -6.95 -18.06 75.10
C SER A 347 -5.99 -17.81 73.95
N PHE A 348 -4.70 -18.06 74.14
CA PHE A 348 -3.74 -17.95 73.05
C PHE A 348 -3.88 -19.05 71.99
N ALA A 349 -4.69 -20.07 72.25
CA ALA A 349 -4.71 -21.25 71.39
C ALA A 349 -5.17 -20.90 69.96
N GLN A 350 -6.18 -20.04 69.84
CA GLN A 350 -6.66 -19.65 68.53
C GLN A 350 -5.55 -19.02 67.70
N GLY A 351 -4.89 -18.00 68.28
CA GLY A 351 -3.82 -17.30 67.60
C GLY A 351 -2.60 -18.17 67.36
N MET A 352 -2.28 -19.03 68.32
CA MET A 352 -1.17 -19.96 68.10
C MET A 352 -1.48 -20.90 66.94
N LEU A 353 -2.75 -21.24 66.76
CA LEU A 353 -3.14 -22.10 65.64
C LEU A 353 -3.16 -21.33 64.31
N ALA A 354 -3.63 -20.08 64.34
CA ALA A 354 -3.62 -19.26 63.12
C ALA A 354 -2.21 -19.00 62.61
N ASN A 355 -1.26 -18.78 63.53
CA ASN A 355 0.13 -18.54 63.18
C ASN A 355 0.76 -19.78 62.57
N ALA A 356 0.64 -20.91 63.26
CA ALA A 356 1.21 -22.16 62.76
C ALA A 356 0.61 -22.57 61.41
N SER A 357 -0.71 -22.41 61.26
CA SER A 357 -1.36 -22.78 60.00
C SER A 357 -0.96 -21.87 58.87
N ALA A 358 -0.83 -20.56 59.13
CA ALA A 358 -0.28 -19.65 58.13
C ALA A 358 1.08 -20.13 57.66
N GLN A 359 2.00 -20.39 58.60
CA GLN A 359 3.34 -20.85 58.26
C GLN A 359 3.29 -22.10 57.39
N ALA A 360 2.39 -23.03 57.70
CA ALA A 360 2.30 -24.27 56.94
C ALA A 360 1.84 -24.02 55.51
N LYS A 361 0.80 -23.18 55.33
CA LYS A 361 0.31 -22.88 53.99
C LYS A 361 1.36 -22.13 53.20
N MET A 362 2.07 -21.22 53.86
CA MET A 362 3.18 -20.53 53.22
C MET A 362 4.24 -21.53 52.74
N LEU A 363 4.55 -22.54 53.53
CA LEU A 363 5.51 -23.55 53.09
C LEU A 363 4.95 -24.44 51.99
N ASN A 364 3.69 -24.85 52.09
CA ASN A 364 3.15 -25.67 51.02
C ASN A 364 3.07 -24.88 49.72
N LEU A 365 2.63 -23.61 49.80
CA LEU A 365 2.56 -22.79 48.60
C LEU A 365 3.95 -22.62 48.00
N ALA A 366 4.94 -22.34 48.83
CA ALA A 366 6.33 -22.29 48.37
C ALA A 366 6.69 -23.55 47.59
N HIS A 367 6.34 -24.72 48.12
CA HIS A 367 6.63 -25.96 47.39
C HIS A 367 5.87 -26.01 46.08
N GLN A 368 4.65 -25.48 46.06
CA GLN A 368 3.83 -25.54 44.84
C GLN A 368 4.42 -24.65 43.74
N VAL A 369 4.84 -23.44 44.09
CA VAL A 369 5.47 -22.55 43.12
C VAL A 369 6.62 -23.26 42.41
N GLY A 370 7.56 -23.81 43.17
CA GLY A 370 8.67 -24.55 42.58
C GLY A 370 8.23 -25.67 41.67
N GLN A 371 7.28 -26.51 42.10
CA GLN A 371 6.91 -27.68 41.32
C GLN A 371 6.14 -27.32 40.06
N THR A 372 5.59 -26.10 39.99
CA THR A 372 4.95 -25.65 38.75
C THR A 372 5.97 -25.51 37.62
N ILE A 373 7.24 -25.28 37.95
CA ILE A 373 8.27 -25.01 36.96
C ILE A 373 9.46 -26.00 37.05
N ASN A 374 9.45 -26.91 38.01
CA ASN A 374 10.67 -27.72 38.18
C ASN A 374 10.85 -28.64 36.98
N PRO A 375 11.89 -28.44 36.18
CA PRO A 375 11.97 -29.09 34.86
C PRO A 375 12.02 -30.59 34.88
N ASP A 376 12.48 -31.21 35.98
CA ASP A 376 12.50 -32.68 36.03
C ASP A 376 11.10 -33.25 35.86
N ASN A 377 10.08 -32.49 36.26
CA ASN A 377 8.68 -32.89 36.25
C ASN A 377 7.96 -32.47 34.97
N LEU A 378 8.67 -31.82 34.04
CA LEU A 378 8.09 -31.31 32.80
C LEU A 378 8.40 -32.19 31.60
N THR A 379 7.57 -32.04 30.58
CA THR A 379 7.57 -32.87 29.38
C THR A 379 7.64 -32.04 28.11
N GLY A 380 8.10 -32.70 27.05
CA GLY A 380 7.93 -32.21 25.69
C GLY A 380 8.44 -30.79 25.52
N THR A 381 7.63 -29.96 24.85
CA THR A 381 8.05 -28.61 24.52
C THR A 381 8.25 -27.77 25.77
N PHE A 382 7.34 -27.88 26.73
CA PHE A 382 7.48 -27.05 27.94
C PHE A 382 8.79 -27.35 28.64
N LYS A 383 9.21 -28.61 28.65
CA LYS A 383 10.51 -28.94 29.23
C LYS A 383 11.63 -28.40 28.33
N ASN A 384 11.48 -28.56 27.02
CA ASN A 384 12.38 -27.93 26.07
C ASN A 384 12.54 -26.44 26.34
N PHE A 385 11.42 -25.73 26.49
CA PHE A 385 11.47 -24.30 26.76
C PHE A 385 12.28 -24.00 28.01
N VAL A 386 12.11 -24.83 29.05
CA VAL A 386 12.64 -24.44 30.36
C VAL A 386 14.12 -24.79 30.49
N THR A 387 14.50 -26.01 30.13
CA THR A 387 15.90 -26.40 30.27
C THR A 387 16.79 -25.80 29.18
N GLY A 388 16.24 -25.53 28.00
CA GLY A 388 17.01 -25.00 26.89
C GLY A 388 17.14 -23.49 26.85
N PHE A 389 16.20 -22.78 27.47
CA PHE A 389 16.15 -21.33 27.31
C PHE A 389 15.95 -20.64 28.65
N LEU A 390 14.84 -20.92 29.32
CA LEU A 390 14.46 -20.13 30.49
C LEU A 390 15.49 -20.28 31.61
N ALA A 391 15.99 -21.49 31.83
CA ALA A 391 17.00 -21.68 32.88
C ALA A 391 18.42 -21.69 32.30
N THR A 392 18.73 -20.62 31.56
CA THR A 392 20.04 -20.41 30.91
C THR A 392 20.33 -18.92 30.89
N CYS A 393 21.61 -18.57 30.83
CA CYS A 393 21.99 -17.18 30.59
C CYS A 393 23.11 -17.11 29.58
N ASN A 394 22.85 -16.45 28.45
CA ASN A 394 23.82 -16.31 27.38
C ASN A 394 24.70 -15.08 27.51
N ASN A 395 24.65 -14.37 28.63
CA ASN A 395 25.62 -13.31 28.87
C ASN A 395 27.05 -13.82 28.91
N LYS A 396 27.99 -12.88 29.00
CA LYS A 396 29.39 -13.15 29.25
C LYS A 396 29.78 -12.52 30.58
N SER A 407 27.60 -12.03 35.72
CA SER A 407 26.40 -11.39 35.15
C SER A 407 25.34 -11.12 36.23
N PRO A 408 25.43 -9.98 36.92
CA PRO A 408 24.50 -9.74 38.02
C PRO A 408 23.06 -9.82 37.54
N PRO A 409 22.10 -9.97 38.45
CA PRO A 409 20.71 -10.06 38.03
C PRO A 409 20.28 -8.72 37.46
N GLY A 410 19.35 -8.78 36.50
CA GLY A 410 18.89 -7.58 35.83
C GLY A 410 19.87 -6.95 34.86
N THR A 411 20.75 -7.76 34.26
CA THR A 411 21.79 -7.27 33.37
C THR A 411 21.35 -7.58 31.95
N VAL A 412 21.16 -6.53 31.16
CA VAL A 412 20.81 -6.70 29.76
C VAL A 412 22.09 -6.50 28.99
N THR A 413 22.49 -7.50 28.22
CA THR A 413 23.63 -7.39 27.34
C THR A 413 23.18 -7.79 25.96
N THR A 414 24.05 -7.52 24.99
CA THR A 414 23.75 -7.77 23.59
C THR A 414 23.45 -9.23 23.31
N GLN A 415 23.80 -10.14 24.22
CA GLN A 415 23.58 -11.57 24.04
C GLN A 415 22.51 -12.12 24.99
N THR A 416 21.73 -11.26 25.66
CA THR A 416 20.75 -11.76 26.63
C THR A 416 19.57 -12.43 25.94
N PHE A 417 19.15 -11.94 24.79
CA PHE A 417 18.05 -12.53 24.03
C PHE A 417 18.21 -14.04 23.86
N ALA A 418 17.07 -14.76 23.92
CA ALA A 418 16.96 -16.21 23.66
C ALA A 418 17.51 -17.06 24.81
N SER A 419 17.54 -16.48 26.00
CA SER A 419 17.93 -17.11 27.25
C SER A 419 17.25 -16.33 28.36
N GLY A 420 16.98 -17.00 29.47
CA GLY A 420 16.20 -16.39 30.54
C GLY A 420 16.95 -15.35 31.33
N CYS A 421 18.21 -15.62 31.64
CA CYS A 421 19.06 -14.75 32.47
C CYS A 421 18.32 -14.24 33.70
N ALA A 422 17.74 -15.16 34.46
CA ALA A 422 17.05 -14.76 35.69
C ALA A 422 17.44 -15.66 36.84
N TYR A 423 18.61 -16.31 36.74
CA TYR A 423 19.09 -17.25 37.76
C TYR A 423 18.02 -18.29 38.09
N VAL A 424 17.22 -18.63 37.07
CA VAL A 424 16.09 -19.54 37.29
C VAL A 424 16.58 -20.87 37.83
N GLU A 425 17.66 -21.44 37.28
CA GLU A 425 18.12 -22.71 37.85
C GLU A 425 18.61 -22.50 39.28
N GLN A 426 19.45 -21.48 39.50
CA GLN A 426 20.00 -21.31 40.85
C GLN A 426 18.89 -21.07 41.85
N THR A 427 17.79 -20.41 41.44
CA THR A 427 16.71 -20.18 42.39
C THR A 427 15.95 -21.47 42.67
N ILE A 428 15.75 -22.30 41.65
CA ILE A 428 15.16 -23.63 41.84
C ILE A 428 16.03 -24.46 42.78
N THR A 429 17.34 -24.41 42.58
CA THR A 429 18.25 -25.08 43.50
C THR A 429 18.19 -24.44 44.88
N ASN A 430 18.27 -23.11 44.95
CA ASN A 430 18.18 -22.42 46.22
C ASN A 430 16.86 -22.71 46.93
N LEU A 431 15.81 -23.02 46.17
CA LEU A 431 14.53 -23.37 46.78
C LEU A 431 14.58 -24.75 47.42
N ASN A 432 15.10 -25.73 46.67
CA ASN A 432 15.30 -27.08 47.20
C ASN A 432 16.19 -27.07 48.44
N ASN A 433 17.33 -26.38 48.36
CA ASN A 433 18.25 -26.30 49.49
C ASN A 433 17.54 -25.78 50.72
N SER A 434 16.71 -24.77 50.54
CA SER A 434 15.98 -24.16 51.64
C SER A 434 15.04 -25.15 52.31
N ILE A 435 14.36 -25.97 51.50
CA ILE A 435 13.31 -26.85 52.00
C ILE A 435 13.92 -28.02 52.78
N ALA A 436 14.99 -28.62 52.25
CA ALA A 436 15.72 -29.66 52.94
C ALA A 436 16.29 -29.17 54.26
N HIS A 437 16.53 -27.87 54.38
CA HIS A 437 16.93 -27.25 55.64
C HIS A 437 15.75 -26.74 56.46
N PHE A 438 14.52 -27.13 56.11
CA PHE A 438 13.34 -26.81 56.92
C PHE A 438 12.79 -28.07 57.61
N GLY A 439 13.57 -29.15 57.64
CA GLY A 439 13.08 -30.41 58.18
C GLY A 439 12.62 -30.30 59.62
N THR A 440 13.50 -29.79 60.49
CA THR A 440 13.11 -29.59 61.88
C THR A 440 12.00 -28.55 62.00
N GLN A 441 12.16 -27.36 61.42
CA GLN A 441 11.15 -26.31 61.52
C GLN A 441 9.76 -26.80 61.09
N GLU A 442 9.68 -27.58 60.01
CA GLU A 442 8.38 -28.03 59.50
C GLU A 442 7.66 -28.94 60.49
N GLN A 443 8.37 -29.92 61.07
CA GLN A 443 7.73 -30.79 62.05
C GLN A 443 7.22 -29.99 63.25
N GLN A 444 8.02 -29.02 63.70
CA GLN A 444 7.66 -28.25 64.89
C GLN A 444 6.45 -27.36 64.65
N ILE A 445 6.19 -26.95 63.41
CA ILE A 445 5.01 -26.14 63.15
C ILE A 445 3.75 -26.97 63.28
N GLN A 446 3.79 -28.20 62.75
CA GLN A 446 2.66 -29.11 62.89
C GLN A 446 2.51 -29.56 64.33
N GLN A 447 3.63 -29.82 65.02
CA GLN A 447 3.55 -30.13 66.44
C GLN A 447 2.91 -28.98 67.21
N ALA A 448 3.23 -27.74 66.85
CA ALA A 448 2.58 -26.61 67.50
C ALA A 448 1.14 -26.48 67.05
N GLU A 449 0.83 -26.90 65.82
CA GLU A 449 -0.54 -26.89 65.33
C GLU A 449 -1.38 -27.91 66.09
N ASN A 450 -0.79 -29.07 66.40
CA ASN A 450 -1.51 -30.09 67.15
C ASN A 450 -1.79 -29.63 68.57
N ILE A 451 -0.82 -28.99 69.23
CA ILE A 451 -1.03 -28.56 70.61
C ILE A 451 -2.11 -27.48 70.69
N ALA A 452 -2.00 -26.46 69.83
CA ALA A 452 -2.90 -25.32 69.91
C ALA A 452 -4.33 -25.72 69.61
N ASP A 453 -4.50 -26.69 68.73
CA ASP A 453 -5.82 -27.16 68.38
C ASP A 453 -6.46 -27.98 69.50
N THR A 454 -5.67 -28.81 70.21
CA THR A 454 -6.26 -29.52 71.34
C THR A 454 -6.66 -28.57 72.45
N LEU A 455 -6.01 -27.39 72.52
CA LEU A 455 -6.38 -26.38 73.51
C LEU A 455 -7.59 -25.56 73.08
N VAL A 456 -7.85 -25.47 71.77
CA VAL A 456 -9.07 -24.77 71.36
C VAL A 456 -10.29 -25.56 71.80
N ASN A 457 -10.20 -26.88 71.73
CA ASN A 457 -11.29 -27.76 72.14
C ASN A 457 -11.45 -27.81 73.65
N PHE A 458 -10.35 -27.89 74.41
CA PHE A 458 -10.51 -27.79 75.85
C PHE A 458 -11.15 -26.45 76.22
N GLY A 459 -10.91 -25.40 75.42
CA GLY A 459 -11.45 -24.09 75.70
C GLY A 459 -12.92 -23.95 75.37
N SER A 460 -13.41 -24.72 74.41
CA SER A 460 -14.84 -24.73 74.12
C SER A 460 -15.64 -25.23 75.33
N HIS A 461 -15.18 -26.31 75.98
CA HIS A 461 -15.92 -26.89 77.11
C HIS A 461 -15.93 -25.95 78.32
N GLN B 3 0.99 -45.09 48.31
CA GLN B 3 1.96 -46.10 47.88
C GLN B 3 3.36 -45.69 48.33
N LEU B 4 3.66 -45.92 49.60
CA LEU B 4 4.99 -45.66 50.13
C LEU B 4 5.27 -46.61 51.28
N GLN B 5 6.38 -47.34 51.23
CA GLN B 5 6.78 -48.22 52.32
C GLN B 5 8.29 -48.40 52.34
N GLU B 6 8.78 -48.85 53.50
CA GLU B 6 10.16 -48.96 53.90
C GLU B 6 10.61 -50.43 53.95
N SER B 7 11.91 -50.63 54.17
CA SER B 7 12.52 -51.96 54.30
C SER B 7 13.88 -51.83 54.96
N GLY B 8 14.28 -52.90 55.66
CA GLY B 8 15.60 -53.01 56.22
C GLY B 8 15.70 -52.70 57.70
N GLY B 9 14.57 -52.50 58.37
CA GLY B 9 14.59 -52.19 59.80
C GLY B 9 14.61 -53.46 60.62
N GLY B 10 15.35 -53.40 61.73
CA GLY B 10 15.47 -54.60 62.55
C GLY B 10 16.21 -54.31 63.83
N LEU B 11 16.41 -55.39 64.58
CA LEU B 11 17.04 -55.35 65.89
C LEU B 11 18.54 -55.55 65.72
N VAL B 12 19.34 -54.64 66.29
CA VAL B 12 20.80 -54.79 66.33
C VAL B 12 21.31 -54.23 67.67
N GLN B 13 22.48 -54.70 68.09
CA GLN B 13 23.10 -54.25 69.32
C GLN B 13 23.68 -52.85 69.14
N PRO B 14 24.04 -52.18 70.24
CA PRO B 14 24.73 -50.90 70.10
C PRO B 14 26.10 -51.08 69.46
N GLY B 15 26.44 -50.17 68.54
CA GLY B 15 27.64 -50.26 67.74
C GLY B 15 27.50 -50.99 66.41
N GLY B 16 26.28 -51.37 66.01
CA GLY B 16 26.06 -52.16 64.82
C GLY B 16 25.69 -51.35 63.58
N SER B 17 25.29 -52.07 62.54
CA SER B 17 25.03 -51.50 61.21
C SER B 17 23.80 -52.12 60.56
N LEU B 18 23.15 -51.33 59.69
CA LEU B 18 22.11 -51.83 58.79
C LEU B 18 21.62 -50.70 57.88
N ARG B 19 21.27 -51.04 56.64
CA ARG B 19 20.75 -50.08 55.68
C ARG B 19 19.24 -50.19 55.56
N LEU B 20 18.59 -49.03 55.49
CA LEU B 20 17.14 -48.93 55.42
C LEU B 20 16.76 -48.29 54.10
N SER B 21 15.64 -48.71 53.51
CA SER B 21 15.29 -48.32 52.15
C SER B 21 13.81 -47.99 52.07
N CYS B 22 13.51 -46.95 51.29
CA CYS B 22 12.18 -46.35 51.18
C CYS B 22 11.68 -46.43 49.75
N ALA B 23 10.55 -47.09 49.54
CA ALA B 23 10.01 -47.24 48.19
C ALA B 23 8.95 -46.17 47.96
N ALA B 24 9.34 -45.12 47.25
CA ALA B 24 8.44 -44.02 46.91
C ALA B 24 8.21 -44.00 45.41
N SER B 25 6.99 -43.65 45.02
CA SER B 25 6.71 -43.44 43.62
C SER B 25 7.29 -42.10 43.14
N GLY B 26 7.49 -42.00 41.82
CA GLY B 26 7.92 -40.74 41.27
C GLY B 26 6.96 -39.61 41.57
N SER B 27 5.68 -39.92 41.83
CA SER B 27 4.72 -38.91 42.23
C SER B 27 5.26 -38.13 43.43
N ILE B 28 5.79 -38.84 44.41
CA ILE B 28 6.45 -38.20 45.54
C ILE B 28 7.88 -37.79 45.20
N PHE B 29 8.59 -38.59 44.40
CA PHE B 29 10.05 -38.54 44.33
C PHE B 29 10.59 -37.53 43.31
N SER B 30 10.16 -37.65 42.03
CA SER B 30 10.81 -36.94 40.94
C SER B 30 10.86 -35.45 41.20
N GLY B 31 12.07 -34.93 41.37
CA GLY B 31 12.28 -33.50 41.58
C GLY B 31 11.95 -33.00 42.95
N ASN B 32 11.76 -33.86 43.93
CA ASN B 32 11.40 -33.46 45.27
C ASN B 32 12.45 -33.90 46.26
N VAL B 33 12.62 -33.12 47.31
CA VAL B 33 13.57 -33.43 48.36
C VAL B 33 13.00 -34.53 49.26
N MET B 34 13.86 -35.48 49.64
CA MET B 34 13.49 -36.62 50.45
C MET B 34 14.17 -36.55 51.81
N GLY B 35 13.59 -37.27 52.79
CA GLY B 35 14.08 -37.23 54.17
C GLY B 35 13.66 -38.46 54.96
N TRP B 36 14.29 -38.60 56.15
CA TRP B 36 14.08 -39.71 57.08
C TRP B 36 13.65 -39.15 58.44
N TYR B 37 12.84 -39.94 59.16
CA TYR B 37 12.23 -39.51 60.41
C TYR B 37 12.19 -40.66 61.43
N ARG B 38 12.12 -40.29 62.71
CA ARG B 38 12.11 -41.16 63.89
C ARG B 38 10.68 -41.32 64.42
N GLN B 39 10.47 -42.41 65.17
CA GLN B 39 9.27 -42.49 66.02
C GLN B 39 9.68 -43.25 67.28
N ALA B 40 10.02 -42.48 68.35
CA ALA B 40 10.34 -43.19 69.58
C ALA B 40 9.10 -43.36 70.44
N PRO B 41 9.00 -44.40 71.28
CA PRO B 41 7.88 -44.45 72.23
C PRO B 41 7.84 -43.22 73.13
N GLY B 42 6.63 -42.72 73.35
CA GLY B 42 6.41 -41.59 74.22
C GLY B 42 6.81 -40.23 73.69
N LYS B 43 7.44 -40.15 72.52
CA LYS B 43 7.84 -38.86 71.95
C LYS B 43 7.50 -38.85 70.47
N LEU B 44 7.48 -37.65 69.91
CA LEU B 44 6.97 -37.36 68.58
C LEU B 44 7.95 -37.68 67.46
N ARG B 45 7.41 -37.61 66.23
CA ARG B 45 8.19 -37.76 65.00
C ARG B 45 9.25 -36.68 64.93
N GLU B 46 10.51 -37.09 64.86
CA GLU B 46 11.66 -36.19 64.82
C GLU B 46 12.36 -36.33 63.47
N TRP B 47 12.75 -35.19 62.90
CA TRP B 47 13.45 -35.20 61.61
C TRP B 47 14.88 -35.69 61.77
N VAL B 48 15.35 -36.48 60.79
CA VAL B 48 16.68 -37.10 60.85
C VAL B 48 17.60 -36.53 59.77
N ALA B 49 17.26 -36.74 58.49
CA ALA B 49 18.13 -36.38 57.38
C ALA B 49 17.30 -35.98 56.18
N ALA B 50 17.97 -35.45 55.15
CA ALA B 50 17.32 -35.00 53.94
C ALA B 50 18.32 -34.97 52.79
N ILE B 51 17.81 -34.99 51.56
CA ILE B 51 18.64 -35.11 50.36
C ILE B 51 17.93 -34.38 49.21
N THR B 52 18.68 -33.56 48.46
CA THR B 52 18.06 -32.78 47.39
C THR B 52 18.00 -33.61 46.11
N PRO B 53 17.07 -33.30 45.22
CA PRO B 53 17.11 -33.93 43.89
C PRO B 53 18.50 -33.91 43.31
N GLN B 54 19.16 -32.76 43.41
CA GLN B 54 20.52 -32.60 42.92
C GLN B 54 21.53 -33.42 43.72
N GLY B 55 21.14 -33.85 44.94
CA GLY B 55 21.92 -34.78 45.76
C GLY B 55 22.66 -34.21 46.96
N VAL B 56 22.22 -33.08 47.49
CA VAL B 56 22.89 -32.45 48.65
C VAL B 56 22.36 -33.08 49.94
N PRO B 57 23.25 -33.64 50.79
CA PRO B 57 22.79 -34.17 52.10
C PRO B 57 22.88 -33.16 53.24
N ASN B 58 22.16 -33.41 54.32
CA ASN B 58 22.21 -32.69 55.59
C ASN B 58 21.41 -33.49 56.62
N TYR B 59 21.82 -33.40 57.89
CA TYR B 59 21.30 -34.28 58.94
C TYR B 59 20.97 -33.48 60.21
N ALA B 60 20.37 -34.16 61.18
CA ALA B 60 20.07 -33.61 62.49
C ALA B 60 21.23 -33.83 63.46
N ASP B 61 21.21 -33.07 64.57
CA ASP B 61 22.30 -33.19 65.55
C ASP B 61 22.28 -34.52 66.28
N SER B 62 21.08 -35.06 66.54
CA SER B 62 20.98 -36.36 67.20
C SER B 62 21.60 -37.47 66.36
N VAL B 63 22.04 -37.14 65.15
CA VAL B 63 22.42 -38.08 64.11
C VAL B 63 23.70 -37.60 63.43
N LYS B 64 24.13 -36.38 63.77
CA LYS B 64 25.29 -35.77 63.11
C LYS B 64 26.49 -36.69 63.18
N GLY B 65 27.12 -36.93 62.03
CA GLY B 65 28.31 -37.77 61.95
C GLY B 65 28.13 -39.27 61.81
N ARG B 66 26.91 -39.81 61.84
CA ARG B 66 26.78 -41.26 61.82
C ARG B 66 26.01 -41.82 60.63
N PHE B 67 24.91 -41.19 60.23
CA PHE B 67 24.10 -41.76 59.16
C PHE B 67 24.47 -41.12 57.82
N THR B 68 24.12 -41.80 56.73
CA THR B 68 24.36 -41.30 55.37
C THR B 68 23.14 -41.57 54.52
N ILE B 69 22.53 -40.50 54.00
CA ILE B 69 21.32 -40.60 53.19
C ILE B 69 21.72 -40.47 51.72
N SER B 70 21.00 -41.17 50.85
CA SER B 70 21.32 -41.26 49.43
C SER B 70 20.04 -41.49 48.66
N ARG B 71 20.08 -41.24 47.35
CA ARG B 71 18.90 -41.44 46.51
C ARG B 71 19.29 -42.10 45.20
N ASP B 72 18.26 -42.42 44.40
CA ASP B 72 18.43 -43.06 43.10
C ASP B 72 17.38 -42.46 42.16
N ASN B 73 17.81 -41.52 41.33
CA ASN B 73 16.91 -40.78 40.44
C ASN B 73 16.45 -41.62 39.24
N ALA B 74 17.09 -42.76 38.99
CA ALA B 74 16.62 -43.71 38.00
C ALA B 74 15.56 -44.65 38.56
N LYS B 75 15.63 -44.92 39.87
CA LYS B 75 14.82 -45.98 40.48
C LYS B 75 14.01 -45.49 41.67
N ASN B 76 13.84 -44.17 41.81
CA ASN B 76 13.02 -43.54 42.86
C ASN B 76 13.19 -44.22 44.23
N MET B 77 14.45 -44.35 44.64
CA MET B 77 14.77 -45.09 45.86
C MET B 77 15.51 -44.19 46.83
N LEU B 78 15.22 -44.34 48.12
CA LEU B 78 15.94 -43.65 49.18
C LEU B 78 16.70 -44.67 50.01
N TYR B 79 17.90 -44.29 50.42
CA TYR B 79 18.79 -45.18 51.13
C TYR B 79 19.37 -44.46 52.34
N LEU B 80 19.44 -45.18 53.45
CA LEU B 80 20.02 -44.69 54.68
C LEU B 80 20.87 -45.79 55.29
N GLN B 81 22.15 -45.52 55.53
CA GLN B 81 23.03 -46.45 56.22
C GLN B 81 23.19 -45.98 57.66
N MET B 82 22.96 -46.88 58.60
CA MET B 82 23.09 -46.59 60.03
C MET B 82 24.19 -47.43 60.66
N SER B 83 25.17 -46.77 61.30
CA SER B 83 26.16 -47.43 62.15
C SER B 83 26.32 -46.61 63.44
N SER B 84 26.97 -47.21 64.44
CA SER B 84 27.22 -46.57 65.74
C SER B 84 25.89 -46.25 66.43
N LEU B 85 25.20 -47.33 66.77
CA LEU B 85 23.86 -47.26 67.31
C LEU B 85 23.85 -47.02 68.82
N LYS B 86 22.76 -46.44 69.28
CA LYS B 86 22.58 -45.97 70.65
C LYS B 86 21.18 -46.32 71.12
N PRO B 87 20.93 -46.28 72.43
CA PRO B 87 19.56 -46.38 72.91
C PRO B 87 18.58 -45.43 72.24
N GLU B 88 19.06 -44.27 71.75
CA GLU B 88 18.20 -43.22 71.20
C GLU B 88 17.67 -43.52 69.80
N ASP B 89 18.25 -44.50 69.11
CA ASP B 89 17.77 -44.96 67.81
C ASP B 89 16.63 -45.96 67.91
N THR B 90 16.22 -46.35 69.12
CA THR B 90 15.02 -47.19 69.21
C THR B 90 13.83 -46.41 68.70
N ALA B 91 13.32 -46.79 67.53
CA ALA B 91 12.25 -46.03 66.89
C ALA B 91 11.76 -46.74 65.64
N LEU B 92 10.58 -46.33 65.19
CA LEU B 92 10.11 -46.62 63.84
C LEU B 92 10.62 -45.54 62.90
N TYR B 93 11.29 -45.94 61.81
CA TYR B 93 11.87 -45.01 60.86
C TYR B 93 11.00 -44.90 59.61
N TYR B 94 10.65 -43.66 59.25
CA TYR B 94 9.82 -43.35 58.09
C TYR B 94 10.50 -42.32 57.20
N CYS B 95 10.15 -42.36 55.91
CA CYS B 95 10.57 -41.39 54.92
C CYS B 95 9.38 -40.59 54.41
N ASN B 96 9.67 -39.41 53.91
CA ASN B 96 8.63 -38.57 53.30
C ASN B 96 9.32 -37.50 52.46
N ARG B 97 8.53 -36.86 51.61
CA ARG B 97 9.00 -35.69 50.90
C ARG B 97 8.96 -34.47 51.81
N LEU B 98 9.63 -33.40 51.38
CA LEU B 98 9.60 -32.17 52.15
C LEU B 98 9.12 -31.04 51.25
N PRO B 99 8.04 -30.34 51.61
CA PRO B 99 7.13 -30.56 52.75
C PRO B 99 6.22 -31.80 52.59
N ASN B 100 5.75 -32.34 53.71
CA ASN B 100 5.17 -33.68 53.78
C ASN B 100 3.86 -33.84 53.01
N TYR B 101 3.66 -35.05 52.48
CA TYR B 101 2.35 -35.51 52.03
C TYR B 101 1.52 -35.92 53.26
N ARG B 102 0.19 -35.79 53.14
CA ARG B 102 -0.69 -35.80 54.33
C ARG B 102 -0.78 -37.19 54.99
N SER B 103 -0.88 -38.26 54.20
CA SER B 103 -0.92 -39.62 54.73
C SER B 103 0.46 -40.25 54.60
N TRP B 104 0.91 -40.94 55.67
CA TRP B 104 2.24 -41.52 55.75
C TRP B 104 2.25 -43.01 55.43
N GLY B 105 3.46 -43.54 55.24
CA GLY B 105 3.67 -44.96 55.08
C GLY B 105 3.60 -45.70 56.41
N GLN B 106 3.91 -47.00 56.36
CA GLN B 106 3.85 -47.87 57.54
C GLN B 106 5.18 -48.01 58.27
N GLY B 107 6.33 -47.93 57.60
CA GLY B 107 7.60 -47.87 58.30
C GLY B 107 8.33 -49.21 58.40
N THR B 108 9.34 -49.22 59.27
CA THR B 108 10.05 -50.43 59.68
C THR B 108 10.70 -50.17 61.05
N GLN B 109 10.70 -51.19 61.90
CA GLN B 109 11.11 -51.04 63.30
C GLN B 109 12.61 -51.26 63.45
N VAL B 110 13.30 -50.23 63.96
CA VAL B 110 14.71 -50.32 64.36
C VAL B 110 14.80 -49.96 65.83
N THR B 111 15.26 -50.89 66.66
CA THR B 111 15.52 -50.63 68.07
C THR B 111 16.90 -51.15 68.45
N VAL B 112 17.54 -50.44 69.37
CA VAL B 112 18.89 -50.74 69.82
C VAL B 112 18.93 -50.82 71.35
N GLN C 1 0.67 21.39 4.20
CA GLN C 1 0.94 22.61 3.46
C GLN C 1 1.90 23.54 4.24
N VAL C 2 3.19 23.19 4.17
CA VAL C 2 4.21 24.00 4.82
C VAL C 2 4.32 25.34 4.11
N GLN C 3 4.50 26.42 4.89
CA GLN C 3 4.55 27.77 4.32
C GLN C 3 5.45 28.71 5.11
N LEU C 4 6.30 29.42 4.35
CA LEU C 4 7.30 30.34 4.86
C LEU C 4 7.16 31.67 4.13
N VAL C 5 6.72 32.72 4.82
CA VAL C 5 6.55 34.02 4.19
C VAL C 5 7.58 35.01 4.75
N GLN C 6 8.22 35.78 3.86
CA GLN C 6 9.38 36.57 4.24
C GLN C 6 9.04 38.06 4.16
N SER C 7 9.68 38.85 5.03
CA SER C 7 9.43 40.29 5.05
C SER C 7 10.73 41.03 5.38
N GLY C 8 10.67 42.36 5.32
CA GLY C 8 11.83 43.18 5.52
C GLY C 8 12.72 43.15 4.29
N GLY C 9 14.03 43.18 4.49
CA GLY C 9 14.93 43.39 3.37
C GLY C 9 14.97 44.87 3.04
N GLY C 10 15.36 45.17 1.79
CA GLY C 10 15.44 46.56 1.37
C GLY C 10 16.87 46.98 1.01
N ILE C 11 17.09 48.30 1.08
CA ILE C 11 18.28 48.98 0.57
C ILE C 11 19.15 49.43 1.74
N GLY C 12 20.34 48.86 1.86
CA GLY C 12 21.26 49.23 2.92
C GLY C 12 22.41 50.03 2.36
N GLN C 13 23.21 50.58 3.25
CA GLN C 13 24.44 51.26 2.90
C GLN C 13 25.65 50.44 3.35
N PRO C 14 26.84 50.76 2.85
CA PRO C 14 28.06 50.11 3.35
C PRO C 14 28.24 50.38 4.84
N GLY C 15 28.25 49.30 5.62
CA GLY C 15 28.18 49.49 7.05
C GLY C 15 26.74 49.74 7.42
N GLY C 16 26.33 49.70 8.66
CA GLY C 16 24.92 49.77 8.96
C GLY C 16 24.21 48.44 8.73
N SER C 17 22.87 48.46 8.78
CA SER C 17 22.18 47.19 8.92
C SER C 17 20.76 47.15 8.37
N LEU C 18 20.37 45.93 7.98
CA LEU C 18 19.04 45.47 7.57
C LEU C 18 18.58 44.29 8.44
N ARG C 19 17.34 43.84 8.20
CA ARG C 19 16.75 42.72 8.92
C ARG C 19 15.82 41.92 8.03
N LEU C 20 15.82 40.60 8.22
CA LEU C 20 14.98 39.68 7.46
C LEU C 20 14.08 38.89 8.41
N ALA C 21 12.80 38.80 8.04
CA ALA C 21 11.79 38.10 8.81
C ALA C 21 11.28 36.94 7.97
N CYS C 22 10.98 35.82 8.64
CA CYS C 22 10.49 34.58 8.02
C CYS C 22 9.43 34.00 8.95
N GLU C 23 8.16 34.03 8.56
CA GLU C 23 7.09 33.57 9.43
C GLU C 23 6.56 32.24 8.95
N ALA C 24 6.70 31.21 9.78
CA ALA C 24 6.35 29.85 9.41
C ALA C 24 4.91 29.56 9.79
N SER C 25 4.28 28.66 9.05
CA SER C 25 2.95 28.21 9.39
C SER C 25 2.69 26.85 8.75
N GLY C 26 1.88 26.04 9.44
CA GLY C 26 1.53 24.72 8.93
C GLY C 26 2.54 23.63 9.27
N PHE C 27 3.41 23.86 10.26
CA PHE C 27 4.17 22.76 10.84
C PHE C 27 4.55 23.11 12.27
N THR C 28 5.00 22.12 13.02
CA THR C 28 5.44 22.36 14.39
C THR C 28 6.83 22.97 14.32
N PHE C 29 6.88 24.29 14.43
CA PHE C 29 8.10 25.04 14.12
C PHE C 29 9.24 24.62 15.03
N ASN C 30 8.98 24.46 16.33
CA ASN C 30 10.08 24.15 17.24
C ASN C 30 10.64 22.64 17.10
N LEU C 31 10.28 21.83 16.10
CA LEU C 31 10.92 20.54 15.90
C LEU C 31 11.86 20.52 14.69
N PHE C 32 11.82 21.53 13.83
CA PHE C 32 12.61 21.53 12.61
C PHE C 32 13.75 22.56 12.68
N GLU C 33 14.85 22.21 12.03
CA GLU C 33 15.99 23.10 11.84
C GLU C 33 15.76 24.00 10.63
N MET C 34 16.28 25.21 10.73
CA MET C 34 16.07 26.23 9.71
C MET C 34 17.41 26.75 9.20
N ALA C 35 17.41 27.27 7.97
CA ALA C 35 18.62 27.81 7.36
C ALA C 35 18.33 29.03 6.50
N TRP C 36 19.24 30.01 6.55
CA TRP C 36 19.20 31.17 5.64
C TRP C 36 20.13 30.90 4.46
N VAL C 37 19.61 31.03 3.25
CA VAL C 37 20.40 30.93 2.02
C VAL C 37 20.29 32.23 1.23
N ARG C 38 21.37 32.63 0.57
CA ARG C 38 21.39 33.85 -0.25
C ARG C 38 21.95 33.51 -1.63
N GLN C 39 21.57 34.32 -2.62
CA GLN C 39 21.94 34.07 -4.02
C GLN C 39 22.35 35.38 -4.67
N ALA C 40 23.64 35.59 -4.92
CA ALA C 40 24.00 36.85 -5.57
C ALA C 40 23.45 36.86 -7.00
N PRO C 41 23.24 38.08 -7.59
CA PRO C 41 22.65 38.19 -8.94
C PRO C 41 22.94 37.08 -9.93
N GLY C 42 24.15 36.95 -10.43
CA GLY C 42 24.24 35.91 -11.43
C GLY C 42 24.63 34.56 -10.90
N GLN C 43 24.76 34.45 -9.59
CA GLN C 43 25.60 33.44 -8.99
C GLN C 43 24.75 32.22 -8.57
N SER C 44 25.34 31.38 -7.74
CA SER C 44 24.73 30.19 -7.20
C SER C 44 24.20 30.44 -5.79
N LEU C 45 23.77 29.37 -5.12
CA LEU C 45 23.19 29.41 -3.79
C LEU C 45 24.26 29.21 -2.72
N GLU C 46 24.29 30.10 -1.73
CA GLU C 46 25.25 30.05 -0.65
C GLU C 46 24.50 29.89 0.67
N VAL C 47 24.84 28.86 1.42
CA VAL C 47 24.25 28.69 2.75
C VAL C 47 24.97 29.64 3.69
N ILE C 48 24.21 30.54 4.30
CA ILE C 48 24.75 31.56 5.17
C ILE C 48 24.73 31.11 6.62
N SER C 49 23.60 30.60 7.08
CA SER C 49 23.42 30.33 8.50
C SER C 49 22.43 29.18 8.72
N TYR C 50 22.69 28.43 9.78
CA TYR C 50 21.86 27.33 10.25
C TYR C 50 21.53 27.56 11.71
N ILE C 51 20.29 27.29 12.10
CA ILE C 51 19.90 27.36 13.52
C ILE C 51 19.11 26.10 13.88
N GLY C 52 19.40 25.54 15.04
CA GLY C 52 18.73 24.35 15.52
C GLY C 52 17.28 24.56 15.91
N SER C 53 16.64 23.42 16.28
CA SER C 53 15.26 23.42 16.77
C SER C 53 15.06 24.36 17.93
N SER C 54 15.84 24.16 18.99
CA SER C 54 15.67 24.98 20.18
C SER C 54 16.03 26.44 19.92
N GLY C 55 16.86 26.68 18.91
CA GLY C 55 17.40 28.01 18.65
C GLY C 55 18.62 28.35 19.48
N SER C 56 19.17 27.37 20.22
CA SER C 56 20.34 27.58 21.05
C SER C 56 21.64 27.18 20.35
N THR C 57 21.55 26.59 19.16
CA THR C 57 22.70 26.09 18.39
C THR C 57 22.81 26.87 17.10
N THR C 58 24.02 27.34 16.79
CA THR C 58 24.13 28.30 15.71
C THR C 58 25.44 28.15 14.94
N ARG C 59 25.34 28.09 13.61
CA ARG C 59 26.45 27.90 12.68
C ARG C 59 26.40 28.93 11.56
N TYR C 60 27.58 29.43 11.15
CA TYR C 60 27.67 30.47 10.11
C TYR C 60 28.74 30.10 9.08
N ALA C 61 28.52 30.55 7.85
CA ALA C 61 29.57 30.51 6.84
C ALA C 61 30.65 31.55 7.13
N ASP C 62 31.90 31.21 6.80
CA ASP C 62 33.01 32.15 6.99
C ASP C 62 32.70 33.51 6.38
N SER C 63 32.05 33.52 5.21
CA SER C 63 31.76 34.77 4.51
C SER C 63 30.94 35.75 5.34
N VAL C 64 30.41 35.33 6.48
CA VAL C 64 29.44 36.17 7.14
C VAL C 64 29.52 36.02 8.67
N LYS C 65 30.36 35.08 9.13
CA LYS C 65 30.39 34.66 10.52
C LYS C 65 30.23 35.82 11.50
N GLY C 66 31.17 36.73 11.54
CA GLY C 66 31.04 37.64 12.65
C GLY C 66 30.15 38.83 12.38
N ARG C 67 29.34 38.79 11.32
CA ARG C 67 28.71 39.99 10.79
C ARG C 67 27.18 39.96 10.82
N PHE C 68 26.54 38.77 10.76
CA PHE C 68 25.10 38.61 10.88
C PHE C 68 24.75 37.82 12.13
N ILE C 69 23.46 37.84 12.50
CA ILE C 69 22.93 37.12 13.66
C ILE C 69 21.62 36.45 13.26
N VAL C 70 21.59 35.12 13.31
CA VAL C 70 20.38 34.32 13.15
C VAL C 70 19.71 34.19 14.52
N SER C 71 18.38 34.20 14.52
CA SER C 71 17.63 33.95 15.75
C SER C 71 16.28 33.40 15.34
N ARG C 72 15.63 32.68 16.25
CA ARG C 72 14.27 32.22 16.02
C ARG C 72 13.41 32.57 17.23
N ASP C 73 12.10 32.66 17.00
CA ASP C 73 11.09 32.91 18.03
C ASP C 73 10.03 31.82 17.95
N ASN C 74 10.21 30.76 18.74
CA ASN C 74 9.37 29.58 18.60
C ASN C 74 7.93 29.80 19.08
N ASP C 75 7.62 30.86 19.81
CA ASP C 75 6.21 31.07 20.17
C ASP C 75 5.36 31.59 19.01
N LYS C 76 5.84 32.58 18.25
CA LYS C 76 5.12 33.07 17.07
C LYS C 76 5.60 32.40 15.79
N GLU C 77 6.43 31.38 15.91
CA GLU C 77 6.90 30.62 14.74
C GLU C 77 7.47 31.57 13.68
N SER C 78 8.59 32.17 14.06
CA SER C 78 9.23 33.19 13.25
C SER C 78 10.74 33.01 13.31
N MET C 79 11.40 33.26 12.19
CA MET C 79 12.85 33.27 12.12
C MET C 79 13.35 34.61 11.56
N PHE C 80 14.47 35.08 12.10
CA PHE C 80 14.93 36.44 11.90
C PHE C 80 16.40 36.41 11.48
N LEU C 81 16.79 37.36 10.63
CA LEU C 81 18.19 37.51 10.26
C LEU C 81 18.61 38.98 10.40
N GLN C 82 19.52 39.23 11.33
CA GLN C 82 20.00 40.56 11.65
C GLN C 82 21.33 40.78 10.94
N LEU C 83 21.30 41.57 9.87
CA LEU C 83 22.47 41.84 9.03
C LEU C 83 23.10 43.15 9.47
N ASN C 84 24.08 43.10 10.35
CA ASN C 84 24.81 44.30 10.73
C ASN C 84 26.09 44.42 9.89
N SER C 85 26.70 45.62 9.91
CA SER C 85 28.06 45.81 9.38
C SER C 85 28.15 45.56 7.85
N LEU C 86 27.15 46.02 7.10
CA LEU C 86 26.92 45.54 5.73
C LEU C 86 28.00 45.93 4.71
N ARG C 87 28.10 45.08 3.66
CA ARG C 87 29.08 45.17 2.58
C ARG C 87 28.38 45.00 1.23
N VAL C 88 29.01 45.53 0.16
CA VAL C 88 28.38 45.50 -1.16
C VAL C 88 28.15 44.06 -1.64
N ASP C 89 29.12 43.17 -1.42
CA ASP C 89 28.90 41.82 -1.93
C ASP C 89 27.86 40.97 -1.12
N ASP C 90 27.13 41.56 -0.18
CA ASP C 90 25.94 40.93 0.38
C ASP C 90 24.69 41.24 -0.42
N THR C 91 24.84 41.72 -1.64
CA THR C 91 23.69 42.05 -2.45
C THR C 91 23.23 40.76 -3.11
N ALA C 92 22.02 40.33 -2.76
CA ALA C 92 21.52 39.04 -3.21
C ALA C 92 20.04 38.95 -2.84
N THR C 93 19.40 37.90 -3.37
CA THR C 93 18.15 37.43 -2.79
C THR C 93 18.48 36.59 -1.56
N TYR C 94 17.70 36.77 -0.51
CA TYR C 94 17.86 36.04 0.74
C TYR C 94 16.66 35.12 0.96
N PHE C 95 16.94 33.84 1.24
CA PHE C 95 15.94 32.79 1.39
C PHE C 95 16.02 32.16 2.78
N CYS C 96 14.89 32.08 3.47
CA CYS C 96 14.81 31.18 4.63
C CYS C 96 14.25 29.85 4.14
N ALA C 97 14.88 28.75 4.57
CA ALA C 97 14.43 27.43 4.16
C ALA C 97 14.37 26.48 5.35
N ARG C 98 13.38 25.59 5.34
CA ARG C 98 13.22 24.56 6.37
C ARG C 98 14.09 23.36 6.04
N LEU C 99 15.00 23.02 6.93
CA LEU C 99 15.76 21.78 6.83
C LEU C 99 14.97 20.64 7.49
N ASN C 100 14.76 19.54 6.76
CA ASN C 100 13.90 18.46 7.25
C ASN C 100 14.74 17.26 7.73
N GLY C 101 15.19 17.34 8.98
CA GLY C 101 15.99 16.28 9.60
C GLY C 101 15.20 15.03 9.98
N TRP C 102 13.88 15.12 10.00
CA TRP C 102 13.06 13.95 10.29
C TRP C 102 13.10 12.96 9.14
N ALA C 103 12.94 13.45 7.90
CA ALA C 103 13.03 12.63 6.70
C ALA C 103 14.46 12.43 6.23
N GLY C 104 15.39 13.28 6.66
CA GLY C 104 16.71 13.34 6.07
C GLY C 104 16.69 13.94 4.67
N SER C 105 15.70 14.79 4.39
CA SER C 105 15.40 15.22 3.02
C SER C 105 15.74 16.67 2.73
N GLY C 106 16.92 17.13 3.15
CA GLY C 106 17.46 18.42 2.69
C GLY C 106 16.56 19.61 2.99
N LEU C 107 16.57 20.59 2.07
CA LEU C 107 15.81 21.83 2.26
C LEU C 107 14.41 21.65 1.70
N ASP C 108 13.56 21.09 2.56
CA ASP C 108 12.20 20.65 2.23
C ASP C 108 11.40 21.76 1.54
N HIS C 109 11.45 22.99 2.06
CA HIS C 109 10.54 24.07 1.70
C HIS C 109 11.27 25.40 1.90
N TRP C 110 11.00 26.37 0.99
CA TRP C 110 11.71 27.63 0.96
C TRP C 110 10.72 28.79 0.98
N GLY C 111 11.14 29.92 1.54
CA GLY C 111 10.39 31.14 1.40
C GLY C 111 10.46 31.68 -0.03
N GLN C 112 9.79 32.81 -0.26
CA GLN C 112 9.78 33.38 -1.61
C GLN C 112 11.01 34.22 -1.93
N GLY C 113 11.85 34.53 -0.95
CA GLY C 113 12.95 35.44 -1.09
C GLY C 113 12.54 36.85 -0.74
N THR C 114 13.51 37.63 -0.25
CA THR C 114 13.36 39.07 -0.11
C THR C 114 14.65 39.72 -0.54
N LEU C 115 14.52 40.89 -1.20
CA LEU C 115 15.63 41.53 -1.88
C LEU C 115 16.50 42.34 -0.93
N VAL C 116 17.81 42.17 -1.05
CA VAL C 116 18.78 42.96 -0.31
C VAL C 116 19.76 43.57 -1.30
N ALA C 117 20.03 44.85 -1.16
CA ALA C 117 21.05 45.51 -1.98
C ALA C 117 21.62 46.65 -1.16
N VAL C 118 22.94 46.75 -1.13
CA VAL C 118 23.61 47.81 -0.39
C VAL C 118 24.47 48.62 -1.35
N SER C 119 24.37 49.95 -1.26
CA SER C 119 25.01 50.89 -2.17
C SER C 119 25.11 52.24 -1.50
N SER C 120 26.19 52.98 -1.81
CA SER C 120 26.28 54.36 -1.33
C SER C 120 25.27 55.26 -2.01
N ALA C 121 24.63 54.80 -3.08
CA ALA C 121 23.70 55.60 -3.86
C ALA C 121 22.53 56.11 -3.03
N SER C 122 21.87 57.13 -3.55
CA SER C 122 20.63 57.62 -3.00
C SER C 122 19.61 57.75 -4.13
N THR C 123 18.35 57.44 -3.80
CA THR C 123 17.25 57.36 -4.77
C THR C 123 17.23 58.50 -5.80
N LYS C 124 17.60 58.19 -7.05
CA LYS C 124 17.51 59.11 -8.17
C LYS C 124 16.59 58.51 -9.24
N GLY C 125 15.74 59.35 -9.82
CA GLY C 125 14.87 58.92 -10.89
C GLY C 125 15.64 58.77 -12.19
N PRO C 126 15.14 57.94 -13.10
CA PRO C 126 15.87 57.69 -14.36
C PRO C 126 15.84 58.91 -15.27
N SER C 127 16.78 58.88 -16.22
CA SER C 127 16.82 59.84 -17.33
C SER C 127 16.64 59.04 -18.61
N VAL C 128 15.47 59.16 -19.26
CA VAL C 128 15.15 58.37 -20.45
C VAL C 128 15.56 59.13 -21.71
N PHE C 129 16.29 58.44 -22.61
CA PHE C 129 16.81 59.04 -23.82
C PHE C 129 16.32 58.31 -25.07
N PRO C 130 15.91 59.03 -26.11
CA PRO C 130 15.38 58.35 -27.32
C PRO C 130 16.45 57.57 -28.06
N LEU C 131 16.04 56.41 -28.58
CA LEU C 131 16.86 55.62 -29.50
C LEU C 131 16.18 55.60 -30.85
N ALA C 132 16.41 56.67 -31.63
CA ALA C 132 15.72 56.77 -32.89
C ALA C 132 16.43 55.92 -33.92
N PRO C 133 15.73 55.41 -34.92
CA PRO C 133 16.41 54.65 -35.97
C PRO C 133 16.73 55.50 -37.19
N SER C 134 17.65 54.99 -37.99
CA SER C 134 18.11 55.63 -39.22
C SER C 134 17.76 54.74 -40.41
N SER C 135 18.00 55.27 -41.61
CA SER C 135 17.59 54.56 -42.81
C SER C 135 18.65 53.57 -43.28
N THR C 142 12.68 45.34 -41.82
CA THR C 142 12.01 46.15 -40.80
C THR C 142 13.07 46.81 -39.92
N ALA C 143 12.71 47.92 -39.26
CA ALA C 143 13.66 48.70 -38.49
C ALA C 143 13.25 48.71 -37.01
N ALA C 144 14.14 49.23 -36.17
CA ALA C 144 13.98 49.09 -34.72
C ALA C 144 14.36 50.38 -33.99
N LEU C 145 13.64 50.65 -32.90
CA LEU C 145 13.90 51.82 -32.05
C LEU C 145 13.65 51.42 -30.59
N GLY C 146 13.76 52.39 -29.68
CA GLY C 146 13.45 52.13 -28.30
C GLY C 146 13.89 53.26 -27.39
N CYS C 147 13.92 52.95 -26.10
CA CYS C 147 14.34 53.92 -25.08
C CYS C 147 15.53 53.43 -24.27
N LEU C 148 16.17 54.39 -23.60
CA LEU C 148 17.31 54.14 -22.73
C LEU C 148 17.10 54.87 -21.42
N VAL C 149 16.78 54.12 -20.37
CA VAL C 149 16.67 54.64 -19.02
C VAL C 149 18.03 54.45 -18.35
N LYS C 150 18.64 55.56 -17.94
CA LYS C 150 20.04 55.57 -17.53
C LYS C 150 20.21 56.33 -16.22
N ASP C 151 21.15 55.82 -15.41
CA ASP C 151 21.50 56.40 -14.11
C ASP C 151 20.29 56.49 -13.20
N TYR C 152 19.87 55.33 -12.67
CA TYR C 152 18.89 55.33 -11.60
C TYR C 152 19.35 54.38 -10.49
N PHE C 153 18.70 54.48 -9.33
CA PHE C 153 19.07 53.65 -8.17
C PHE C 153 17.94 52.86 -7.49
N PRO C 154 16.70 53.41 -7.39
CA PRO C 154 15.57 52.58 -6.94
C PRO C 154 15.71 51.08 -7.19
N GLU C 155 15.83 50.71 -8.48
CA GLU C 155 15.95 49.40 -9.15
C GLU C 155 14.71 49.08 -9.99
N PRO C 156 13.50 48.94 -9.40
CA PRO C 156 12.32 48.62 -10.23
C PRO C 156 11.95 49.73 -11.18
N VAL C 157 11.98 49.45 -12.48
CA VAL C 157 11.55 50.38 -13.51
C VAL C 157 10.57 49.68 -14.41
N THR C 158 9.66 50.45 -15.00
CA THR C 158 8.56 49.89 -15.78
C THR C 158 8.67 50.25 -17.25
N VAL C 159 8.52 49.24 -18.11
CA VAL C 159 8.39 49.54 -19.53
C VAL C 159 7.05 50.21 -19.69
N SER C 160 7.06 51.41 -20.24
CA SER C 160 5.85 52.21 -20.33
C SER C 160 5.52 52.73 -21.71
N TRP C 161 6.38 52.54 -22.72
CA TRP C 161 6.19 53.30 -23.95
C TRP C 161 5.15 52.88 -24.95
N ASN C 162 4.13 52.15 -24.54
CA ASN C 162 3.12 51.79 -25.53
C ASN C 162 1.74 51.84 -24.90
N SER C 163 1.68 51.71 -23.58
CA SER C 163 0.44 51.74 -22.81
C SER C 163 -0.47 50.54 -23.08
N GLY C 164 0.09 49.45 -23.61
CA GLY C 164 -0.71 48.29 -23.93
C GLY C 164 -0.97 48.07 -25.42
N ALA C 165 -0.35 48.86 -26.29
CA ALA C 165 -0.54 48.72 -27.72
C ALA C 165 0.30 47.61 -28.32
N LEU C 166 1.61 47.84 -28.48
CA LEU C 166 2.50 46.89 -29.13
C LEU C 166 3.28 46.09 -28.09
N THR C 167 3.14 44.76 -28.13
CA THR C 167 3.85 43.91 -27.19
C THR C 167 4.77 42.85 -27.81
N SER C 168 4.50 42.44 -29.05
CA SER C 168 5.24 41.33 -29.66
C SER C 168 6.61 41.74 -30.20
N GLY C 169 6.97 43.01 -30.18
CA GLY C 169 8.27 43.41 -30.66
C GLY C 169 9.15 44.11 -29.64
N VAL C 170 8.72 44.16 -28.39
CA VAL C 170 9.45 44.87 -27.36
C VAL C 170 10.46 43.94 -26.67
N HIS C 171 11.65 44.47 -26.39
CA HIS C 171 12.65 43.79 -25.55
C HIS C 171 13.22 44.79 -24.56
N THR C 172 12.98 44.55 -23.28
CA THR C 172 13.55 45.34 -22.19
C THR C 172 14.71 44.58 -21.56
N PHE C 173 15.80 45.25 -21.41
CA PHE C 173 16.94 44.44 -21.04
C PHE C 173 17.16 44.49 -19.53
N PRO C 174 17.59 43.37 -18.92
CA PRO C 174 17.98 43.38 -17.51
C PRO C 174 18.89 44.54 -17.15
N ALA C 175 18.48 45.35 -16.19
CA ALA C 175 19.31 46.44 -15.72
C ALA C 175 20.72 45.95 -15.43
N VAL C 176 21.68 46.87 -15.56
CA VAL C 176 23.08 46.58 -15.33
C VAL C 176 23.60 47.62 -14.36
N LEU C 177 24.43 47.18 -13.41
CA LEU C 177 25.01 48.09 -12.42
C LEU C 177 26.26 48.75 -12.99
N GLN C 178 26.19 50.06 -13.17
CA GLN C 178 27.33 50.79 -13.71
C GLN C 178 28.31 51.07 -12.56
N SER C 179 29.56 51.32 -12.94
CA SER C 179 30.62 51.67 -12.00
C SER C 179 30.22 52.80 -11.05
N SER C 180 29.25 53.63 -11.44
CA SER C 180 28.80 54.76 -10.64
C SER C 180 27.92 54.36 -9.46
N GLY C 181 27.52 53.09 -9.37
CA GLY C 181 26.50 52.75 -8.40
C GLY C 181 25.10 53.04 -8.86
N LEU C 182 24.90 53.29 -10.17
CA LEU C 182 23.58 53.56 -10.69
C LEU C 182 23.24 52.50 -11.74
N TYR C 183 21.95 52.31 -11.98
CA TYR C 183 21.47 51.26 -12.89
C TYR C 183 21.13 51.81 -14.26
N SER C 184 21.46 51.05 -15.29
CA SER C 184 21.15 51.40 -16.67
C SER C 184 20.44 50.25 -17.37
N LEU C 185 19.57 50.61 -18.30
CA LEU C 185 18.71 49.64 -18.96
C LEU C 185 18.27 50.23 -20.29
N SER C 186 18.10 49.35 -21.27
CA SER C 186 17.61 49.74 -22.58
C SER C 186 16.41 48.89 -22.94
N SER C 187 15.48 49.47 -23.69
CA SER C 187 14.29 48.75 -24.16
C SER C 187 14.11 49.03 -25.64
N VAL C 188 14.12 47.99 -26.46
CA VAL C 188 14.10 48.12 -27.93
C VAL C 188 12.79 47.53 -28.47
N VAL C 189 12.39 48.00 -29.67
CA VAL C 189 11.18 47.55 -30.33
C VAL C 189 11.42 47.32 -31.82
N THR C 190 10.70 46.35 -32.38
CA THR C 190 10.69 46.07 -33.82
C THR C 190 9.31 46.54 -34.30
N VAL C 191 9.31 47.61 -35.10
CA VAL C 191 8.15 48.43 -35.46
C VAL C 191 8.06 48.28 -36.98
N PRO C 192 7.30 49.07 -37.84
CA PRO C 192 7.41 48.67 -39.26
C PRO C 192 8.68 49.22 -39.88
N SER C 193 8.59 49.70 -41.11
CA SER C 193 9.70 50.39 -41.74
C SER C 193 9.39 51.86 -41.95
N SER C 194 8.14 52.27 -41.77
CA SER C 194 7.73 53.67 -41.92
C SER C 194 6.74 54.06 -40.82
N SER C 195 6.98 55.21 -40.18
CA SER C 195 6.05 55.70 -39.17
C SER C 195 6.13 57.22 -39.06
N ASP D 1 36.81 22.59 3.18
CA ASP D 1 35.42 22.57 2.74
C ASP D 1 35.21 21.59 1.59
N ILE D 2 33.96 21.19 1.37
CA ILE D 2 33.58 20.29 0.29
C ILE D 2 32.97 21.12 -0.83
N GLN D 3 33.53 20.98 -2.03
CA GLN D 3 33.11 21.76 -3.18
C GLN D 3 32.46 20.84 -4.21
N MET D 4 31.20 21.12 -4.56
CA MET D 4 30.49 20.34 -5.56
C MET D 4 30.66 20.98 -6.93
N THR D 5 30.95 20.17 -7.94
CA THR D 5 31.24 20.66 -9.27
C THR D 5 30.33 19.97 -10.28
N GLN D 6 29.42 20.73 -10.88
CA GLN D 6 28.44 20.19 -11.81
C GLN D 6 28.93 20.26 -13.26
N SER D 7 28.31 19.43 -14.08
CA SER D 7 28.78 19.27 -15.43
C SER D 7 27.62 18.76 -16.25
N PRO D 8 27.22 19.48 -17.32
CA PRO D 8 27.80 20.75 -17.73
C PRO D 8 27.21 21.96 -16.99
N SER D 9 27.68 23.17 -17.31
CA SER D 9 27.12 24.37 -16.70
C SER D 9 25.88 24.82 -17.43
N SER D 10 25.73 24.38 -18.66
CA SER D 10 24.63 24.83 -19.48
C SER D 10 24.31 23.72 -20.48
N LEU D 11 23.09 23.73 -20.99
CA LEU D 11 22.66 22.65 -21.85
C LEU D 11 21.44 23.10 -22.63
N SER D 12 21.45 22.80 -23.91
CA SER D 12 20.31 23.05 -24.77
C SER D 12 19.64 21.72 -25.04
N ALA D 13 18.34 21.67 -24.79
CA ALA D 13 17.63 20.42 -24.73
C ALA D 13 16.34 20.59 -25.52
N SER D 14 15.62 19.48 -25.61
CA SER D 14 14.43 19.40 -26.42
C SER D 14 13.38 18.63 -25.62
N VAL D 15 12.12 19.00 -25.82
CA VAL D 15 11.00 18.30 -25.20
C VAL D 15 10.97 16.85 -25.69
N GLY D 16 10.88 15.90 -24.76
CA GLY D 16 10.90 14.48 -25.09
C GLY D 16 12.26 13.79 -25.06
N ASP D 17 13.33 14.50 -24.68
CA ASP D 17 14.72 14.03 -24.57
C ASP D 17 15.05 13.46 -23.21
N ARG D 18 16.17 12.73 -23.17
CA ARG D 18 16.72 12.27 -21.89
C ARG D 18 17.96 13.09 -21.56
N VAL D 19 17.84 13.90 -20.50
CA VAL D 19 18.85 14.86 -20.08
C VAL D 19 19.58 14.32 -18.86
N THR D 20 20.88 14.55 -18.81
CA THR D 20 21.74 14.04 -17.76
C THR D 20 22.68 15.13 -17.30
N ILE D 21 22.59 15.49 -16.03
CA ILE D 21 23.47 16.41 -15.35
C ILE D 21 24.26 15.58 -14.36
N THR D 22 25.59 15.67 -14.42
CA THR D 22 26.41 14.99 -13.44
C THR D 22 26.87 16.01 -12.40
N CYS D 23 27.37 15.49 -11.27
CA CYS D 23 27.78 16.32 -10.14
C CYS D 23 28.89 15.56 -9.44
N ARG D 24 29.91 16.27 -9.00
CA ARG D 24 31.08 15.62 -8.42
C ARG D 24 31.46 16.29 -7.11
N ALA D 25 31.88 15.46 -6.16
CA ALA D 25 32.33 15.93 -4.85
C ALA D 25 33.84 15.85 -4.76
N SER D 26 34.44 16.82 -4.07
CA SER D 26 35.88 16.79 -3.81
C SER D 26 36.25 15.63 -2.90
N GLN D 27 35.52 15.46 -1.80
CA GLN D 27 35.69 14.33 -0.89
C GLN D 27 34.60 13.29 -1.08
N SER D 28 34.72 12.19 -0.34
CA SER D 28 33.62 11.24 -0.28
C SER D 28 32.52 11.87 0.56
N ILE D 29 31.30 11.85 0.05
CA ILE D 29 30.13 12.34 0.78
C ILE D 29 29.09 11.23 1.01
N SER D 30 29.48 9.97 0.82
CA SER D 30 28.54 8.86 0.92
C SER D 30 27.37 9.09 -0.02
N SER D 31 26.17 9.25 0.55
CA SER D 31 24.96 9.39 -0.23
C SER D 31 24.17 10.66 0.10
N TYR D 32 24.81 11.67 0.69
CA TYR D 32 24.10 12.86 1.18
C TYR D 32 24.15 13.98 0.13
N LEU D 33 23.32 13.83 -0.91
CA LEU D 33 23.25 14.74 -2.04
C LEU D 33 21.82 14.93 -2.52
N ASN D 34 21.43 16.19 -2.70
CA ASN D 34 20.10 16.55 -3.15
C ASN D 34 20.15 17.36 -4.45
N TRP D 35 19.03 17.33 -5.19
CA TRP D 35 18.90 18.10 -6.42
C TRP D 35 17.72 19.05 -6.31
N TYR D 36 17.94 20.30 -6.75
CA TYR D 36 16.91 21.32 -6.71
C TYR D 36 16.68 21.84 -8.12
N GLN D 37 15.47 22.33 -8.35
CA GLN D 37 15.10 22.99 -9.58
C GLN D 37 14.86 24.44 -9.23
N GLN D 38 15.35 25.35 -10.07
CA GLN D 38 15.10 26.77 -9.83
C GLN D 38 14.79 27.43 -11.17
N LYS D 39 13.66 27.93 -11.25
CA LYS D 39 13.09 28.69 -12.34
C LYS D 39 13.34 30.18 -12.08
N PRO D 40 13.40 30.97 -13.15
CA PRO D 40 13.89 32.36 -13.01
C PRO D 40 13.11 33.16 -11.98
N GLY D 41 13.85 33.78 -11.07
CA GLY D 41 13.30 34.70 -10.10
C GLY D 41 12.58 34.09 -8.92
N LYS D 42 12.53 32.78 -8.81
CA LYS D 42 11.77 32.14 -7.75
C LYS D 42 12.72 31.28 -6.93
N ALA D 43 12.24 30.79 -5.78
CA ALA D 43 13.09 30.00 -4.90
C ALA D 43 13.30 28.61 -5.49
N PRO D 44 14.39 27.94 -5.15
CA PRO D 44 14.58 26.58 -5.65
C PRO D 44 13.63 25.65 -4.94
N LYS D 45 13.11 24.67 -5.66
CA LYS D 45 12.31 23.69 -4.96
C LYS D 45 13.01 22.35 -5.08
N LEU D 46 12.93 21.57 -4.01
CA LEU D 46 13.66 20.30 -3.92
C LEU D 46 13.02 19.23 -4.78
N LEU D 47 13.87 18.44 -5.44
CA LEU D 47 13.46 17.37 -6.33
C LEU D 47 13.86 15.99 -5.82
N ILE D 48 15.11 15.83 -5.38
CA ILE D 48 15.70 14.53 -5.03
C ILE D 48 16.47 14.65 -3.72
N TYR D 49 16.27 13.69 -2.80
CA TYR D 49 17.11 13.64 -1.60
C TYR D 49 17.77 12.27 -1.44
N ALA D 50 18.84 12.24 -0.65
CA ALA D 50 19.58 11.01 -0.41
C ALA D 50 20.09 10.38 -1.70
N ALA D 51 20.47 11.20 -2.67
CA ALA D 51 21.09 10.75 -3.91
C ALA D 51 20.06 10.10 -4.81
N SER D 52 19.08 9.38 -4.23
CA SER D 52 18.15 8.69 -5.11
C SER D 52 16.70 8.70 -4.65
N SER D 53 16.30 9.52 -3.69
CA SER D 53 14.91 9.50 -3.22
C SER D 53 14.12 10.64 -3.87
N LEU D 54 13.06 10.27 -4.58
CA LEU D 54 12.22 11.22 -5.32
C LEU D 54 11.27 11.90 -4.34
N GLN D 55 11.57 13.15 -3.99
CA GLN D 55 10.70 13.98 -3.15
C GLN D 55 9.27 13.94 -3.67
N SER D 56 8.32 13.84 -2.76
CA SER D 56 6.93 13.65 -3.17
C SER D 56 6.42 14.87 -3.91
N GLY D 57 5.41 14.65 -4.75
CA GLY D 57 4.95 15.72 -5.61
C GLY D 57 5.81 15.83 -6.86
N VAL D 58 7.08 15.43 -6.76
CA VAL D 58 7.96 15.56 -7.94
C VAL D 58 7.61 14.46 -8.95
N PRO D 59 7.42 14.81 -10.22
CA PRO D 59 7.14 13.79 -11.23
C PRO D 59 8.27 12.77 -11.32
N SER D 60 7.94 11.62 -11.87
CA SER D 60 8.86 10.49 -11.95
C SER D 60 9.84 10.60 -13.11
N ARG D 61 9.71 11.62 -13.98
CA ARG D 61 10.76 11.89 -14.97
C ARG D 61 12.11 12.00 -14.31
N PHE D 62 12.16 12.63 -13.14
CA PHE D 62 13.38 12.89 -12.40
C PHE D 62 13.81 11.64 -11.63
N SER D 63 15.12 11.54 -11.37
CA SER D 63 15.72 10.33 -10.80
C SER D 63 17.19 10.56 -10.46
N GLY D 64 17.68 10.02 -9.35
CA GLY D 64 19.04 10.25 -8.90
C GLY D 64 19.86 8.97 -8.90
N SER D 65 21.18 9.14 -8.83
CA SER D 65 22.10 8.00 -8.78
C SER D 65 23.45 8.44 -8.25
N GLY D 66 24.23 7.48 -7.78
CA GLY D 66 25.61 7.69 -7.37
C GLY D 66 25.81 7.50 -5.87
N SER D 67 27.08 7.40 -5.48
CA SER D 67 27.49 7.29 -4.09
C SER D 67 28.95 7.63 -3.93
N GLY D 68 29.27 8.25 -2.79
CA GLY D 68 30.64 8.60 -2.48
C GLY D 68 31.10 9.89 -3.17
N THR D 69 31.33 9.83 -4.47
CA THR D 69 31.93 10.99 -5.12
C THR D 69 31.29 11.40 -6.44
N ASP D 70 30.61 10.53 -7.17
CA ASP D 70 30.16 10.86 -8.53
C ASP D 70 28.68 10.54 -8.65
N PHE D 71 27.88 11.57 -8.90
CA PHE D 71 26.42 11.50 -8.84
C PHE D 71 25.80 12.01 -10.14
N THR D 72 24.54 11.66 -10.36
CA THR D 72 23.94 11.88 -11.67
C THR D 72 22.42 12.05 -11.58
N LEU D 73 21.90 13.15 -12.12
CA LEU D 73 20.47 13.42 -12.26
C LEU D 73 20.04 13.16 -13.70
N THR D 74 18.88 12.51 -13.85
CA THR D 74 18.31 12.14 -15.15
C THR D 74 16.86 12.60 -15.27
N ILE D 75 16.54 13.29 -16.38
CA ILE D 75 15.16 13.57 -16.76
C ILE D 75 14.87 12.75 -18.02
N SER D 76 13.81 11.93 -17.99
CA SER D 76 13.56 10.95 -19.05
C SER D 76 12.81 11.50 -20.26
N SER D 77 12.15 12.65 -20.14
CA SER D 77 11.51 13.32 -21.28
C SER D 77 11.12 14.76 -20.92
N LEU D 78 11.99 15.71 -21.27
CA LEU D 78 11.83 17.12 -20.92
C LEU D 78 10.46 17.68 -21.31
N GLN D 79 9.89 18.45 -20.39
CA GLN D 79 8.61 19.12 -20.57
C GLN D 79 8.82 20.61 -20.42
N PRO D 80 7.91 21.43 -20.95
CA PRO D 80 8.08 22.89 -20.85
C PRO D 80 8.31 23.43 -19.43
N GLU D 81 7.72 22.82 -18.39
CA GLU D 81 8.00 23.30 -17.03
C GLU D 81 9.45 23.10 -16.63
N ASP D 82 10.13 22.13 -17.22
CA ASP D 82 11.45 21.75 -16.74
C ASP D 82 12.57 22.70 -17.16
N PHE D 83 12.33 23.60 -18.10
CA PHE D 83 13.38 24.52 -18.51
C PHE D 83 13.64 25.51 -17.38
N ALA D 84 14.79 25.35 -16.72
CA ALA D 84 15.18 26.09 -15.53
C ALA D 84 16.61 25.70 -15.24
N THR D 85 17.17 26.16 -14.12
CA THR D 85 18.50 25.72 -13.72
C THR D 85 18.43 24.80 -12.51
N TYR D 86 19.33 23.82 -12.51
CA TYR D 86 19.33 22.71 -11.58
C TYR D 86 20.61 22.75 -10.73
N TYR D 87 20.47 22.54 -9.43
CA TYR D 87 21.58 22.58 -8.49
C TYR D 87 21.68 21.25 -7.74
N CYS D 88 22.89 20.73 -7.58
CA CYS D 88 23.15 19.68 -6.62
C CYS D 88 23.71 20.30 -5.34
N GLN D 89 23.51 19.62 -4.21
CA GLN D 89 23.86 20.17 -2.92
C GLN D 89 24.12 19.02 -1.95
N GLN D 90 25.25 19.08 -1.24
CA GLN D 90 25.73 17.98 -0.42
C GLN D 90 25.43 18.27 1.05
N SER D 91 25.03 17.23 1.79
CA SER D 91 24.61 17.37 3.18
C SER D 91 25.53 16.60 4.12
N TYR D 92 26.84 16.76 3.98
CA TYR D 92 27.79 15.93 4.73
C TYR D 92 28.68 16.72 5.69
N SER D 93 29.06 17.95 5.35
CA SER D 93 29.91 18.78 6.20
C SER D 93 29.07 19.58 7.19
N THR D 94 29.76 20.33 8.06
CA THR D 94 29.07 21.13 9.07
C THR D 94 28.11 22.16 8.45
N LEU D 95 28.46 22.72 7.29
CA LEU D 95 27.56 23.63 6.60
C LEU D 95 27.42 23.20 5.14
N TRP D 96 26.18 22.98 4.70
CA TRP D 96 25.91 22.47 3.36
C TRP D 96 26.35 23.46 2.30
N THR D 97 26.78 22.94 1.15
CA THR D 97 27.14 23.75 0.01
C THR D 97 26.48 23.19 -1.25
N PHE D 98 26.24 24.07 -2.22
CA PHE D 98 25.62 23.72 -3.50
C PHE D 98 26.67 23.65 -4.61
N GLY D 99 26.25 23.10 -5.76
CA GLY D 99 27.04 23.20 -6.99
C GLY D 99 26.83 24.54 -7.68
N GLN D 100 27.62 24.80 -8.73
CA GLN D 100 27.55 26.11 -9.41
C GLN D 100 26.27 26.25 -10.22
N GLY D 101 25.64 25.13 -10.61
CA GLY D 101 24.38 25.15 -11.32
C GLY D 101 24.44 24.46 -12.67
N THR D 102 23.29 24.06 -13.22
CA THR D 102 23.23 23.67 -14.63
C THR D 102 21.96 24.26 -15.21
N LYS D 103 22.13 25.14 -16.20
CA LYS D 103 21.03 25.80 -16.86
C LYS D 103 20.66 24.98 -18.09
N VAL D 104 19.41 24.52 -18.15
CA VAL D 104 18.90 23.82 -19.32
C VAL D 104 17.98 24.77 -20.07
N GLU D 105 18.37 25.11 -21.28
CA GLU D 105 17.61 26.04 -22.11
C GLU D 105 17.18 25.29 -23.36
N ILE D 106 16.13 25.78 -23.98
CA ILE D 106 15.44 25.05 -25.04
C ILE D 106 16.18 25.21 -26.36
N LYS D 107 16.51 24.06 -26.97
CA LYS D 107 17.32 24.04 -28.19
C LYS D 107 16.46 24.42 -29.40
N ARG D 108 17.13 24.89 -30.45
CA ARG D 108 16.42 25.59 -31.49
C ARG D 108 17.40 25.77 -32.64
N THR D 109 16.88 26.02 -33.84
CA THR D 109 17.76 26.19 -35.01
C THR D 109 18.53 27.50 -34.95
N VAL D 110 19.64 27.52 -35.69
CA VAL D 110 20.54 28.66 -35.73
C VAL D 110 19.85 29.85 -36.37
N ALA D 111 19.99 31.01 -35.74
CA ALA D 111 19.36 32.23 -36.21
C ALA D 111 20.39 33.35 -36.09
N ALA D 112 20.56 34.13 -37.15
CA ALA D 112 21.55 35.17 -37.12
C ALA D 112 21.02 36.37 -36.33
N PRO D 113 21.90 37.10 -35.65
CA PRO D 113 21.44 38.36 -35.04
C PRO D 113 21.32 39.41 -36.14
N SER D 114 20.16 40.05 -36.20
CA SER D 114 20.00 41.22 -37.05
C SER D 114 20.45 42.41 -36.21
N VAL D 115 21.50 43.08 -36.66
CA VAL D 115 22.28 44.01 -35.86
C VAL D 115 21.85 45.44 -36.12
N PHE D 116 21.70 46.20 -35.06
CA PHE D 116 21.29 47.59 -35.11
C PHE D 116 22.25 48.41 -34.26
N ILE D 117 22.50 49.65 -34.67
CA ILE D 117 23.36 50.58 -33.95
C ILE D 117 22.60 51.89 -33.76
N PHE D 118 22.80 52.49 -32.60
CA PHE D 118 22.02 53.62 -32.14
C PHE D 118 22.98 54.67 -31.60
N PRO D 119 22.93 55.90 -32.11
CA PRO D 119 23.86 56.93 -31.67
C PRO D 119 23.36 57.62 -30.40
N PRO D 120 24.22 58.36 -29.71
CA PRO D 120 23.76 59.18 -28.58
C PRO D 120 22.70 60.20 -28.99
N SER D 121 21.85 60.50 -28.03
CA SER D 121 20.69 61.37 -28.17
C SER D 121 21.04 62.75 -27.62
N ASP D 122 20.63 63.79 -28.34
CA ASP D 122 21.04 65.18 -28.11
C ASP D 122 21.05 65.61 -26.63
N GLU D 123 20.07 65.17 -25.83
CA GLU D 123 20.01 65.58 -24.43
C GLU D 123 21.23 65.12 -23.64
N GLN D 124 21.62 63.86 -23.82
CA GLN D 124 22.73 63.29 -23.07
C GLN D 124 24.05 63.97 -23.42
N LEU D 125 24.14 64.59 -24.59
CA LEU D 125 25.37 65.20 -25.04
C LEU D 125 25.80 66.38 -24.17
N LYS D 126 25.01 67.45 -24.13
CA LYS D 126 25.34 68.59 -23.27
C LYS D 126 25.05 68.38 -21.79
N SER D 127 25.16 67.13 -21.33
CA SER D 127 25.13 66.87 -19.89
C SER D 127 26.47 66.38 -19.39
N GLY D 128 27.31 65.88 -20.30
CA GLY D 128 28.66 65.49 -19.96
C GLY D 128 29.05 64.07 -20.33
N THR D 129 28.11 63.25 -20.79
CA THR D 129 28.41 61.85 -21.04
C THR D 129 27.74 61.39 -22.34
N ALA D 130 28.17 60.22 -22.86
CA ALA D 130 27.67 59.71 -24.13
C ALA D 130 27.53 58.19 -24.08
N SER D 131 26.43 57.67 -24.63
CA SER D 131 26.15 56.23 -24.59
C SER D 131 25.81 55.70 -25.98
N VAL D 132 26.67 54.86 -26.54
CA VAL D 132 26.40 54.22 -27.83
C VAL D 132 25.92 52.79 -27.60
N VAL D 133 24.78 52.46 -28.19
CA VAL D 133 24.07 51.20 -27.97
C VAL D 133 24.17 50.32 -29.20
N CYS D 134 24.39 49.03 -28.98
CA CYS D 134 24.46 48.03 -30.04
C CYS D 134 23.48 46.90 -29.73
N LEU D 135 22.45 46.74 -30.58
CA LEU D 135 21.41 45.75 -30.35
C LEU D 135 21.69 44.53 -31.19
N LEU D 136 21.58 43.35 -30.58
CA LEU D 136 21.63 42.09 -31.31
C LEU D 136 20.26 41.47 -31.16
N ASN D 137 19.51 41.33 -32.26
CA ASN D 137 18.10 41.01 -32.18
C ASN D 137 17.83 39.60 -32.68
N ASN D 138 17.30 38.74 -31.78
CA ASN D 138 16.69 37.45 -32.10
C ASN D 138 17.64 36.49 -32.81
N PHE D 139 18.75 36.17 -32.15
CA PHE D 139 19.71 35.19 -32.62
C PHE D 139 19.67 33.96 -31.73
N TYR D 140 20.17 32.82 -32.24
CA TYR D 140 20.01 31.77 -31.25
C TYR D 140 21.28 31.32 -30.52
N PRO D 141 22.27 30.67 -31.16
CA PRO D 141 23.23 29.86 -30.37
C PRO D 141 23.89 30.50 -29.15
N ARG D 142 23.52 31.74 -28.77
CA ARG D 142 23.85 32.37 -27.48
C ARG D 142 25.31 32.83 -27.42
N GLU D 143 26.26 31.99 -27.83
CA GLU D 143 27.64 32.46 -27.82
C GLU D 143 27.79 33.62 -28.80
N ALA D 144 28.34 34.71 -28.31
CA ALA D 144 28.52 35.90 -29.12
C ALA D 144 29.76 36.63 -28.65
N LYS D 145 30.53 37.13 -29.61
CA LYS D 145 31.63 38.03 -29.32
C LYS D 145 31.26 39.36 -29.95
N VAL D 146 31.09 40.38 -29.13
CA VAL D 146 30.78 41.72 -29.60
C VAL D 146 31.94 42.63 -29.21
N GLN D 147 32.57 43.22 -30.22
CA GLN D 147 33.71 44.11 -30.03
C GLN D 147 33.40 45.50 -30.57
N TRP D 148 33.87 46.51 -29.85
CA TRP D 148 33.65 47.91 -30.20
C TRP D 148 34.91 48.46 -30.84
N LYS D 149 34.74 49.20 -31.95
CA LYS D 149 35.85 49.89 -32.59
C LYS D 149 35.47 51.34 -32.84
N VAL D 150 36.31 52.27 -32.36
CA VAL D 150 36.20 53.69 -32.68
C VAL D 150 37.46 54.11 -33.43
N ASP D 151 37.26 54.68 -34.63
CA ASP D 151 38.35 54.96 -35.57
C ASP D 151 39.24 53.73 -35.73
N ASN D 152 38.65 52.55 -35.70
CA ASN D 152 39.33 51.26 -35.82
C ASN D 152 40.20 50.98 -34.60
N ALA D 153 40.01 51.69 -33.50
CA ALA D 153 40.73 51.35 -32.28
C ALA D 153 39.87 50.37 -31.46
N LEU D 154 40.40 49.16 -31.22
CA LEU D 154 39.66 48.18 -30.44
C LEU D 154 39.50 48.73 -29.02
N GLN D 155 38.25 48.94 -28.62
CA GLN D 155 37.97 49.50 -27.32
C GLN D 155 37.83 48.37 -26.29
N SER D 156 38.18 48.67 -25.04
CA SER D 156 38.09 47.69 -23.99
C SER D 156 37.83 48.37 -22.66
N GLY D 157 37.22 47.62 -21.74
CA GLY D 157 37.01 48.10 -20.39
C GLY D 157 36.06 49.26 -20.22
N ASN D 158 35.23 49.57 -21.21
CA ASN D 158 34.26 50.64 -21.02
C ASN D 158 32.90 50.31 -21.64
N SER D 159 32.64 49.05 -21.99
CA SER D 159 31.34 48.62 -22.46
C SER D 159 30.85 47.51 -21.54
N GLN D 160 29.53 47.36 -21.48
CA GLN D 160 28.89 46.41 -20.59
C GLN D 160 27.72 45.72 -21.29
N GLU D 161 27.67 44.40 -21.06
CA GLU D 161 26.81 43.49 -21.81
C GLU D 161 25.59 43.12 -20.96
N SER D 162 24.51 42.77 -21.64
CA SER D 162 23.27 42.41 -20.96
C SER D 162 22.37 41.66 -21.94
N VAL D 163 21.92 40.47 -21.53
CA VAL D 163 21.20 39.59 -22.43
C VAL D 163 19.89 39.16 -21.76
N THR D 164 18.83 39.06 -22.56
CA THR D 164 17.53 38.58 -22.10
C THR D 164 17.53 37.05 -22.00
N GLU D 165 16.54 36.53 -21.29
CA GLU D 165 16.27 35.09 -21.33
C GLU D 165 15.61 34.76 -22.66
N GLN D 166 15.73 33.50 -23.09
CA GLN D 166 15.11 33.05 -24.35
C GLN D 166 13.69 33.59 -24.52
N ASP D 167 13.34 33.96 -25.74
CA ASP D 167 12.02 34.53 -25.99
C ASP D 167 10.96 33.44 -25.82
N SER D 168 9.87 33.80 -25.15
CA SER D 168 8.82 32.84 -24.88
C SER D 168 8.14 32.33 -26.15
N LYS D 169 8.21 33.09 -27.23
CA LYS D 169 7.62 32.70 -28.51
C LYS D 169 8.65 32.28 -29.54
N ASP D 170 9.87 32.82 -29.47
CA ASP D 170 10.88 32.59 -30.49
C ASP D 170 11.97 31.62 -30.04
N SER D 171 12.23 31.52 -28.73
CA SER D 171 13.40 30.83 -28.18
C SER D 171 14.71 31.52 -28.59
N THR D 172 14.67 32.83 -28.79
CA THR D 172 15.82 33.57 -29.31
C THR D 172 16.29 34.56 -28.26
N TYR D 173 17.59 34.87 -28.30
CA TYR D 173 18.19 35.78 -27.34
C TYR D 173 18.34 37.18 -27.94
N SER D 174 18.51 38.16 -27.06
CA SER D 174 18.68 39.52 -27.50
C SER D 174 19.70 40.17 -26.59
N LEU D 175 20.67 40.87 -27.17
CA LEU D 175 21.82 41.39 -26.43
C LEU D 175 21.98 42.88 -26.70
N SER D 176 22.33 43.61 -25.64
CA SER D 176 22.57 45.04 -25.71
C SER D 176 23.93 45.29 -25.08
N SER D 177 24.87 45.70 -25.91
CA SER D 177 26.17 46.18 -25.46
C SER D 177 26.11 47.69 -25.48
N THR D 178 26.62 48.33 -24.43
CA THR D 178 26.57 49.78 -24.31
C THR D 178 27.94 50.34 -23.97
N LEU D 179 28.40 51.25 -24.83
CA LEU D 179 29.68 51.92 -24.73
C LEU D 179 29.47 53.32 -24.16
N THR D 180 30.10 53.59 -23.02
CA THR D 180 29.96 54.87 -22.36
C THR D 180 31.30 55.59 -22.40
N LEU D 181 31.26 56.85 -22.83
CA LEU D 181 32.41 57.74 -22.88
C LEU D 181 32.01 59.08 -22.30
N SER D 182 33.00 59.84 -21.85
CA SER D 182 32.69 61.23 -21.52
C SER D 182 32.39 61.99 -22.80
N LYS D 183 31.68 63.11 -22.68
CA LYS D 183 31.47 63.92 -23.89
C LYS D 183 32.80 64.44 -24.43
N ALA D 184 33.75 64.70 -23.53
CA ALA D 184 35.08 65.15 -23.93
C ALA D 184 35.78 64.07 -24.77
N ASP D 185 35.87 62.85 -24.23
CA ASP D 185 36.48 61.75 -24.98
C ASP D 185 35.64 61.35 -26.19
N TYR D 186 34.36 61.73 -26.22
CA TYR D 186 33.50 61.35 -27.36
C TYR D 186 33.73 62.24 -28.58
N GLU D 187 33.76 63.56 -28.41
CA GLU D 187 33.86 64.40 -29.60
C GLU D 187 35.28 64.49 -30.19
N LYS D 188 36.15 63.50 -29.97
CA LYS D 188 37.44 63.50 -30.66
C LYS D 188 37.63 62.38 -31.68
N HIS D 189 36.75 61.40 -31.75
CA HIS D 189 36.80 60.37 -32.78
C HIS D 189 35.49 60.43 -33.58
N LYS D 190 35.52 59.97 -34.83
CA LYS D 190 34.37 60.11 -35.71
C LYS D 190 33.65 58.82 -36.03
N VAL D 191 34.37 57.75 -36.34
CA VAL D 191 33.76 56.48 -36.68
C VAL D 191 33.47 55.72 -35.40
N TYR D 192 32.24 55.19 -35.28
CA TYR D 192 31.80 54.31 -34.19
C TYR D 192 31.23 53.05 -34.81
N ALA D 193 31.83 51.90 -34.51
CA ALA D 193 31.44 50.62 -35.09
C ALA D 193 31.10 49.62 -33.99
N CYS D 194 30.37 48.57 -34.39
CA CYS D 194 30.03 47.44 -33.53
C CYS D 194 30.17 46.20 -34.40
N GLU D 195 31.05 45.27 -34.01
CA GLU D 195 31.37 44.11 -34.83
C GLU D 195 30.90 42.84 -34.11
N VAL D 196 29.99 42.11 -34.75
CA VAL D 196 29.31 40.95 -34.17
C VAL D 196 29.86 39.68 -34.81
N THR D 197 30.11 38.65 -33.99
CA THR D 197 30.54 37.35 -34.49
C THR D 197 29.64 36.24 -33.97
N HIS D 198 29.32 35.27 -34.85
CA HIS D 198 28.29 34.29 -34.53
C HIS D 198 28.34 33.13 -35.51
N GLN D 199 27.82 31.97 -35.08
CA GLN D 199 27.69 30.81 -35.97
C GLN D 199 26.79 31.14 -37.16
N GLY D 200 25.72 31.89 -36.93
CA GLY D 200 24.72 32.37 -37.88
C GLY D 200 25.19 33.38 -38.92
N LEU D 201 26.44 33.86 -38.83
CA LEU D 201 27.00 34.84 -39.74
C LEU D 201 28.20 34.21 -40.45
N SER D 202 28.19 34.23 -41.80
CA SER D 202 29.32 33.67 -42.52
C SER D 202 30.57 34.47 -42.27
N SER D 203 30.43 35.80 -42.34
CA SER D 203 31.39 36.86 -42.09
C SER D 203 30.86 37.69 -40.93
N PRO D 204 31.75 38.14 -40.05
CA PRO D 204 31.30 39.04 -38.98
C PRO D 204 30.62 40.24 -39.63
N VAL D 205 29.53 40.65 -39.03
CA VAL D 205 28.72 41.69 -39.62
C VAL D 205 28.96 42.94 -38.79
N THR D 206 29.01 44.09 -39.47
CA THR D 206 29.33 45.33 -38.80
C THR D 206 28.32 46.41 -39.18
N LYS D 207 27.75 47.05 -38.15
CA LYS D 207 26.91 48.25 -38.32
C LYS D 207 27.60 49.42 -37.62
N SER D 208 27.78 50.53 -38.34
CA SER D 208 28.55 51.67 -37.84
C SER D 208 27.83 52.97 -38.18
N PHE D 209 28.44 54.10 -37.79
CA PHE D 209 27.95 55.43 -38.14
C PHE D 209 29.04 56.47 -37.91
N ASN D 210 28.81 57.66 -38.47
CA ASN D 210 29.68 58.80 -38.24
C ASN D 210 28.89 59.89 -37.53
N ARG D 211 29.61 60.72 -36.77
CA ARG D 211 29.05 61.95 -36.19
C ARG D 211 28.55 62.92 -37.27
N ASN E 33 -18.15 -77.41 25.07
CA ASN E 33 -17.67 -76.60 23.97
C ASN E 33 -18.17 -75.15 24.12
N LEU E 34 -19.39 -74.89 23.65
CA LEU E 34 -19.95 -73.54 23.73
C LEU E 34 -20.17 -73.11 25.18
N SER E 35 -20.54 -74.06 26.05
CA SER E 35 -20.97 -73.73 27.40
C SER E 35 -19.93 -72.96 28.18
N LYS E 36 -18.66 -73.05 27.78
CA LYS E 36 -17.58 -72.47 28.57
C LYS E 36 -16.60 -71.64 27.77
N LEU E 37 -16.55 -71.75 26.44
CA LEU E 37 -16.01 -70.65 25.65
C LEU E 37 -16.87 -69.40 25.84
N LEU E 38 -18.14 -69.60 26.20
CA LEU E 38 -19.05 -68.50 26.48
C LEU E 38 -18.63 -67.68 27.70
N THR E 39 -17.86 -68.26 28.63
CA THR E 39 -17.65 -67.67 29.95
C THR E 39 -16.50 -66.67 30.00
N ARG E 40 -15.40 -66.90 29.25
CA ARG E 40 -14.31 -65.92 29.19
C ARG E 40 -14.62 -64.74 28.29
N TYR E 41 -15.65 -64.84 27.45
CA TYR E 41 -16.16 -63.75 26.66
C TYR E 41 -17.48 -63.29 27.28
N SER E 42 -17.37 -62.63 28.44
CA SER E 42 -18.55 -62.24 29.22
C SER E 42 -19.49 -61.37 28.40
N THR E 43 -18.95 -60.43 27.61
CA THR E 43 -19.84 -59.58 26.81
C THR E 43 -20.53 -60.37 25.70
N LEU E 44 -20.00 -61.52 25.29
CA LEU E 44 -20.71 -62.32 24.30
C LEU E 44 -21.85 -63.11 24.93
N ASN E 45 -21.76 -63.38 26.23
CA ASN E 45 -22.92 -63.86 26.96
C ASN E 45 -24.05 -62.84 26.86
N THR E 46 -23.77 -61.60 27.24
CA THR E 46 -24.81 -60.58 27.23
C THR E 46 -25.36 -60.34 25.84
N LEU E 47 -24.51 -60.52 24.81
CA LEU E 47 -24.89 -60.18 23.44
C LEU E 47 -25.93 -61.12 22.88
N ILE E 48 -25.82 -62.42 23.22
CA ILE E 48 -26.77 -63.44 22.77
C ILE E 48 -28.05 -63.44 23.59
N LYS E 49 -27.96 -63.26 24.92
CA LYS E 49 -29.17 -63.12 25.74
C LYS E 49 -30.11 -62.10 25.14
N LEU E 50 -29.55 -61.05 24.52
CA LEU E 50 -30.30 -59.99 23.87
C LEU E 50 -30.71 -60.35 22.45
N SER E 51 -29.90 -61.14 21.73
CA SER E 51 -30.23 -61.49 20.35
C SER E 51 -31.54 -62.27 20.27
N ALA E 52 -32.01 -62.82 21.39
CA ALA E 52 -33.29 -63.52 21.45
C ALA E 52 -34.34 -62.70 22.18
N ASP E 53 -34.08 -61.42 22.43
CA ASP E 53 -35.01 -60.53 23.12
C ASP E 53 -35.65 -59.57 22.12
N PRO E 54 -36.93 -59.74 21.77
CA PRO E 54 -37.55 -58.77 20.85
C PRO E 54 -37.55 -57.36 21.40
N SER E 55 -37.59 -57.22 22.73
CA SER E 55 -37.57 -55.91 23.36
C SER E 55 -36.21 -55.22 23.14
N ALA E 56 -35.12 -55.97 23.26
CA ALA E 56 -33.79 -55.40 23.06
C ALA E 56 -33.48 -55.11 21.60
N ILE E 57 -34.05 -55.89 20.67
CA ILE E 57 -33.80 -55.62 19.26
C ILE E 57 -34.58 -54.39 18.81
N ASN E 58 -35.87 -54.31 19.17
CA ASN E 58 -36.61 -53.12 18.81
C ASN E 58 -35.97 -51.86 19.40
N ALA E 59 -35.36 -51.97 20.58
CA ALA E 59 -34.57 -50.86 21.13
C ALA E 59 -33.34 -50.56 20.27
N ALA E 60 -32.66 -51.60 19.78
CA ALA E 60 -31.53 -51.34 18.89
C ALA E 60 -32.00 -50.69 17.59
N ARG E 61 -33.10 -51.19 17.02
CA ARG E 61 -33.59 -50.64 15.75
C ARG E 61 -33.94 -49.16 15.89
N GLU E 62 -34.66 -48.78 16.96
CA GLU E 62 -34.97 -47.36 17.16
C GLU E 62 -33.72 -46.56 17.48
N ASN E 63 -32.73 -47.17 18.13
CA ASN E 63 -31.47 -46.45 18.29
C ASN E 63 -30.88 -46.09 16.93
N LEU E 64 -31.11 -46.93 15.91
CA LEU E 64 -30.56 -46.65 14.60
C LEU E 64 -31.35 -45.55 13.91
N GLY E 65 -32.65 -45.50 14.17
CA GLY E 65 -33.46 -44.40 13.65
C GLY E 65 -33.07 -43.05 14.23
N ALA E 66 -32.87 -42.99 15.55
CA ALA E 66 -32.50 -41.73 16.19
C ALA E 66 -31.16 -41.21 15.69
N SER E 67 -30.16 -42.08 15.59
CA SER E 67 -28.85 -41.66 15.16
C SER E 67 -28.80 -41.36 13.66
N ALA E 68 -29.64 -42.04 12.85
CA ALA E 68 -29.68 -41.73 11.44
C ALA E 68 -30.17 -40.32 11.24
N LYS E 69 -31.31 -39.98 11.87
CA LYS E 69 -31.78 -38.60 11.81
C LYS E 69 -30.73 -37.65 12.36
N ASN E 70 -29.95 -38.09 13.35
CA ASN E 70 -28.85 -37.27 13.84
C ASN E 70 -27.82 -37.06 12.76
N LEU E 71 -27.56 -38.08 11.95
CA LEU E 71 -26.53 -37.96 10.92
C LEU E 71 -27.04 -37.17 9.72
N ILE E 72 -28.19 -37.56 9.18
CA ILE E 72 -28.62 -37.09 7.87
C ILE E 72 -29.80 -36.12 7.93
N GLY E 73 -30.35 -35.83 9.12
CA GLY E 73 -31.43 -34.86 9.20
C GLY E 73 -31.07 -33.59 9.95
N ASP E 74 -30.11 -33.66 10.86
CA ASP E 74 -29.63 -32.48 11.57
C ASP E 74 -28.48 -31.83 10.80
N THR E 75 -28.02 -30.73 11.36
CA THR E 75 -26.95 -29.96 10.76
C THR E 75 -25.91 -29.66 11.82
N LYS E 76 -26.24 -28.76 12.74
CA LYS E 76 -25.36 -28.43 13.85
C LYS E 76 -24.91 -29.68 14.59
N ASN E 77 -25.78 -30.68 14.73
CA ASN E 77 -25.48 -31.86 15.55
C ASN E 77 -25.12 -33.08 14.72
N SER E 78 -24.73 -32.90 13.47
CA SER E 78 -24.41 -34.04 12.61
C SER E 78 -22.96 -34.08 12.19
N PRO E 79 -22.16 -35.01 12.71
CA PRO E 79 -20.79 -35.19 12.18
C PRO E 79 -20.76 -35.34 10.67
N ALA E 80 -21.78 -35.96 10.10
CA ALA E 80 -21.84 -36.07 8.66
C ALA E 80 -21.85 -34.68 8.00
N TYR E 81 -22.82 -33.83 8.34
CA TYR E 81 -22.88 -32.47 7.81
C TYR E 81 -21.52 -31.74 7.94
N GLN E 82 -21.06 -31.51 9.17
CA GLN E 82 -19.86 -30.72 9.42
C GLN E 82 -18.68 -31.18 8.58
N ALA E 83 -18.56 -32.47 8.34
CA ALA E 83 -17.39 -32.87 7.56
C ALA E 83 -17.60 -32.56 6.10
N VAL E 84 -18.84 -32.69 5.61
CA VAL E 84 -19.15 -32.27 4.25
C VAL E 84 -18.89 -30.77 4.10
N LEU E 85 -19.47 -29.97 5.01
CA LEU E 85 -19.21 -28.54 5.11
C LEU E 85 -17.71 -28.21 5.19
N LEU E 86 -16.97 -28.94 6.02
CA LEU E 86 -15.56 -28.60 6.15
C LEU E 86 -14.83 -28.82 4.83
N ALA E 87 -15.21 -29.85 4.08
CA ALA E 87 -14.56 -30.10 2.80
C ALA E 87 -14.83 -28.97 1.83
N ILE E 88 -16.10 -28.57 1.72
CA ILE E 88 -16.49 -27.46 0.87
C ILE E 88 -15.69 -26.21 1.22
N ASN E 89 -15.81 -25.76 2.47
CA ASN E 89 -15.11 -24.57 2.94
C ASN E 89 -13.61 -24.64 2.74
N ALA E 90 -13.03 -25.83 2.77
CA ALA E 90 -11.60 -25.95 2.58
C ALA E 90 -11.21 -25.52 1.17
N ALA E 91 -12.00 -25.92 0.18
CA ALA E 91 -11.74 -25.56 -1.21
C ALA E 91 -11.93 -24.05 -1.46
N VAL E 92 -13.14 -23.53 -1.22
CA VAL E 92 -13.32 -22.08 -1.34
C VAL E 92 -12.31 -21.32 -0.50
N GLY E 93 -11.92 -21.85 0.65
CA GLY E 93 -10.97 -21.12 1.47
C GLY E 93 -9.61 -21.04 0.81
N PHE E 94 -9.24 -22.10 0.06
CA PHE E 94 -7.95 -22.14 -0.61
C PHE E 94 -7.90 -21.08 -1.68
N TRP E 95 -8.95 -20.99 -2.48
CA TRP E 95 -8.99 -20.00 -3.53
C TRP E 95 -9.00 -18.59 -2.95
N ASN E 96 -9.70 -18.36 -1.84
CA ASN E 96 -9.66 -17.05 -1.21
C ASN E 96 -8.26 -16.67 -0.79
N VAL E 97 -7.39 -17.64 -0.52
CA VAL E 97 -6.06 -17.30 0.01
C VAL E 97 -5.08 -16.96 -1.12
N LEU E 98 -5.23 -17.58 -2.29
CA LEU E 98 -4.27 -17.51 -3.37
C LEU E 98 -4.83 -16.94 -4.67
N GLY E 99 -6.13 -16.67 -4.73
CA GLY E 99 -6.70 -16.20 -6.00
C GLY E 99 -6.12 -14.86 -6.43
N TYR E 100 -6.08 -13.89 -5.52
CA TYR E 100 -5.65 -12.54 -5.87
C TYR E 100 -4.27 -12.53 -6.52
N ALA E 101 -3.41 -13.48 -6.14
CA ALA E 101 -2.03 -13.56 -6.60
C ALA E 101 -1.86 -14.41 -7.84
N THR E 102 -2.95 -14.91 -8.41
CA THR E 102 -2.89 -15.81 -9.55
C THR E 102 -2.85 -15.02 -10.85
N GLN E 103 -1.91 -15.35 -11.73
CA GLN E 103 -1.84 -14.72 -13.03
C GLN E 103 -2.96 -15.21 -13.93
N CYS E 104 -3.66 -14.28 -14.59
CA CYS E 104 -4.64 -14.65 -15.60
C CYS E 104 -4.73 -13.55 -16.66
N GLY E 105 -4.95 -13.96 -17.90
CA GLY E 105 -5.16 -13.01 -18.97
C GLY E 105 -5.44 -13.74 -20.27
N GLY E 106 -5.27 -13.01 -21.38
CA GLY E 106 -5.42 -13.56 -22.72
C GLY E 106 -6.80 -13.36 -23.28
N ASN E 107 -7.02 -13.96 -24.44
CA ASN E 107 -8.29 -13.92 -25.13
C ASN E 107 -9.02 -15.28 -25.08
N ALA E 108 -9.89 -15.51 -26.06
CA ALA E 108 -11.00 -16.46 -25.92
C ALA E 108 -10.50 -17.88 -25.76
N ASN E 109 -9.83 -18.42 -26.78
CA ASN E 109 -9.48 -19.83 -26.81
C ASN E 109 -8.02 -20.04 -26.38
N GLY E 110 -7.76 -19.73 -25.10
CA GLY E 110 -6.44 -19.87 -24.52
C GLY E 110 -5.38 -19.05 -25.22
N GLN E 111 -5.79 -18.01 -25.93
CA GLN E 111 -4.92 -17.24 -26.80
C GLN E 111 -4.30 -16.03 -26.11
N GLU E 112 -3.06 -15.74 -26.48
CA GLU E 112 -2.38 -14.52 -26.06
C GLU E 112 -3.16 -13.29 -26.55
N SER E 113 -3.07 -12.18 -25.80
CA SER E 113 -3.83 -10.97 -26.11
C SER E 113 -2.94 -9.72 -26.22
N THR E 114 -3.32 -8.81 -27.13
CA THR E 114 -2.63 -7.52 -27.26
C THR E 114 -3.04 -6.54 -26.17
N SER E 115 -4.35 -6.41 -25.94
CA SER E 115 -4.82 -5.49 -24.91
C SER E 115 -6.21 -5.91 -24.41
N SER E 116 -6.25 -6.99 -23.63
CA SER E 116 -7.50 -7.52 -23.10
C SER E 116 -7.52 -7.38 -21.59
N THR E 117 -8.62 -6.85 -21.06
CA THR E 117 -8.82 -6.75 -19.62
C THR E 117 -10.20 -7.30 -19.30
N THR E 118 -10.21 -8.46 -18.66
CA THR E 118 -11.43 -9.17 -18.29
C THR E 118 -11.50 -9.21 -16.77
N ILE E 119 -12.55 -8.62 -16.22
CA ILE E 119 -12.72 -8.48 -14.78
C ILE E 119 -13.86 -9.38 -14.34
N PHE E 120 -13.58 -10.31 -13.41
CA PHE E 120 -14.63 -11.15 -12.83
C PHE E 120 -15.03 -10.55 -11.50
N ASN E 121 -16.34 -10.32 -11.33
CA ASN E 121 -16.84 -9.66 -10.13
C ASN E 121 -17.13 -10.67 -9.01
N ASN E 122 -17.14 -10.16 -7.79
CA ASN E 122 -17.41 -11.00 -6.64
C ASN E 122 -16.37 -12.12 -6.56
N GLU E 123 -15.10 -11.69 -6.56
CA GLU E 123 -13.93 -12.55 -6.46
C GLU E 123 -12.95 -11.83 -5.53
N PRO E 124 -12.17 -12.57 -4.71
CA PRO E 124 -11.33 -11.93 -3.67
C PRO E 124 -10.03 -11.36 -4.24
N GLY E 125 -10.13 -10.21 -4.90
CA GLY E 125 -8.97 -9.65 -5.58
C GLY E 125 -8.14 -8.83 -4.66
N TYR E 126 -6.97 -8.40 -5.15
CA TYR E 126 -6.13 -7.54 -4.32
C TYR E 126 -6.86 -6.24 -4.03
N ARG E 127 -7.02 -5.96 -2.73
CA ARG E 127 -7.81 -4.86 -2.18
C ARG E 127 -9.08 -4.57 -2.96
N SER E 128 -9.73 -5.58 -3.49
CA SER E 128 -10.92 -5.37 -4.31
C SER E 128 -11.81 -6.60 -4.23
N THR E 129 -13.08 -6.40 -4.59
CA THR E 129 -14.04 -7.47 -4.72
C THR E 129 -14.17 -7.98 -6.13
N SER E 130 -13.19 -7.71 -6.99
CA SER E 130 -13.11 -8.34 -8.31
C SER E 130 -11.68 -8.81 -8.50
N ILE E 131 -11.50 -9.77 -9.40
CA ILE E 131 -10.17 -10.18 -9.83
C ILE E 131 -10.03 -9.74 -11.28
N THR E 132 -8.83 -9.28 -11.66
CA THR E 132 -8.65 -8.62 -12.95
C THR E 132 -7.66 -9.38 -13.81
N CYS E 133 -8.16 -10.02 -14.87
CA CYS E 133 -7.29 -10.69 -15.82
C CYS E 133 -6.94 -9.69 -16.92
N SER E 134 -5.73 -9.15 -16.86
CA SER E 134 -5.33 -8.10 -17.77
C SER E 134 -3.88 -8.26 -18.17
N LEU E 135 -3.43 -9.50 -18.31
CA LEU E 135 -2.07 -9.74 -18.72
C LEU E 135 -2.06 -9.91 -20.23
N ASN E 136 -1.16 -9.18 -20.88
CA ASN E 136 -1.05 -9.15 -22.33
C ASN E 136 0.34 -9.58 -22.72
N ARG E 137 0.47 -10.10 -23.93
CA ARG E 137 1.75 -10.61 -24.44
C ARG E 137 2.32 -11.74 -23.59
N TYR E 138 1.46 -12.44 -22.84
CA TYR E 138 1.79 -13.71 -22.20
C TYR E 138 0.79 -14.75 -22.70
N LYS E 139 1.31 -15.85 -23.19
CA LYS E 139 0.34 -16.87 -23.57
C LYS E 139 -0.02 -17.71 -22.35
N PRO E 140 -1.31 -18.01 -22.12
CA PRO E 140 -1.67 -18.80 -20.94
C PRO E 140 -1.22 -20.24 -21.05
N GLY E 141 -0.95 -20.84 -19.90
CA GLY E 141 -0.56 -22.24 -19.85
C GLY E 141 0.02 -22.60 -18.51
N TYR E 142 0.50 -23.84 -18.43
CA TYR E 142 1.11 -24.37 -17.21
C TYR E 142 2.23 -23.43 -16.78
N TYR E 143 2.26 -23.13 -15.49
CA TYR E 143 3.28 -22.24 -14.91
C TYR E 143 3.31 -20.89 -15.62
N GLY E 144 2.13 -20.44 -16.07
CA GLY E 144 1.90 -19.12 -16.60
C GLY E 144 0.51 -18.65 -16.24
N PRO E 145 -0.05 -17.69 -16.96
CA PRO E 145 -1.37 -17.17 -16.58
C PRO E 145 -2.48 -18.17 -16.93
N MET E 146 -3.54 -18.10 -16.14
CA MET E 146 -4.69 -18.97 -16.36
C MET E 146 -5.52 -18.40 -17.48
N SER E 147 -5.92 -19.28 -18.41
CA SER E 147 -6.77 -18.94 -19.54
C SER E 147 -8.04 -18.29 -19.04
N ILE E 148 -8.65 -17.42 -19.85
CA ILE E 148 -9.96 -16.89 -19.53
C ILE E 148 -11.01 -18.01 -19.57
N GLU E 149 -10.75 -19.05 -20.37
CA GLU E 149 -11.64 -20.22 -20.39
C GLU E 149 -11.63 -20.95 -19.04
N ASN E 150 -10.44 -21.17 -18.45
CA ASN E 150 -10.44 -21.85 -17.15
C ASN E 150 -10.93 -20.93 -16.04
N PHE E 151 -10.61 -19.64 -16.12
CA PHE E 151 -11.09 -18.74 -15.08
C PHE E 151 -12.62 -18.69 -15.08
N LYS E 152 -13.23 -18.90 -16.25
CA LYS E 152 -14.69 -18.93 -16.29
C LYS E 152 -15.23 -20.19 -15.62
N LYS E 153 -14.60 -21.34 -15.84
CA LYS E 153 -14.99 -22.54 -15.10
C LYS E 153 -14.88 -22.27 -13.61
N LEU E 154 -13.69 -21.87 -13.19
CA LEU E 154 -13.43 -21.61 -11.80
C LEU E 154 -14.49 -20.70 -11.21
N ASN E 155 -14.71 -19.55 -11.84
CA ASN E 155 -15.56 -18.53 -11.24
C ASN E 155 -17.01 -19.00 -11.12
N GLU E 156 -17.56 -19.68 -12.13
CA GLU E 156 -18.94 -20.15 -11.97
C GLU E 156 -19.04 -21.09 -10.79
N ALA E 157 -18.07 -22.01 -10.66
CA ALA E 157 -18.06 -22.91 -9.51
C ALA E 157 -18.02 -22.15 -8.21
N TYR E 158 -17.15 -21.14 -8.15
CA TYR E 158 -16.98 -20.33 -6.95
C TYR E 158 -18.25 -19.53 -6.63
N GLN E 159 -18.93 -19.00 -7.66
CA GLN E 159 -20.16 -18.25 -7.40
C GLN E 159 -21.25 -19.18 -6.87
N ILE E 160 -21.35 -20.40 -7.43
CA ILE E 160 -22.34 -21.35 -6.95
C ILE E 160 -22.03 -21.73 -5.50
N LEU E 161 -20.76 -22.00 -5.20
CA LEU E 161 -20.41 -22.28 -3.82
C LEU E 161 -20.81 -21.15 -2.90
N GLN E 162 -20.26 -19.95 -3.12
CA GLN E 162 -20.45 -18.83 -2.19
C GLN E 162 -21.93 -18.48 -1.98
N THR E 163 -22.73 -18.53 -3.03
CA THR E 163 -24.16 -18.30 -2.84
C THR E 163 -24.80 -19.41 -2.01
N ALA E 164 -24.48 -20.68 -2.31
CA ALA E 164 -25.09 -21.79 -1.55
C ALA E 164 -24.76 -21.68 -0.08
N LEU E 165 -23.44 -21.63 0.25
CA LEU E 165 -22.98 -21.41 1.62
C LEU E 165 -23.72 -20.24 2.30
N ASN E 166 -23.94 -19.15 1.56
CA ASN E 166 -24.64 -18.03 2.20
C ASN E 166 -26.10 -18.35 2.49
N LYS E 167 -26.76 -19.05 1.58
CA LYS E 167 -28.16 -19.44 1.78
C LYS E 167 -28.30 -20.50 2.89
N GLY E 168 -27.25 -21.31 3.09
CA GLY E 168 -27.29 -22.38 4.06
C GLY E 168 -27.31 -23.75 3.41
N LEU E 169 -26.30 -24.56 3.66
CA LEU E 169 -26.37 -25.93 3.17
C LEU E 169 -27.47 -26.69 3.92
N PRO E 170 -28.37 -27.36 3.23
CA PRO E 170 -29.42 -28.12 3.90
C PRO E 170 -28.94 -29.54 4.25
N ALA E 171 -29.68 -30.15 5.18
CA ALA E 171 -29.28 -31.47 5.71
C ALA E 171 -29.16 -32.50 4.59
N LEU E 172 -28.33 -33.52 4.86
CA LEU E 172 -27.92 -34.51 3.86
C LEU E 172 -29.09 -35.34 3.32
N LYS E 173 -30.20 -35.43 4.04
CA LYS E 173 -31.38 -36.09 3.48
C LYS E 173 -32.03 -35.27 2.38
N GLU E 174 -31.79 -33.96 2.36
CA GLU E 174 -32.48 -33.04 1.48
C GLU E 174 -31.85 -33.10 0.10
N ASN E 175 -32.66 -33.30 -0.94
CA ASN E 175 -32.11 -33.42 -2.29
C ASN E 175 -32.70 -32.49 -3.33
N ASN E 176 -33.81 -31.81 -3.06
CA ASN E 176 -34.44 -30.96 -4.06
C ASN E 176 -34.17 -29.49 -3.80
N GLY E 177 -33.28 -29.18 -2.87
CA GLY E 177 -33.00 -27.79 -2.59
C GLY E 177 -32.37 -27.13 -3.82
N THR E 178 -32.79 -25.90 -4.08
CA THR E 178 -32.23 -25.14 -5.19
C THR E 178 -31.74 -23.78 -4.73
N VAL E 179 -30.89 -23.18 -5.53
CA VAL E 179 -30.44 -21.81 -5.26
C VAL E 179 -30.36 -21.02 -6.56
N SER E 180 -30.75 -19.75 -6.50
CA SER E 180 -30.52 -18.80 -7.60
C SER E 180 -29.14 -18.18 -7.47
N VAL E 181 -28.44 -18.09 -8.59
CA VAL E 181 -27.08 -17.56 -8.62
C VAL E 181 -26.96 -16.50 -9.71
N THR E 182 -26.21 -15.44 -9.42
CA THR E 182 -26.02 -14.37 -10.38
C THR E 182 -24.60 -13.84 -10.36
N TYR E 183 -23.97 -13.71 -11.53
CA TYR E 183 -22.61 -13.19 -11.55
C TYR E 183 -22.35 -12.45 -12.87
N THR E 184 -21.44 -11.46 -12.81
CA THR E 184 -21.09 -10.64 -13.97
C THR E 184 -19.59 -10.56 -14.18
N TYR E 185 -19.17 -10.49 -15.44
CA TYR E 185 -17.81 -10.08 -15.75
C TYR E 185 -17.81 -8.97 -16.82
N THR E 186 -16.67 -8.26 -16.96
CA THR E 186 -16.52 -7.20 -17.96
C THR E 186 -15.31 -7.47 -18.86
N CYS E 187 -15.41 -7.03 -20.11
CA CYS E 187 -14.31 -7.09 -21.07
C CYS E 187 -14.09 -5.70 -21.61
N SER E 188 -12.83 -5.27 -21.63
CA SER E 188 -12.47 -4.00 -22.21
C SER E 188 -11.13 -4.14 -22.92
N GLY E 189 -10.78 -3.13 -23.71
CA GLY E 189 -9.56 -3.19 -24.48
C GLY E 189 -9.78 -3.74 -25.87
N GLU E 190 -9.00 -3.23 -26.83
CA GLU E 190 -9.17 -3.56 -28.24
C GLU E 190 -8.84 -5.03 -28.47
N GLY E 191 -9.66 -5.71 -29.27
CA GLY E 191 -9.40 -7.09 -29.63
C GLY E 191 -9.79 -8.10 -28.57
N ASN E 192 -10.34 -7.66 -27.45
CA ASN E 192 -10.89 -8.58 -26.48
C ASN E 192 -12.16 -9.23 -27.00
N ASP E 193 -12.12 -10.55 -27.15
CA ASP E 193 -13.26 -11.36 -27.58
C ASP E 193 -13.83 -12.24 -26.49
N ASN E 194 -13.34 -12.11 -25.24
CA ASN E 194 -13.86 -12.89 -24.13
C ASN E 194 -15.34 -12.60 -23.86
N CYS E 195 -15.92 -11.58 -24.47
CA CYS E 195 -17.33 -11.25 -24.32
C CYS E 195 -18.10 -11.34 -25.62
N SER E 196 -17.51 -11.92 -26.66
CA SER E 196 -18.13 -11.81 -27.97
C SER E 196 -19.43 -12.61 -28.01
N LYS E 197 -20.20 -12.38 -29.06
CA LYS E 197 -21.42 -13.15 -29.24
C LYS E 197 -21.12 -14.65 -29.33
N LYS E 198 -19.89 -15.00 -29.67
CA LYS E 198 -19.44 -16.39 -29.73
C LYS E 198 -19.01 -16.88 -28.37
N ALA E 199 -18.38 -16.02 -27.57
CA ALA E 199 -18.03 -16.42 -26.22
C ALA E 199 -19.27 -16.75 -25.40
N THR E 200 -20.24 -15.84 -25.38
CA THR E 200 -21.41 -15.99 -24.52
C THR E 200 -22.50 -16.83 -25.16
N GLY E 201 -22.48 -16.95 -26.49
CA GLY E 201 -23.44 -17.73 -27.27
C GLY E 201 -24.73 -17.00 -27.58
N VAL E 202 -24.78 -15.71 -27.28
CA VAL E 202 -25.98 -14.90 -27.35
C VAL E 202 -26.24 -14.36 -28.74
N SER E 203 -27.45 -13.80 -28.93
CA SER E 203 -27.94 -13.33 -30.23
C SER E 203 -27.09 -12.22 -30.84
N ASP E 204 -26.62 -11.27 -30.01
CA ASP E 204 -25.83 -10.14 -30.48
C ASP E 204 -25.10 -9.54 -29.30
N GLN E 205 -23.80 -9.25 -29.46
CA GLN E 205 -23.00 -8.71 -28.36
C GLN E 205 -23.61 -7.43 -27.78
N ASN E 206 -24.19 -6.58 -28.63
CA ASN E 206 -24.75 -5.32 -28.18
C ASN E 206 -26.22 -5.53 -27.81
N GLY E 207 -26.47 -5.76 -26.52
CA GLY E 207 -27.83 -5.81 -26.00
C GLY E 207 -28.56 -7.15 -26.00
N GLY E 208 -27.94 -8.24 -26.44
CA GLY E 208 -28.68 -9.46 -26.61
C GLY E 208 -28.82 -10.25 -25.33
N THR E 209 -29.71 -11.24 -25.36
CA THR E 209 -29.98 -12.09 -24.21
C THR E 209 -30.50 -13.44 -24.70
N LYS E 210 -30.20 -14.46 -23.92
CA LYS E 210 -30.58 -15.84 -24.21
C LYS E 210 -30.95 -16.65 -22.98
N THR E 211 -32.11 -17.31 -23.03
CA THR E 211 -32.54 -18.16 -21.93
C THR E 211 -32.70 -19.62 -22.35
N LYS E 212 -31.99 -20.52 -21.68
CA LYS E 212 -32.14 -21.96 -21.80
C LYS E 212 -32.43 -22.57 -20.43
N THR E 213 -33.46 -23.40 -20.38
CA THR E 213 -33.77 -24.20 -19.21
C THR E 213 -33.79 -25.66 -19.66
N GLN E 214 -32.79 -26.44 -19.25
CA GLN E 214 -32.68 -27.83 -19.68
C GLN E 214 -32.34 -28.78 -18.53
N THR E 215 -32.80 -30.02 -18.67
CA THR E 215 -32.50 -31.13 -17.76
C THR E 215 -31.20 -31.79 -18.19
N ILE E 216 -30.11 -31.54 -17.47
CA ILE E 216 -28.87 -32.28 -17.65
C ILE E 216 -28.71 -33.23 -16.47
N ASP E 217 -28.66 -34.53 -16.77
CA ASP E 217 -28.39 -35.57 -15.76
C ASP E 217 -29.53 -35.50 -14.73
N GLY E 218 -29.27 -35.08 -13.50
CA GLY E 218 -30.32 -35.01 -12.52
C GLY E 218 -31.37 -33.93 -12.80
N LYS E 219 -30.96 -32.65 -12.94
CA LYS E 219 -31.87 -31.56 -12.61
C LYS E 219 -32.00 -30.48 -13.69
N THR E 220 -33.06 -29.67 -13.51
CA THR E 220 -33.50 -28.65 -14.45
C THR E 220 -32.97 -27.29 -14.02
N VAL E 221 -32.06 -26.75 -14.82
CA VAL E 221 -31.29 -25.55 -14.49
C VAL E 221 -31.56 -24.51 -15.58
N THR E 222 -31.94 -23.30 -15.16
CA THR E 222 -32.27 -22.24 -16.11
C THR E 222 -31.09 -21.29 -16.23
N THR E 223 -30.70 -21.00 -17.46
CA THR E 223 -29.56 -20.11 -17.73
C THR E 223 -30.05 -18.94 -18.56
N THR E 224 -30.00 -17.75 -17.98
CA THR E 224 -30.19 -16.52 -18.74
C THR E 224 -28.85 -15.80 -18.79
N ILE E 225 -28.29 -15.68 -19.99
CA ILE E 225 -27.10 -14.89 -20.27
C ILE E 225 -27.55 -13.61 -20.97
N SER E 226 -27.00 -12.48 -20.55
CA SER E 226 -27.36 -11.21 -21.20
C SER E 226 -26.11 -10.36 -21.35
N SER E 227 -26.04 -9.67 -22.49
CA SER E 227 -24.85 -8.93 -22.90
C SER E 227 -25.21 -7.46 -23.09
N LYS E 228 -24.40 -6.58 -22.50
CA LYS E 228 -24.67 -5.14 -22.53
C LYS E 228 -23.36 -4.40 -22.78
N VAL E 229 -23.30 -3.65 -23.88
CA VAL E 229 -22.15 -2.82 -24.22
C VAL E 229 -22.35 -1.45 -23.59
N VAL E 230 -21.35 -0.97 -22.88
CA VAL E 230 -21.37 0.39 -22.37
C VAL E 230 -20.38 1.21 -23.19
N ASP E 231 -20.88 2.26 -23.85
CA ASP E 231 -20.03 3.00 -24.76
C ASP E 231 -19.17 3.99 -23.99
N SER E 232 -17.95 4.21 -24.53
CA SER E 232 -16.93 5.02 -23.87
C SER E 232 -17.45 6.38 -23.43
N GLN E 233 -18.29 7.01 -24.26
CA GLN E 233 -18.79 8.34 -23.96
C GLN E 233 -20.18 8.33 -23.39
N ALA E 234 -20.61 7.20 -22.82
CA ALA E 234 -21.92 7.08 -22.19
C ALA E 234 -21.94 7.80 -20.84
N LYS E 235 -23.07 8.41 -20.54
CA LYS E 235 -23.19 9.14 -19.29
C LYS E 235 -23.21 8.14 -18.13
N GLY E 236 -22.35 8.38 -17.15
CA GLY E 236 -22.22 7.46 -16.02
C GLY E 236 -20.99 6.59 -16.06
N ASN E 237 -20.46 6.33 -17.27
CA ASN E 237 -19.24 5.53 -17.42
C ASN E 237 -18.07 6.33 -16.86
N THR E 238 -17.64 6.01 -15.63
CA THR E 238 -16.56 6.78 -15.00
C THR E 238 -15.25 6.53 -15.72
N THR E 239 -15.02 5.30 -16.18
CA THR E 239 -13.94 5.10 -17.12
C THR E 239 -14.37 5.78 -18.41
N ARG E 240 -13.44 5.91 -19.33
CA ARG E 240 -13.71 6.59 -20.59
C ARG E 240 -13.31 5.69 -21.72
N VAL E 241 -13.48 4.39 -21.48
CA VAL E 241 -13.18 3.33 -22.43
C VAL E 241 -14.42 2.45 -22.48
N SER E 242 -14.88 2.14 -23.69
CA SER E 242 -16.00 1.23 -23.84
C SER E 242 -15.67 -0.15 -23.27
N TYR E 243 -16.72 -0.84 -22.81
CA TYR E 243 -16.61 -2.19 -22.28
C TYR E 243 -17.92 -2.95 -22.47
N THR E 244 -17.85 -4.25 -22.18
CA THR E 244 -18.97 -5.16 -22.37
C THR E 244 -19.24 -5.84 -21.04
N GLU E 245 -20.49 -5.76 -20.54
CA GLU E 245 -20.85 -6.46 -19.30
C GLU E 245 -21.72 -7.66 -19.61
N ILE E 246 -21.26 -8.85 -19.23
CA ILE E 246 -22.04 -10.09 -19.37
C ILE E 246 -22.65 -10.42 -18.01
N THR E 247 -23.97 -10.61 -17.98
CA THR E 247 -24.65 -11.10 -16.77
C THR E 247 -25.09 -12.55 -16.96
N ASN E 248 -24.72 -13.41 -16.02
CA ASN E 248 -25.22 -14.79 -15.95
C ASN E 248 -26.14 -14.96 -14.73
N LYS E 249 -27.40 -15.34 -15.00
CA LYS E 249 -28.37 -15.66 -13.96
C LYS E 249 -28.82 -17.11 -14.10
N LEU E 250 -28.48 -17.93 -13.11
CA LEU E 250 -28.83 -19.35 -13.09
C LEU E 250 -29.91 -19.57 -12.04
N ASP E 251 -31.05 -20.15 -12.43
CA ASP E 251 -32.06 -20.53 -11.46
C ASP E 251 -32.17 -22.05 -11.32
N GLY E 252 -32.61 -22.47 -10.14
CA GLY E 252 -32.72 -23.89 -9.82
C GLY E 252 -31.43 -24.68 -9.71
N VAL E 253 -30.35 -24.04 -9.28
CA VAL E 253 -29.08 -24.72 -9.08
C VAL E 253 -29.16 -25.58 -7.82
N PRO E 254 -28.80 -26.86 -7.88
CA PRO E 254 -28.93 -27.69 -6.68
C PRO E 254 -28.03 -27.17 -5.57
N ASP E 255 -28.59 -27.10 -4.37
CA ASP E 255 -27.88 -26.74 -3.18
C ASP E 255 -27.99 -27.94 -2.24
N SER E 256 -27.53 -29.08 -2.73
CA SER E 256 -27.43 -30.30 -1.93
C SER E 256 -25.99 -30.55 -1.53
N ALA E 257 -25.82 -31.44 -0.56
CA ALA E 257 -24.48 -31.84 -0.13
C ALA E 257 -23.70 -32.45 -1.29
N GLN E 258 -24.35 -33.32 -2.06
CA GLN E 258 -23.61 -33.95 -3.15
C GLN E 258 -23.30 -32.96 -4.26
N ALA E 259 -24.25 -32.07 -4.56
CA ALA E 259 -24.08 -31.06 -5.62
C ALA E 259 -22.90 -30.14 -5.33
N LEU E 260 -22.88 -29.51 -4.15
CA LEU E 260 -21.80 -28.60 -3.79
C LEU E 260 -20.45 -29.29 -3.77
N LEU E 261 -20.38 -30.51 -3.24
CA LEU E 261 -19.11 -31.23 -3.26
C LEU E 261 -18.57 -31.37 -4.68
N ALA E 262 -19.45 -31.47 -5.66
CA ALA E 262 -18.99 -31.52 -7.04
C ALA E 262 -18.44 -30.15 -7.50
N GLN E 263 -19.09 -29.05 -7.10
CA GLN E 263 -18.59 -27.72 -7.45
C GLN E 263 -17.19 -27.50 -6.89
N ALA E 264 -16.99 -27.83 -5.62
CA ALA E 264 -15.67 -27.72 -5.00
C ALA E 264 -14.67 -28.57 -5.73
N SER E 265 -15.10 -29.73 -6.22
CA SER E 265 -14.18 -30.57 -6.96
C SER E 265 -13.78 -29.90 -8.27
N THR E 266 -14.73 -29.26 -8.97
CA THR E 266 -14.39 -28.45 -10.14
C THR E 266 -13.50 -27.28 -9.75
N LEU E 267 -13.81 -26.62 -8.65
CA LEU E 267 -12.95 -25.53 -8.19
C LEU E 267 -11.53 -26.03 -7.97
N ILE E 268 -11.30 -26.94 -7.05
CA ILE E 268 -9.91 -27.29 -6.74
C ILE E 268 -9.22 -27.95 -7.93
N ASN E 269 -9.96 -28.64 -8.78
CA ASN E 269 -9.32 -29.39 -9.85
C ASN E 269 -8.97 -28.51 -11.04
N THR E 270 -9.79 -27.49 -11.30
CA THR E 270 -9.39 -26.47 -12.27
C THR E 270 -8.10 -25.79 -11.80
N ILE E 271 -8.05 -25.40 -10.51
CA ILE E 271 -6.83 -24.82 -9.96
C ILE E 271 -5.65 -25.75 -10.20
N ASN E 272 -5.78 -27.00 -9.79
CA ASN E 272 -4.62 -27.90 -9.81
C ASN E 272 -4.20 -28.27 -11.23
N THR E 273 -5.14 -28.33 -12.17
CA THR E 273 -4.83 -28.76 -13.53
C THR E 273 -4.29 -27.62 -14.39
N ALA E 274 -4.92 -26.44 -14.31
CA ALA E 274 -4.35 -25.25 -14.93
C ALA E 274 -2.94 -24.97 -14.40
N CYS E 275 -2.76 -25.09 -13.07
CA CYS E 275 -1.49 -24.89 -12.37
C CYS E 275 -0.85 -23.56 -12.80
N PRO E 276 -1.52 -22.43 -12.58
CA PRO E 276 -0.97 -21.14 -13.02
C PRO E 276 0.09 -20.60 -12.10
N TYR E 277 0.84 -19.63 -12.63
CA TYR E 277 1.88 -18.92 -11.90
C TYR E 277 1.23 -17.99 -10.87
N PHE E 278 1.87 -17.82 -9.73
CA PHE E 278 1.35 -16.92 -8.72
C PHE E 278 2.48 -16.09 -8.14
N SER E 279 2.14 -14.94 -7.59
CA SER E 279 3.16 -14.12 -6.92
C SER E 279 2.49 -13.38 -5.77
N VAL E 280 2.82 -13.77 -4.60
CA VAL E 280 2.17 -13.32 -3.37
C VAL E 280 2.66 -11.93 -3.02
N THR E 281 1.81 -11.19 -2.31
CA THR E 281 2.13 -9.85 -1.82
C THR E 281 2.02 -9.93 -0.31
N ASN E 282 3.14 -10.26 0.34
CA ASN E 282 3.11 -10.41 1.78
C ASN E 282 2.90 -9.06 2.44
N LYS E 283 2.01 -9.03 3.42
CA LYS E 283 1.84 -7.88 4.28
C LYS E 283 3.08 -7.69 5.15
N SER E 284 3.23 -6.50 5.71
CA SER E 284 4.28 -6.25 6.68
C SER E 284 3.83 -6.79 8.04
N GLY E 285 4.46 -7.86 8.52
CA GLY E 285 4.07 -8.41 9.82
C GLY E 285 2.87 -9.34 9.78
N GLY E 286 3.04 -10.57 10.26
CA GLY E 286 1.95 -11.51 10.29
C GLY E 286 2.43 -12.84 9.75
N PRO E 287 1.52 -13.70 9.33
CA PRO E 287 1.93 -14.97 8.72
C PRO E 287 2.58 -14.64 7.38
N GLN E 288 3.87 -14.90 7.22
CA GLN E 288 4.56 -14.80 5.93
C GLN E 288 4.29 -16.03 5.07
N MET E 289 3.81 -15.82 3.85
CA MET E 289 3.46 -16.98 3.06
C MET E 289 4.69 -17.59 2.40
N GLU E 290 4.69 -18.91 2.33
CA GLU E 290 5.80 -19.67 1.81
C GLU E 290 5.29 -20.74 0.84
N PRO E 291 5.81 -20.79 -0.39
CA PRO E 291 6.80 -19.88 -0.95
C PRO E 291 6.09 -18.59 -1.34
N THR E 292 6.92 -17.68 -1.83
CA THR E 292 6.45 -16.37 -2.23
C THR E 292 5.94 -16.32 -3.66
N ARG E 293 6.47 -17.14 -4.56
CA ARG E 293 5.99 -17.16 -5.93
C ARG E 293 6.21 -18.55 -6.53
N GLY E 294 5.38 -18.91 -7.51
CA GLY E 294 5.57 -20.15 -8.25
C GLY E 294 4.32 -20.65 -8.98
N LYS E 295 4.14 -21.98 -9.11
CA LYS E 295 2.94 -22.55 -9.73
C LYS E 295 2.01 -23.01 -8.62
N LEU E 296 0.69 -22.94 -8.89
CA LEU E 296 -0.29 -23.23 -7.84
C LEU E 296 -0.31 -24.70 -7.45
N CYS E 297 -0.28 -25.60 -8.45
CA CYS E 297 -0.24 -27.03 -8.12
C CYS E 297 0.97 -27.39 -7.26
N GLY E 298 1.97 -26.50 -7.17
CA GLY E 298 3.08 -26.58 -6.26
C GLY E 298 2.70 -26.69 -4.79
N PHE E 299 1.44 -26.43 -4.45
CA PHE E 299 0.86 -26.75 -3.14
C PHE E 299 0.29 -28.17 -3.11
N THR E 300 1.19 -29.13 -3.34
CA THR E 300 0.77 -30.52 -3.44
C THR E 300 0.15 -31.02 -2.14
N GLU E 301 0.79 -30.72 -1.01
CA GLU E 301 0.30 -31.16 0.29
C GLU E 301 -1.11 -30.64 0.56
N GLU E 302 -1.38 -29.38 0.16
CA GLU E 302 -2.67 -28.75 0.45
C GLU E 302 -3.73 -29.19 -0.55
N ILE E 303 -3.37 -29.29 -1.83
CA ILE E 303 -4.35 -29.70 -2.84
C ILE E 303 -4.76 -31.16 -2.61
N SER E 304 -3.80 -32.03 -2.27
CA SER E 304 -4.13 -33.42 -1.93
C SER E 304 -5.08 -33.47 -0.74
N ALA E 305 -4.74 -32.75 0.33
CA ALA E 305 -5.57 -32.69 1.52
C ALA E 305 -7.01 -32.35 1.19
N ILE E 306 -7.22 -31.30 0.40
CA ILE E 306 -8.57 -30.86 0.06
C ILE E 306 -9.24 -31.87 -0.84
N GLN E 307 -8.51 -32.44 -1.79
CA GLN E 307 -9.10 -33.45 -2.64
C GLN E 307 -9.47 -34.70 -1.84
N LYS E 308 -8.61 -35.08 -0.90
CA LYS E 308 -8.92 -36.23 -0.04
C LYS E 308 -10.16 -35.93 0.79
N MET E 309 -10.27 -34.69 1.27
CA MET E 309 -11.43 -34.28 2.03
C MET E 309 -12.69 -34.40 1.19
N ILE E 310 -12.60 -34.00 -0.08
CA ILE E 310 -13.76 -34.10 -0.96
C ILE E 310 -14.02 -35.55 -1.35
N THR E 311 -12.98 -36.30 -1.71
CA THR E 311 -13.16 -37.72 -1.97
C THR E 311 -13.82 -38.42 -0.77
N ASP E 312 -13.35 -38.14 0.44
CA ASP E 312 -13.94 -38.79 1.61
C ASP E 312 -15.33 -38.25 1.93
N ALA E 313 -15.57 -36.96 1.73
CA ALA E 313 -16.91 -36.43 2.01
C ALA E 313 -17.93 -36.84 0.97
N GLN E 314 -17.48 -37.09 -0.26
CA GLN E 314 -18.38 -37.64 -1.26
C GLN E 314 -18.83 -39.04 -0.86
N GLU E 315 -17.88 -39.91 -0.47
CA GLU E 315 -18.26 -41.24 -0.03
C GLU E 315 -19.10 -41.21 1.25
N LEU E 316 -18.79 -40.31 2.18
CA LEU E 316 -19.67 -40.11 3.34
C LEU E 316 -21.11 -39.87 2.91
N VAL E 317 -21.29 -38.95 1.96
CA VAL E 317 -22.62 -38.65 1.43
C VAL E 317 -23.19 -39.87 0.70
N ASN E 318 -22.31 -40.69 0.14
CA ASN E 318 -22.76 -41.85 -0.63
C ASN E 318 -23.42 -42.92 0.27
N GLN E 319 -23.16 -42.88 1.58
CA GLN E 319 -23.74 -43.81 2.54
C GLN E 319 -25.15 -43.40 2.92
N THR E 320 -25.59 -42.21 2.53
CA THR E 320 -26.92 -41.72 2.89
C THR E 320 -28.01 -42.63 2.37
N SER E 321 -27.87 -43.07 1.13
CA SER E 321 -28.93 -43.84 0.48
C SER E 321 -29.02 -45.24 1.05
N VAL E 322 -27.88 -45.80 1.48
CA VAL E 322 -27.90 -47.07 2.18
C VAL E 322 -28.79 -46.97 3.42
N ILE E 323 -28.62 -45.89 4.19
CA ILE E 323 -29.44 -45.68 5.38
C ILE E 323 -30.91 -45.60 5.03
N ASN E 324 -31.24 -44.83 3.99
CA ASN E 324 -32.65 -44.71 3.61
C ASN E 324 -33.24 -46.03 3.12
N GLU E 325 -32.44 -46.85 2.44
CA GLU E 325 -32.96 -48.05 1.82
C GLU E 325 -33.09 -49.22 2.80
N HIS E 326 -32.47 -49.11 3.97
CA HIS E 326 -32.55 -50.10 5.04
C HIS E 326 -33.04 -49.39 6.30
N GLU E 327 -34.19 -48.77 6.11
CA GLU E 327 -35.03 -48.23 7.16
C GLU E 327 -35.24 -49.27 8.29
N GLN E 328 -35.20 -48.81 9.58
CA GLN E 328 -35.29 -49.66 10.78
C GLN E 328 -36.47 -49.36 11.72
N SER E 329 -37.68 -49.16 11.21
CA SER E 329 -38.75 -48.68 12.09
C SER E 329 -39.94 -49.61 12.21
N THR E 330 -40.15 -50.52 11.24
CA THR E 330 -41.18 -51.52 11.45
C THR E 330 -40.67 -52.49 12.52
N PRO E 331 -41.51 -52.89 13.45
CA PRO E 331 -41.11 -53.80 14.52
C PRO E 331 -41.04 -55.25 14.04
N VAL E 332 -40.57 -56.13 14.93
CA VAL E 332 -40.40 -57.55 14.60
C VAL E 332 -40.85 -58.41 15.79
N GLY E 333 -41.39 -59.60 15.48
CA GLY E 333 -41.78 -60.55 16.52
C GLY E 333 -42.42 -61.83 16.00
N PRO E 339 -43.69 -65.78 21.06
CA PRO E 339 -42.83 -66.73 20.35
C PRO E 339 -41.93 -66.05 19.31
N PHE E 340 -40.70 -65.66 19.66
CA PHE E 340 -39.79 -64.97 18.75
C PHE E 340 -38.50 -65.76 18.63
N ASN E 341 -38.20 -66.21 17.41
CA ASN E 341 -37.12 -67.15 17.15
C ASN E 341 -35.97 -66.50 16.39
N PRO E 342 -34.77 -66.43 16.97
CA PRO E 342 -33.64 -65.80 16.25
C PRO E 342 -33.28 -66.50 14.96
N PHE E 343 -33.45 -67.82 14.90
CA PHE E 343 -33.03 -68.65 13.79
C PHE E 343 -33.95 -68.57 12.59
N THR E 344 -35.19 -68.09 12.76
CA THR E 344 -36.25 -68.15 11.75
C THR E 344 -36.89 -66.81 11.44
N ASP E 345 -37.16 -65.98 12.45
CA ASP E 345 -37.97 -64.79 12.29
C ASP E 345 -37.13 -63.55 12.00
N ALA E 346 -35.91 -63.71 11.52
CA ALA E 346 -34.97 -62.59 11.57
C ALA E 346 -34.33 -62.31 10.21
N SER E 347 -35.08 -62.41 9.11
CA SER E 347 -34.49 -62.14 7.82
C SER E 347 -34.22 -60.65 7.62
N PHE E 348 -34.80 -59.81 8.49
CA PHE E 348 -34.51 -58.37 8.50
C PHE E 348 -33.10 -58.11 8.98
N ALA E 349 -32.45 -59.10 9.58
CA ALA E 349 -31.19 -58.82 10.26
C ALA E 349 -30.16 -58.24 9.31
N GLN E 350 -30.11 -58.75 8.08
CA GLN E 350 -29.20 -58.21 7.07
C GLN E 350 -29.45 -56.72 6.83
N GLY E 351 -30.73 -56.33 6.74
CA GLY E 351 -31.04 -54.92 6.52
C GLY E 351 -30.62 -54.04 7.67
N MET E 352 -30.77 -54.52 8.90
CA MET E 352 -30.27 -53.79 10.06
C MET E 352 -28.74 -53.73 10.04
N LEU E 353 -28.10 -54.76 9.50
CA LEU E 353 -26.64 -54.80 9.48
C LEU E 353 -26.08 -53.81 8.47
N ALA E 354 -26.75 -53.69 7.34
CA ALA E 354 -26.37 -52.71 6.34
C ALA E 354 -26.51 -51.29 6.88
N ASN E 355 -27.57 -51.04 7.65
CA ASN E 355 -27.83 -49.71 8.20
C ASN E 355 -26.77 -49.30 9.24
N ALA E 356 -26.51 -50.15 10.23
CA ALA E 356 -25.53 -49.82 11.25
C ALA E 356 -24.15 -49.57 10.64
N SER E 357 -23.77 -50.40 9.66
CA SER E 357 -22.47 -50.24 9.01
C SER E 357 -22.38 -48.94 8.23
N ALA E 358 -23.47 -48.56 7.56
CA ALA E 358 -23.51 -47.26 6.91
C ALA E 358 -23.24 -46.15 7.91
N GLN E 359 -24.03 -46.12 8.99
CA GLN E 359 -23.89 -45.09 10.02
C GLN E 359 -22.47 -45.06 10.58
N ALA E 360 -21.88 -46.23 10.80
CA ALA E 360 -20.51 -46.26 11.30
C ALA E 360 -19.54 -45.69 10.28
N LYS E 361 -19.76 -46.01 9.00
CA LYS E 361 -18.86 -45.54 7.96
C LYS E 361 -18.97 -44.03 7.80
N MET E 362 -20.19 -43.49 7.87
CA MET E 362 -20.36 -42.05 7.83
C MET E 362 -19.61 -41.36 8.98
N LEU E 363 -19.62 -41.97 10.17
CA LEU E 363 -18.96 -41.35 11.31
C LEU E 363 -17.44 -41.35 11.12
N ASN E 364 -16.88 -42.49 10.72
CA ASN E 364 -15.43 -42.57 10.50
C ASN E 364 -14.97 -41.67 9.36
N LEU E 365 -15.73 -41.61 8.27
CA LEU E 365 -15.36 -40.73 7.18
C LEU E 365 -15.37 -39.29 7.67
N ALA E 366 -16.43 -38.88 8.37
CA ALA E 366 -16.47 -37.55 8.96
C ALA E 366 -15.22 -37.27 9.78
N HIS E 367 -14.88 -38.18 10.67
CA HIS E 367 -13.70 -37.96 11.48
C HIS E 367 -12.44 -37.87 10.63
N GLN E 368 -12.39 -38.59 9.51
CA GLN E 368 -11.23 -38.56 8.63
C GLN E 368 -11.10 -37.21 7.92
N VAL E 369 -12.20 -36.70 7.35
CA VAL E 369 -12.20 -35.40 6.72
C VAL E 369 -11.61 -34.40 7.70
N GLY E 370 -12.16 -34.37 8.92
CA GLY E 370 -11.63 -33.48 9.93
C GLY E 370 -10.14 -33.68 10.15
N GLN E 371 -9.71 -34.92 10.18
CA GLN E 371 -8.32 -35.20 10.52
C GLN E 371 -7.36 -34.84 9.40
N THR E 372 -7.82 -34.71 8.16
CA THR E 372 -6.93 -34.36 7.06
C THR E 372 -6.41 -32.93 7.14
N ILE E 373 -7.16 -32.03 7.77
CA ILE E 373 -6.84 -30.62 7.73
C ILE E 373 -6.60 -30.05 9.13
N ASN E 374 -6.74 -30.87 10.16
CA ASN E 374 -6.70 -30.34 11.52
C ASN E 374 -5.28 -29.95 11.89
N PRO E 375 -4.99 -28.66 12.13
CA PRO E 375 -3.60 -28.23 12.34
C PRO E 375 -2.92 -28.88 13.53
N ASP E 376 -3.69 -29.47 14.47
CA ASP E 376 -3.08 -30.24 15.55
C ASP E 376 -2.22 -31.38 15.03
N ASN E 377 -2.58 -31.93 13.86
CA ASN E 377 -1.84 -33.05 13.29
C ASN E 377 -0.88 -32.71 12.16
N LEU E 378 -0.83 -31.46 11.71
CA LEU E 378 -0.07 -31.09 10.53
C LEU E 378 1.31 -30.58 10.92
N THR E 379 2.22 -30.58 9.95
CA THR E 379 3.61 -30.21 10.20
C THR E 379 4.05 -29.12 9.22
N GLY E 380 5.12 -28.42 9.59
CA GLY E 380 5.90 -27.61 8.67
C GLY E 380 5.10 -26.61 7.86
N THR E 381 5.33 -26.61 6.54
CA THR E 381 4.73 -25.60 5.68
C THR E 381 3.21 -25.73 5.66
N PHE E 382 2.69 -26.97 5.62
CA PHE E 382 1.24 -27.20 5.55
C PHE E 382 0.53 -26.64 6.78
N LYS E 383 1.13 -26.77 7.95
CA LYS E 383 0.45 -26.26 9.14
C LYS E 383 0.42 -24.74 9.13
N ASN E 384 1.56 -24.11 8.81
CA ASN E 384 1.58 -22.65 8.72
C ASN E 384 0.56 -22.12 7.74
N PHE E 385 0.46 -22.76 6.57
CA PHE E 385 -0.56 -22.41 5.60
C PHE E 385 -1.96 -22.45 6.23
N VAL E 386 -2.20 -23.41 7.13
CA VAL E 386 -3.54 -23.59 7.66
C VAL E 386 -3.80 -22.63 8.82
N THR E 387 -2.88 -22.54 9.77
CA THR E 387 -3.13 -21.66 10.90
C THR E 387 -2.92 -20.20 10.57
N GLY E 388 -2.02 -19.90 9.63
CA GLY E 388 -1.75 -18.51 9.32
C GLY E 388 -2.70 -17.94 8.29
N PHE E 389 -3.33 -18.79 7.48
CA PHE E 389 -4.09 -18.28 6.35
C PHE E 389 -5.46 -18.90 6.17
N LEU E 390 -5.50 -20.22 5.91
CA LEU E 390 -6.76 -20.84 5.51
C LEU E 390 -7.79 -20.69 6.61
N ALA E 391 -7.36 -20.78 7.87
CA ALA E 391 -8.27 -20.66 9.00
C ALA E 391 -8.23 -19.25 9.60
N THR E 392 -8.50 -18.25 8.75
CA THR E 392 -8.51 -16.84 9.14
C THR E 392 -9.52 -16.09 8.28
N CYS E 393 -9.99 -14.95 8.78
CA CYS E 393 -10.76 -14.05 7.93
C CYS E 393 -10.31 -12.59 8.13
N ASN E 394 -9.85 -11.96 7.04
CA ASN E 394 -9.41 -10.57 7.13
C ASN E 394 -10.52 -9.55 6.89
N ASN E 395 -11.77 -9.98 6.75
CA ASN E 395 -12.85 -9.01 6.82
C ASN E 395 -12.91 -8.44 8.24
N LYS E 396 -13.63 -7.36 8.41
CA LYS E 396 -13.84 -6.75 9.74
C LYS E 396 -12.49 -6.28 10.35
N SER E 407 -19.83 -10.43 8.97
CA SER E 407 -19.33 -11.22 7.84
C SER E 407 -19.96 -12.63 7.71
N PRO E 408 -21.17 -12.69 7.15
CA PRO E 408 -21.85 -13.99 6.86
C PRO E 408 -21.02 -14.89 5.95
N PRO E 409 -21.37 -16.17 5.85
CA PRO E 409 -20.62 -17.03 4.92
C PRO E 409 -20.87 -16.67 3.47
N GLY E 410 -19.87 -16.91 2.63
CA GLY E 410 -19.97 -16.50 1.23
C GLY E 410 -19.89 -15.01 0.98
N THR E 411 -19.20 -14.27 1.85
CA THR E 411 -19.10 -12.82 1.77
C THR E 411 -17.72 -12.37 1.28
N VAL E 412 -17.69 -11.67 0.15
CA VAL E 412 -16.44 -11.18 -0.42
C VAL E 412 -16.30 -9.70 -0.10
N THR E 413 -15.18 -9.32 0.51
CA THR E 413 -14.85 -7.91 0.71
C THR E 413 -13.48 -7.57 0.13
N THR E 414 -13.18 -6.26 0.12
CA THR E 414 -11.88 -5.84 -0.39
C THR E 414 -10.73 -6.43 0.44
N GLN E 415 -11.01 -6.91 1.65
CA GLN E 415 -10.03 -7.47 2.56
C GLN E 415 -10.04 -8.98 2.60
N THR E 416 -10.78 -9.64 1.72
CA THR E 416 -10.86 -11.09 1.84
C THR E 416 -9.60 -11.79 1.32
N PHE E 417 -8.96 -11.23 0.28
CA PHE E 417 -7.77 -11.86 -0.30
C PHE E 417 -6.76 -12.26 0.78
N ALA E 418 -6.12 -13.43 0.60
CA ALA E 418 -5.01 -13.93 1.42
C ALA E 418 -5.44 -14.43 2.80
N SER E 419 -6.69 -14.81 2.95
CA SER E 419 -7.21 -15.36 4.17
C SER E 419 -8.34 -16.25 3.70
N GLY E 420 -8.64 -17.30 4.48
CA GLY E 420 -9.62 -18.27 4.02
C GLY E 420 -11.03 -17.72 4.05
N CYS E 421 -11.40 -17.04 5.12
CA CYS E 421 -12.77 -16.56 5.30
C CYS E 421 -13.80 -17.61 4.89
N ALA E 422 -13.67 -18.84 5.46
CA ALA E 422 -14.59 -19.91 5.15
C ALA E 422 -15.02 -20.66 6.40
N TYR E 423 -14.98 -19.99 7.55
CA TYR E 423 -15.35 -20.58 8.85
C TYR E 423 -14.65 -21.90 9.10
N VAL E 424 -13.45 -22.07 8.55
CA VAL E 424 -12.75 -23.34 8.66
C VAL E 424 -12.46 -23.69 10.11
N GLU E 425 -11.99 -22.73 10.91
CA GLU E 425 -11.73 -23.06 12.31
C GLU E 425 -13.06 -23.35 13.05
N GLN E 426 -14.07 -22.51 12.81
CA GLN E 426 -15.37 -22.62 13.47
C GLN E 426 -16.03 -23.99 13.22
N THR E 427 -15.86 -24.51 11.99
CA THR E 427 -16.37 -25.79 11.53
C THR E 427 -15.55 -26.96 12.06
N ILE E 428 -14.22 -26.83 12.14
CA ILE E 428 -13.46 -27.90 12.77
C ILE E 428 -13.93 -28.10 14.21
N THR E 429 -14.20 -27.00 14.93
CA THR E 429 -14.77 -27.12 16.27
C THR E 429 -16.18 -27.71 16.23
N ASN E 430 -17.04 -27.17 15.38
CA ASN E 430 -18.40 -27.69 15.25
C ASN E 430 -18.41 -29.17 14.87
N LEU E 431 -17.37 -29.66 14.20
CA LEU E 431 -17.26 -31.09 13.94
C LEU E 431 -16.96 -31.83 15.23
N ASN E 432 -15.94 -31.35 15.96
CA ASN E 432 -15.62 -31.94 17.26
C ASN E 432 -16.80 -31.88 18.22
N ASN E 433 -17.45 -30.72 18.34
CA ASN E 433 -18.61 -30.66 19.23
C ASN E 433 -19.63 -31.71 18.85
N SER E 434 -19.89 -31.87 17.55
CA SER E 434 -20.89 -32.85 17.13
C SER E 434 -20.48 -34.28 17.52
N ILE E 435 -19.20 -34.60 17.39
CA ILE E 435 -18.76 -35.98 17.61
C ILE E 435 -18.81 -36.32 19.10
N ALA E 436 -18.31 -35.42 19.96
CA ALA E 436 -18.42 -35.64 21.40
C ALA E 436 -19.87 -35.71 21.84
N HIS E 437 -20.81 -35.11 21.11
CA HIS E 437 -22.24 -35.28 21.38
C HIS E 437 -22.84 -36.48 20.63
N PHE E 438 -21.99 -37.34 20.07
CA PHE E 438 -22.43 -38.58 19.43
C PHE E 438 -21.97 -39.81 20.21
N GLY E 439 -21.53 -39.63 21.47
CA GLY E 439 -20.95 -40.71 22.24
C GLY E 439 -21.89 -41.89 22.41
N THR E 440 -23.11 -41.61 22.88
CA THR E 440 -24.12 -42.64 23.02
C THR E 440 -24.43 -43.23 21.64
N GLN E 441 -24.89 -42.39 20.72
CA GLN E 441 -25.28 -42.84 19.41
C GLN E 441 -24.23 -43.78 18.81
N GLU E 442 -22.95 -43.51 19.04
CA GLU E 442 -21.92 -44.39 18.49
C GLU E 442 -21.97 -45.77 19.15
N GLN E 443 -22.10 -45.83 20.48
CA GLN E 443 -22.18 -47.13 21.16
C GLN E 443 -23.40 -47.91 20.71
N GLN E 444 -24.54 -47.22 20.58
CA GLN E 444 -25.77 -47.90 20.21
C GLN E 444 -25.70 -48.41 18.78
N ILE E 445 -24.95 -47.72 17.91
CA ILE E 445 -24.72 -48.19 16.54
C ILE E 445 -23.83 -49.42 16.54
N GLN E 446 -22.85 -49.49 17.44
CA GLN E 446 -22.02 -50.70 17.53
C GLN E 446 -22.81 -51.85 18.12
N GLN E 447 -23.58 -51.57 19.19
CA GLN E 447 -24.41 -52.60 19.81
C GLN E 447 -25.41 -53.16 18.81
N ALA E 448 -26.01 -52.28 18.00
CA ALA E 448 -26.93 -52.74 16.98
C ALA E 448 -26.19 -53.42 15.85
N GLU E 449 -24.93 -53.06 15.61
CA GLU E 449 -24.17 -53.76 14.60
C GLU E 449 -23.89 -55.18 15.04
N ASN E 450 -23.58 -55.36 16.33
CA ASN E 450 -23.32 -56.69 16.82
C ASN E 450 -24.59 -57.54 16.87
N ILE E 451 -25.71 -56.97 17.32
CA ILE E 451 -26.94 -57.77 17.40
C ILE E 451 -27.33 -58.26 16.02
N ALA E 452 -27.20 -57.41 15.02
CA ALA E 452 -27.52 -57.80 13.66
C ALA E 452 -26.59 -58.89 13.15
N ASP E 453 -25.31 -58.84 13.53
CA ASP E 453 -24.38 -59.85 13.05
C ASP E 453 -24.64 -61.22 13.66
N THR E 454 -24.95 -61.26 14.96
CA THR E 454 -25.22 -62.55 15.57
C THR E 454 -26.51 -63.18 15.06
N LEU E 455 -27.44 -62.37 14.54
CA LEU E 455 -28.67 -62.91 13.94
C LEU E 455 -28.45 -63.37 12.51
N VAL E 456 -27.50 -62.76 11.80
CA VAL E 456 -27.13 -63.26 10.48
C VAL E 456 -26.43 -64.58 10.63
N ASN E 457 -25.67 -64.76 11.72
CA ASN E 457 -24.98 -66.03 11.94
C ASN E 457 -25.97 -67.15 12.12
N PHE E 458 -27.03 -66.91 12.92
CA PHE E 458 -28.10 -67.89 13.13
C PHE E 458 -28.88 -68.22 11.85
N GLY E 459 -29.04 -67.24 10.94
CA GLY E 459 -29.87 -67.47 9.77
C GLY E 459 -29.24 -68.30 8.67
N SER E 460 -27.91 -68.23 8.54
CA SER E 460 -27.18 -69.02 7.54
C SER E 460 -27.45 -70.52 7.75
N VAL F 2 -2.14 -46.22 19.08
CA VAL F 2 -1.46 -47.51 19.20
C VAL F 2 -1.94 -48.27 20.45
N GLN F 3 -1.76 -47.69 21.64
CA GLN F 3 -2.14 -48.39 22.86
C GLN F 3 -2.65 -47.38 23.89
N LEU F 4 -3.44 -47.88 24.83
CA LEU F 4 -4.11 -47.11 25.86
C LEU F 4 -4.08 -47.88 27.16
N GLN F 5 -3.92 -47.17 28.27
CA GLN F 5 -3.92 -47.86 29.55
C GLN F 5 -4.63 -47.01 30.59
N GLU F 6 -5.51 -47.66 31.35
CA GLU F 6 -6.33 -46.99 32.35
C GLU F 6 -5.71 -47.27 33.72
N SER F 7 -6.09 -46.47 34.71
CA SER F 7 -5.54 -46.69 36.04
C SER F 7 -6.35 -45.91 37.07
N GLY F 8 -6.32 -46.40 38.31
CA GLY F 8 -6.93 -45.71 39.43
C GLY F 8 -8.22 -46.29 39.96
N GLY F 9 -8.62 -47.48 39.54
CA GLY F 9 -9.84 -48.09 40.03
C GLY F 9 -9.62 -48.91 41.29
N GLY F 10 -10.61 -48.87 42.17
CA GLY F 10 -10.52 -49.57 43.45
C GLY F 10 -11.83 -49.52 44.18
N LEU F 11 -11.81 -50.04 45.40
CA LEU F 11 -13.01 -50.16 46.21
C LEU F 11 -13.22 -48.87 47.00
N VAL F 12 -14.44 -48.33 46.93
CA VAL F 12 -14.83 -47.17 47.71
C VAL F 12 -16.27 -47.31 48.19
N GLN F 13 -16.62 -46.52 49.21
CA GLN F 13 -17.96 -46.49 49.79
C GLN F 13 -18.96 -45.88 48.82
N PRO F 14 -20.26 -46.07 49.05
CA PRO F 14 -21.26 -45.28 48.32
C PRO F 14 -21.24 -43.82 48.75
N GLY F 15 -21.31 -42.91 47.77
CA GLY F 15 -21.21 -41.49 48.03
C GLY F 15 -19.80 -40.92 48.04
N GLY F 16 -18.81 -41.74 47.70
CA GLY F 16 -17.42 -41.38 47.83
C GLY F 16 -16.83 -40.81 46.54
N SER F 17 -15.50 -40.72 46.53
CA SER F 17 -14.77 -40.06 45.47
C SER F 17 -13.64 -40.95 44.98
N LEU F 18 -13.28 -40.76 43.71
CA LEU F 18 -12.19 -41.50 43.07
C LEU F 18 -11.84 -40.84 41.74
N ARG F 19 -10.55 -40.71 41.42
CA ARG F 19 -10.09 -40.17 40.14
C ARG F 19 -9.50 -41.26 39.26
N LEU F 20 -9.79 -41.20 37.99
CA LEU F 20 -9.35 -42.21 37.04
C LEU F 20 -8.42 -41.60 35.99
N SER F 21 -7.48 -42.40 35.49
CA SER F 21 -6.41 -41.87 34.64
C SER F 21 -6.12 -42.75 33.42
N CYS F 22 -5.98 -42.12 32.25
CA CYS F 22 -5.73 -42.83 30.99
C CYS F 22 -4.51 -42.24 30.28
N ALA F 23 -3.54 -43.10 29.96
CA ALA F 23 -2.32 -42.79 29.20
C ALA F 23 -2.55 -43.26 27.77
N ALA F 24 -2.76 -42.32 26.85
CA ALA F 24 -2.97 -42.66 25.46
C ALA F 24 -1.76 -42.23 24.63
N SER F 25 -1.50 -42.98 23.56
CA SER F 25 -0.44 -42.58 22.66
C SER F 25 -0.86 -41.30 21.94
N GLY F 26 0.14 -40.53 21.51
CA GLY F 26 -0.20 -39.29 20.83
C GLY F 26 -0.99 -39.53 19.57
N SER F 27 -0.77 -40.67 18.92
CA SER F 27 -1.54 -41.02 17.73
C SER F 27 -3.04 -41.02 18.02
N ILE F 28 -3.44 -41.62 19.14
CA ILE F 28 -4.85 -41.68 19.49
C ILE F 28 -5.36 -40.32 19.95
N PHE F 29 -4.55 -39.59 20.70
CA PHE F 29 -5.03 -38.48 21.51
C PHE F 29 -5.04 -37.16 20.75
N SER F 30 -3.88 -36.77 20.21
CA SER F 30 -3.65 -35.43 19.68
C SER F 30 -4.69 -35.07 18.64
N GLY F 31 -5.47 -34.02 18.93
CA GLY F 31 -6.43 -33.46 17.99
C GLY F 31 -7.72 -34.21 17.83
N ASN F 32 -8.02 -35.13 18.75
CA ASN F 32 -9.21 -35.96 18.70
C ASN F 32 -10.02 -35.76 19.96
N VAL F 33 -11.33 -36.00 19.84
CA VAL F 33 -12.19 -36.00 21.03
C VAL F 33 -11.93 -37.27 21.84
N MET F 34 -11.86 -37.13 23.16
CA MET F 34 -11.64 -38.27 24.04
C MET F 34 -12.86 -38.49 24.92
N GLY F 35 -13.00 -39.72 25.41
CA GLY F 35 -14.16 -40.06 26.21
C GLY F 35 -13.90 -41.24 27.13
N TRP F 36 -14.83 -41.42 28.07
CA TRP F 36 -14.76 -42.48 29.06
C TRP F 36 -15.95 -43.40 28.94
N TYR F 37 -15.74 -44.68 29.21
CA TYR F 37 -16.77 -45.69 29.04
C TYR F 37 -16.75 -46.68 30.20
N ARG F 38 -17.92 -47.03 30.72
CA ARG F 38 -18.00 -48.07 31.75
C ARG F 38 -18.75 -49.28 31.21
N GLN F 39 -18.47 -50.45 31.78
CA GLN F 39 -19.11 -51.70 31.39
C GLN F 39 -19.41 -52.50 32.65
N ALA F 40 -20.67 -52.57 33.03
CA ALA F 40 -21.12 -53.31 34.20
C ALA F 40 -21.35 -54.78 33.88
N PRO F 41 -21.24 -55.67 34.88
CA PRO F 41 -21.60 -57.08 34.65
C PRO F 41 -23.03 -57.19 34.12
N GLY F 42 -23.21 -58.04 33.12
CA GLY F 42 -24.52 -58.17 32.52
C GLY F 42 -24.93 -57.04 31.61
N LYS F 43 -24.09 -56.02 31.42
CA LYS F 43 -24.51 -54.88 30.61
C LYS F 43 -23.49 -54.56 29.53
N LEU F 44 -23.94 -53.85 28.52
CA LEU F 44 -23.07 -53.51 27.40
C LEU F 44 -22.23 -52.31 27.79
N ARG F 45 -21.23 -52.02 26.96
CA ARG F 45 -20.45 -50.80 27.13
C ARG F 45 -21.35 -49.57 27.04
N GLU F 46 -21.33 -48.75 28.08
CA GLU F 46 -22.14 -47.54 28.15
C GLU F 46 -21.22 -46.33 28.08
N TRP F 47 -21.54 -45.37 27.22
CA TRP F 47 -20.73 -44.15 27.11
C TRP F 47 -20.99 -43.24 28.30
N VAL F 48 -19.93 -42.67 28.86
CA VAL F 48 -19.99 -41.95 30.12
C VAL F 48 -19.78 -40.45 29.94
N ALA F 49 -18.62 -40.05 29.43
CA ALA F 49 -18.28 -38.64 29.31
C ALA F 49 -17.44 -38.49 28.05
N ALA F 50 -17.27 -37.23 27.62
CA ALA F 50 -16.47 -36.92 26.43
C ALA F 50 -16.07 -35.45 26.48
N ILE F 51 -14.97 -35.11 25.81
CA ILE F 51 -14.46 -33.75 25.86
C ILE F 51 -13.65 -33.46 24.59
N THR F 52 -13.83 -32.25 24.05
CA THR F 52 -13.20 -31.81 22.82
C THR F 52 -11.78 -31.31 23.07
N PRO F 53 -10.94 -31.32 22.03
CA PRO F 53 -9.58 -30.75 22.19
C PRO F 53 -9.56 -29.38 22.88
N GLN F 54 -10.40 -28.43 22.46
CA GLN F 54 -10.46 -27.18 23.21
C GLN F 54 -11.03 -27.34 24.61
N GLY F 55 -11.66 -28.46 24.93
CA GLY F 55 -12.00 -28.76 26.31
C GLY F 55 -13.45 -28.60 26.69
N VAL F 56 -14.38 -28.66 25.74
CA VAL F 56 -15.79 -28.60 26.10
C VAL F 56 -16.22 -29.99 26.57
N PRO F 57 -16.76 -30.11 27.78
CA PRO F 57 -17.22 -31.42 28.27
C PRO F 57 -18.70 -31.64 27.97
N ASN F 58 -19.10 -32.89 28.11
CA ASN F 58 -20.52 -33.26 28.06
C ASN F 58 -20.65 -34.70 28.55
N TYR F 59 -21.79 -35.00 29.14
CA TYR F 59 -21.93 -36.24 29.87
C TYR F 59 -23.25 -36.93 29.56
N ALA F 60 -23.37 -38.16 30.05
CA ALA F 60 -24.63 -38.88 29.98
C ALA F 60 -25.44 -38.55 31.22
N ASP F 61 -26.73 -38.84 31.15
CA ASP F 61 -27.59 -38.49 32.27
C ASP F 61 -27.29 -39.34 33.50
N SER F 62 -26.93 -40.60 33.30
CA SER F 62 -26.62 -41.50 34.39
C SER F 62 -25.42 -41.06 35.23
N VAL F 63 -24.72 -40.00 34.79
CA VAL F 63 -23.47 -39.61 35.43
C VAL F 63 -23.31 -38.09 35.55
N LYS F 64 -24.14 -37.33 34.84
CA LYS F 64 -24.01 -35.87 34.86
C LYS F 64 -24.28 -35.29 36.24
N GLY F 65 -23.57 -34.21 36.57
CA GLY F 65 -23.68 -33.52 37.83
C GLY F 65 -22.85 -34.13 38.92
N ARG F 66 -22.30 -35.32 38.67
CA ARG F 66 -21.52 -36.13 39.59
C ARG F 66 -20.11 -36.36 39.07
N PHE F 67 -19.97 -36.65 37.78
CA PHE F 67 -18.67 -36.85 37.18
C PHE F 67 -18.25 -35.59 36.42
N THR F 68 -16.92 -35.37 36.32
CA THR F 68 -16.35 -34.24 35.57
C THR F 68 -15.10 -34.73 34.84
N ILE F 69 -15.09 -34.60 33.53
CA ILE F 69 -14.01 -35.07 32.68
C ILE F 69 -13.09 -33.91 32.31
N SER F 70 -11.79 -34.21 32.18
CA SER F 70 -10.81 -33.18 31.85
C SER F 70 -9.65 -33.83 31.10
N ARG F 71 -8.87 -33.00 30.41
CA ARG F 71 -7.74 -33.54 29.65
C ARG F 71 -6.49 -32.71 29.88
N ASP F 72 -5.38 -33.22 29.35
CA ASP F 72 -4.06 -32.58 29.44
C ASP F 72 -3.35 -32.85 28.11
N ASN F 73 -3.36 -31.86 27.21
CA ASN F 73 -2.81 -32.09 25.88
C ASN F 73 -1.29 -32.12 25.87
N ALA F 74 -0.64 -31.72 26.97
CA ALA F 74 0.81 -31.76 26.98
C ALA F 74 1.33 -33.17 27.25
N LYS F 75 0.58 -33.97 28.01
CA LYS F 75 1.01 -35.31 28.40
C LYS F 75 -0.02 -36.38 28.04
N ASN F 76 -0.85 -36.11 27.03
CA ASN F 76 -1.76 -37.11 26.47
C ASN F 76 -2.47 -37.89 27.58
N MET F 77 -3.17 -37.17 28.45
CA MET F 77 -3.80 -37.71 29.64
C MET F 77 -5.30 -37.45 29.64
N LEU F 78 -6.04 -38.43 30.15
CA LEU F 78 -7.47 -38.26 30.37
C LEU F 78 -7.75 -38.46 31.84
N TYR F 79 -8.70 -37.69 32.38
CA TYR F 79 -9.01 -37.73 33.79
C TYR F 79 -10.52 -37.71 33.96
N LEU F 80 -11.00 -38.41 35.00
CA LEU F 80 -12.40 -38.44 35.37
C LEU F 80 -12.47 -38.29 36.87
N GLN F 81 -13.22 -37.31 37.35
CA GLN F 81 -13.48 -37.18 38.79
C GLN F 81 -14.87 -37.78 38.98
N MET F 82 -14.96 -38.71 39.90
CA MET F 82 -16.24 -39.29 40.26
C MET F 82 -16.57 -38.78 41.66
N SER F 83 -17.78 -38.24 41.79
CA SER F 83 -18.30 -37.77 43.07
C SER F 83 -19.64 -38.45 43.29
N SER F 84 -19.96 -38.72 44.55
CA SER F 84 -21.21 -39.38 44.91
C SER F 84 -21.37 -40.71 44.17
N LEU F 85 -20.51 -41.66 44.51
CA LEU F 85 -20.52 -42.96 43.81
C LEU F 85 -21.57 -43.91 44.42
N LYS F 86 -22.08 -44.81 43.57
CA LYS F 86 -23.19 -45.71 43.90
C LYS F 86 -22.90 -47.08 43.30
N PRO F 87 -23.63 -48.15 43.75
CA PRO F 87 -23.40 -49.49 43.18
C PRO F 87 -23.39 -49.64 41.65
N GLU F 88 -24.31 -49.03 40.90
CA GLU F 88 -24.22 -49.29 39.45
C GLU F 88 -23.06 -48.54 38.81
N ASP F 89 -22.36 -47.71 39.56
CA ASP F 89 -21.13 -47.14 39.05
C ASP F 89 -19.98 -48.12 39.20
N THR F 90 -20.23 -49.29 39.82
CA THR F 90 -19.30 -50.39 39.66
C THR F 90 -19.34 -50.84 38.21
N ALA F 91 -18.17 -50.90 37.60
CA ALA F 91 -18.00 -51.28 36.21
C ALA F 91 -16.50 -51.30 35.94
N LEU F 92 -16.16 -51.92 34.83
CA LEU F 92 -14.85 -51.72 34.23
C LEU F 92 -14.90 -50.45 33.40
N TYR F 93 -14.00 -49.51 33.66
CA TYR F 93 -13.97 -48.22 32.99
C TYR F 93 -12.86 -48.21 31.95
N TYR F 94 -13.19 -47.85 30.71
CA TYR F 94 -12.24 -47.81 29.61
C TYR F 94 -12.22 -46.40 29.02
N CYS F 95 -11.08 -46.00 28.47
CA CYS F 95 -10.98 -44.73 27.76
C CYS F 95 -10.72 -44.97 26.28
N ASN F 96 -11.15 -44.03 25.44
CA ASN F 96 -10.93 -44.12 24.00
C ASN F 96 -11.23 -42.78 23.35
N ARG F 97 -10.78 -42.63 22.10
CA ARG F 97 -11.17 -41.49 21.29
C ARG F 97 -12.55 -41.74 20.68
N LEU F 98 -13.15 -40.68 20.15
CA LEU F 98 -14.44 -40.74 19.49
C LEU F 98 -14.25 -40.21 18.07
N PRO F 99 -14.51 -40.99 17.02
CA PRO F 99 -14.97 -42.38 17.02
C PRO F 99 -13.92 -43.34 17.57
N ASN F 100 -14.34 -44.52 18.05
CA ASN F 100 -13.42 -45.39 18.79
C ASN F 100 -12.30 -45.94 17.92
N TYR F 101 -11.12 -46.12 18.51
CA TYR F 101 -10.10 -46.97 17.92
C TYR F 101 -10.42 -48.45 18.15
N ARG F 102 -9.93 -49.28 17.21
CA ARG F 102 -10.39 -50.67 17.11
C ARG F 102 -9.95 -51.51 18.31
N SER F 103 -8.76 -51.24 18.83
CA SER F 103 -8.24 -51.99 19.97
C SER F 103 -8.52 -51.23 21.25
N TRP F 104 -9.01 -51.94 22.26
CA TRP F 104 -9.29 -51.28 23.53
C TRP F 104 -8.21 -51.59 24.54
N GLY F 105 -8.23 -50.82 25.62
CA GLY F 105 -7.36 -51.11 26.74
C GLY F 105 -7.89 -52.26 27.56
N GLN F 106 -7.22 -52.47 28.68
CA GLN F 106 -7.58 -53.53 29.61
C GLN F 106 -8.60 -53.04 30.63
N GLY F 107 -8.67 -51.74 30.83
CA GLY F 107 -9.68 -51.13 31.67
C GLY F 107 -9.15 -50.80 33.04
N THR F 108 -10.09 -50.51 33.95
CA THR F 108 -9.77 -50.40 35.36
C THR F 108 -11.07 -50.66 36.10
N GLN F 109 -10.99 -51.42 37.20
CA GLN F 109 -12.17 -51.91 37.90
C GLN F 109 -12.55 -50.89 38.96
N VAL F 110 -13.83 -50.54 39.01
CA VAL F 110 -14.38 -49.70 40.07
C VAL F 110 -15.39 -50.54 40.86
N THR F 111 -15.20 -50.60 42.17
CA THR F 111 -16.11 -51.32 43.03
C THR F 111 -16.64 -50.37 44.09
N VAL F 112 -17.93 -50.54 44.41
CA VAL F 112 -18.64 -49.70 45.37
C VAL F 112 -19.36 -50.59 46.36
N GLN G 1 -8.49 -1.97 -45.13
CA GLN G 1 -9.35 -2.86 -44.38
C GLN G 1 -10.55 -2.11 -43.75
N VAL G 2 -10.29 -1.15 -42.87
CA VAL G 2 -11.35 -0.28 -42.36
C VAL G 2 -11.69 0.77 -43.42
N GLN G 3 -12.98 0.97 -43.68
CA GLN G 3 -13.37 1.83 -44.79
C GLN G 3 -14.74 2.44 -44.55
N LEU G 4 -14.86 3.73 -44.77
CA LEU G 4 -16.13 4.45 -44.61
C LEU G 4 -16.33 5.25 -45.91
N VAL G 5 -17.33 4.88 -46.73
CA VAL G 5 -17.58 5.55 -48.01
C VAL G 5 -18.88 6.32 -47.90
N GLN G 6 -18.87 7.53 -48.46
CA GLN G 6 -19.87 8.57 -48.26
C GLN G 6 -20.69 8.85 -49.51
N SER G 7 -21.92 9.29 -49.26
CA SER G 7 -22.85 9.76 -50.28
C SER G 7 -23.57 10.95 -49.69
N GLY G 8 -24.09 11.81 -50.55
CA GLY G 8 -24.63 13.03 -50.01
C GLY G 8 -25.66 13.75 -50.84
N GLY G 9 -25.21 14.38 -51.92
CA GLY G 9 -26.01 15.38 -52.59
C GLY G 9 -25.72 16.65 -51.81
N GLY G 10 -25.25 17.68 -52.51
CA GLY G 10 -24.74 18.83 -51.81
C GLY G 10 -25.40 20.17 -51.98
N ILE G 11 -26.22 20.39 -53.01
CA ILE G 11 -26.70 21.74 -53.30
C ILE G 11 -28.12 21.80 -52.76
N GLY G 12 -28.27 22.48 -51.61
CA GLY G 12 -29.55 22.63 -50.96
C GLY G 12 -30.04 24.07 -51.06
N GLN G 13 -31.26 24.28 -50.59
CA GLN G 13 -31.78 25.63 -50.45
C GLN G 13 -31.87 25.95 -48.97
N PRO G 14 -31.98 27.19 -48.61
CA PRO G 14 -32.26 27.53 -47.21
C PRO G 14 -33.56 26.88 -46.77
N GLY G 15 -33.62 26.18 -45.65
CA GLY G 15 -34.85 25.54 -45.21
C GLY G 15 -35.20 24.22 -45.84
N GLY G 16 -34.69 23.92 -47.03
CA GLY G 16 -34.95 22.65 -47.69
C GLY G 16 -34.24 21.53 -46.94
N SER G 17 -34.00 20.38 -47.56
CA SER G 17 -33.37 19.29 -46.80
C SER G 17 -32.45 18.48 -47.71
N LEU G 18 -31.36 17.96 -47.13
CA LEU G 18 -30.42 17.04 -47.78
C LEU G 18 -30.28 15.80 -46.91
N ARG G 19 -29.50 14.81 -47.39
CA ARG G 19 -29.24 13.58 -46.63
C ARG G 19 -27.82 13.13 -46.93
N LEU G 20 -27.15 12.61 -45.91
CA LEU G 20 -25.77 12.12 -46.03
C LEU G 20 -25.70 10.65 -45.61
N ALA G 21 -25.02 9.82 -46.42
CA ALA G 21 -24.91 8.40 -46.15
C ALA G 21 -23.45 8.02 -45.91
N CYS G 22 -23.22 7.12 -44.95
CA CYS G 22 -21.89 6.66 -44.56
C CYS G 22 -21.99 5.16 -44.35
N GLU G 23 -21.43 4.38 -45.29
CA GLU G 23 -21.56 2.93 -45.29
C GLU G 23 -20.23 2.29 -44.90
N ALA G 24 -20.25 1.56 -43.79
CA ALA G 24 -19.06 1.02 -43.16
C ALA G 24 -18.73 -0.36 -43.69
N SER G 25 -17.45 -0.71 -43.62
CA SER G 25 -17.01 -2.05 -43.97
C SER G 25 -15.67 -2.34 -43.28
N GLY G 26 -15.48 -3.60 -42.91
CA GLY G 26 -14.26 -4.07 -42.30
C GLY G 26 -14.15 -3.92 -40.79
N PHE G 27 -15.25 -3.67 -40.09
CA PHE G 27 -15.22 -3.77 -38.64
C PHE G 27 -16.62 -4.11 -38.15
N THR G 28 -16.70 -4.52 -36.90
CA THR G 28 -18.02 -4.88 -36.40
C THR G 28 -18.73 -3.59 -36.07
N PHE G 29 -19.54 -3.15 -37.04
CA PHE G 29 -20.08 -1.80 -37.03
C PHE G 29 -20.89 -1.52 -35.77
N ASN G 30 -21.75 -2.44 -35.34
CA ASN G 30 -22.59 -2.11 -34.21
C ASN G 30 -21.86 -2.14 -32.87
N LEU G 31 -20.54 -2.24 -32.86
CA LEU G 31 -19.78 -2.10 -31.62
C LEU G 31 -19.04 -0.75 -31.51
N PHE G 32 -19.02 0.08 -32.55
CA PHE G 32 -18.29 1.34 -32.46
C PHE G 32 -19.22 2.54 -32.43
N GLU G 33 -18.78 3.56 -31.70
CA GLU G 33 -19.44 4.84 -31.69
C GLU G 33 -19.03 5.68 -32.91
N MET G 34 -19.98 6.45 -33.43
CA MET G 34 -19.78 7.21 -34.65
C MET G 34 -20.04 8.70 -34.44
N ALA G 35 -19.42 9.54 -35.29
CA ALA G 35 -19.59 10.98 -35.21
C ALA G 35 -19.61 11.59 -36.61
N TRP G 36 -20.44 12.63 -36.75
CA TRP G 36 -20.48 13.50 -37.93
C TRP G 36 -19.66 14.75 -37.65
N VAL G 37 -18.69 15.03 -38.52
CA VAL G 37 -17.86 16.22 -38.42
C VAL G 37 -17.94 17.03 -39.71
N ARG G 38 -17.93 18.36 -39.58
CA ARG G 38 -17.99 19.21 -40.75
C ARG G 38 -16.92 20.31 -40.68
N GLN G 39 -16.55 20.83 -41.87
CA GLN G 39 -15.46 21.80 -42.04
C GLN G 39 -15.81 22.83 -43.09
N ALA G 40 -16.08 24.06 -42.66
CA ALA G 40 -16.38 25.21 -43.54
C ALA G 40 -15.15 25.66 -44.35
N PRO G 41 -15.39 26.49 -45.42
CA PRO G 41 -14.30 27.04 -46.25
C PRO G 41 -12.97 27.30 -45.59
N GLY G 42 -12.83 28.34 -44.78
CA GLY G 42 -11.53 28.62 -44.18
C GLY G 42 -11.30 28.02 -42.81
N GLN G 43 -12.23 27.22 -42.29
CA GLN G 43 -12.42 27.08 -40.86
C GLN G 43 -11.74 25.84 -40.33
N SER G 44 -12.07 25.53 -39.08
CA SER G 44 -11.57 24.34 -38.42
C SER G 44 -12.62 23.24 -38.48
N LEU G 45 -12.37 22.17 -37.76
CA LEU G 45 -13.25 21.02 -37.75
C LEU G 45 -14.28 21.16 -36.62
N GLU G 46 -15.55 20.96 -36.94
CA GLU G 46 -16.61 21.07 -35.96
C GLU G 46 -17.35 19.74 -35.86
N VAL G 47 -17.44 19.21 -34.63
CA VAL G 47 -18.21 17.99 -34.41
C VAL G 47 -19.69 18.34 -34.40
N ILE G 48 -20.45 17.69 -35.27
CA ILE G 48 -21.86 18.00 -35.48
C ILE G 48 -22.75 17.10 -34.64
N SER G 49 -22.52 15.77 -34.69
CA SER G 49 -23.46 14.86 -34.07
C SER G 49 -22.79 13.54 -33.71
N TYR G 50 -23.21 12.96 -32.58
CA TYR G 50 -22.68 11.70 -32.08
C TYR G 50 -23.81 10.70 -31.91
N ILE G 51 -23.58 9.47 -32.35
CA ILE G 51 -24.54 8.38 -32.15
C ILE G 51 -23.79 7.22 -31.52
N GLY G 52 -24.30 6.73 -30.39
CA GLY G 52 -23.65 5.60 -29.76
C GLY G 52 -23.97 4.32 -30.51
N SER G 53 -23.22 3.27 -30.23
CA SER G 53 -23.60 1.97 -30.78
C SER G 53 -24.99 1.60 -30.26
N SER G 54 -25.77 0.93 -31.14
CA SER G 54 -27.17 0.50 -30.98
C SER G 54 -28.05 1.54 -31.63
N GLY G 55 -27.53 2.77 -31.69
CA GLY G 55 -28.19 3.93 -32.25
C GLY G 55 -29.22 4.61 -31.37
N SER G 56 -29.33 4.25 -30.09
CA SER G 56 -30.42 4.80 -29.28
C SER G 56 -30.02 6.05 -28.52
N THR G 57 -28.74 6.44 -28.54
CA THR G 57 -28.29 7.66 -27.89
C THR G 57 -27.73 8.59 -28.97
N THR G 58 -28.15 9.85 -28.93
CA THR G 58 -27.81 10.77 -29.98
C THR G 58 -27.56 12.15 -29.38
N ARG G 59 -26.43 12.75 -29.76
CA ARG G 59 -25.98 14.02 -29.22
C ARG G 59 -25.61 15.00 -30.33
N TYR G 60 -25.94 16.27 -30.13
CA TYR G 60 -25.82 17.27 -31.18
C TYR G 60 -25.10 18.53 -30.69
N ALA G 61 -24.44 19.20 -31.65
CA ALA G 61 -23.90 20.53 -31.43
C ALA G 61 -25.04 21.56 -31.33
N ASP G 62 -24.83 22.55 -30.46
CA ASP G 62 -25.82 23.62 -30.28
C ASP G 62 -26.27 24.20 -31.61
N SER G 63 -25.30 24.44 -32.52
CA SER G 63 -25.49 25.05 -33.83
C SER G 63 -26.42 24.28 -34.76
N VAL G 64 -26.79 23.05 -34.41
CA VAL G 64 -27.49 22.14 -35.31
C VAL G 64 -28.65 21.43 -34.62
N LYS G 65 -28.89 21.72 -33.34
CA LYS G 65 -29.82 21.03 -32.45
C LYS G 65 -31.12 20.56 -33.12
N GLY G 66 -31.98 21.49 -33.54
CA GLY G 66 -33.31 21.09 -33.94
C GLY G 66 -33.44 20.72 -35.39
N ARG G 67 -32.34 20.55 -36.09
CA ARG G 67 -32.42 20.57 -37.54
C ARG G 67 -31.88 19.33 -38.21
N PHE G 68 -30.95 18.59 -37.60
CA PHE G 68 -30.47 17.37 -38.22
C PHE G 68 -30.77 16.16 -37.36
N ILE G 69 -30.65 15.00 -37.98
CA ILE G 69 -30.98 13.74 -37.33
C ILE G 69 -29.93 12.70 -37.72
N VAL G 70 -29.28 12.11 -36.72
CA VAL G 70 -28.42 10.95 -36.96
C VAL G 70 -29.31 9.71 -36.96
N SER G 71 -29.02 8.81 -37.87
CA SER G 71 -29.72 7.54 -38.00
C SER G 71 -28.66 6.46 -38.08
N ARG G 72 -29.04 5.27 -37.64
CA ARG G 72 -28.18 4.13 -37.77
C ARG G 72 -28.99 3.01 -38.39
N ASP G 73 -28.33 2.15 -39.16
CA ASP G 73 -28.96 0.92 -39.63
C ASP G 73 -27.89 -0.15 -39.41
N ASN G 74 -27.91 -0.78 -38.23
CA ASN G 74 -26.82 -1.67 -37.86
C ASN G 74 -26.80 -2.93 -38.71
N ASP G 75 -27.87 -3.19 -39.47
CA ASP G 75 -27.87 -4.33 -40.39
C ASP G 75 -27.04 -4.02 -41.63
N LYS G 76 -27.25 -2.85 -42.23
CA LYS G 76 -26.55 -2.47 -43.44
C LYS G 76 -25.21 -1.81 -43.17
N GLU G 77 -24.81 -1.69 -41.90
CA GLU G 77 -23.57 -1.02 -41.54
C GLU G 77 -23.51 0.35 -42.23
N SER G 78 -24.46 1.20 -41.87
CA SER G 78 -24.67 2.51 -42.47
C SER G 78 -25.10 3.51 -41.40
N MET G 79 -24.59 4.73 -41.53
CA MET G 79 -24.95 5.87 -40.70
C MET G 79 -25.43 7.03 -41.57
N PHE G 80 -26.37 7.79 -41.04
CA PHE G 80 -27.09 8.79 -41.82
C PHE G 80 -27.13 10.13 -41.11
N LEU G 81 -27.11 11.20 -41.90
CA LEU G 81 -27.32 12.56 -41.40
C LEU G 81 -28.38 13.20 -42.28
N GLN G 82 -29.52 13.50 -41.66
CA GLN G 82 -30.68 14.05 -42.34
C GLN G 82 -30.58 15.56 -42.12
N LEU G 83 -30.23 16.29 -43.16
CA LEU G 83 -30.01 17.72 -43.05
C LEU G 83 -31.33 18.42 -43.32
N ASN G 84 -32.12 18.66 -42.26
CA ASN G 84 -33.37 19.40 -42.45
C ASN G 84 -33.17 20.87 -42.11
N SER G 85 -34.00 21.70 -42.73
CA SER G 85 -34.12 23.09 -42.32
C SER G 85 -32.79 23.84 -42.51
N LEU G 86 -32.16 23.60 -43.65
CA LEU G 86 -30.77 24.01 -43.86
C LEU G 86 -30.64 25.53 -43.88
N ARG G 87 -29.46 26.00 -43.51
CA ARG G 87 -29.15 27.43 -43.45
C ARG G 87 -27.80 27.65 -44.12
N VAL G 88 -27.54 28.90 -44.53
CA VAL G 88 -26.35 29.17 -45.34
C VAL G 88 -25.09 28.69 -44.63
N ASP G 89 -25.04 28.80 -43.29
CA ASP G 89 -23.91 28.36 -42.44
C ASP G 89 -23.76 26.81 -42.33
N ASP G 90 -24.53 26.02 -43.08
CA ASP G 90 -24.31 24.59 -43.24
C ASP G 90 -23.44 24.27 -44.45
N THR G 91 -22.76 25.26 -44.99
CA THR G 91 -21.92 25.04 -46.18
C THR G 91 -20.55 24.55 -45.68
N ALA G 92 -20.20 23.34 -46.04
CA ALA G 92 -18.97 22.75 -45.54
C ALA G 92 -18.73 21.44 -46.27
N THR G 93 -17.54 20.88 -46.09
CA THR G 93 -17.35 19.46 -46.31
C THR G 93 -17.82 18.71 -45.06
N TYR G 94 -18.54 17.61 -45.27
CA TYR G 94 -19.07 16.81 -44.18
C TYR G 94 -18.34 15.49 -44.12
N PHE G 95 -17.84 15.14 -42.93
CA PHE G 95 -17.02 13.96 -42.69
C PHE G 95 -17.72 13.08 -41.65
N CYS G 96 -17.88 11.80 -41.96
CA CYS G 96 -18.20 10.79 -40.95
C CYS G 96 -16.92 10.11 -40.46
N ALA G 97 -16.84 9.93 -39.14
CA ALA G 97 -15.70 9.33 -38.48
C ALA G 97 -16.14 8.24 -37.48
N ARG G 98 -15.27 7.23 -37.31
CA ARG G 98 -15.46 6.20 -36.31
C ARG G 98 -14.79 6.64 -35.01
N LEU G 99 -15.57 6.74 -33.93
CA LEU G 99 -15.02 6.94 -32.59
C LEU G 99 -14.67 5.58 -31.98
N ASN G 100 -13.43 5.43 -31.55
CA ASN G 100 -12.90 4.13 -31.13
C ASN G 100 -12.83 4.12 -29.61
N GLY G 101 -13.95 3.74 -28.97
CA GLY G 101 -13.98 3.64 -27.52
C GLY G 101 -13.24 2.44 -26.96
N TRP G 102 -12.94 1.46 -27.81
CA TRP G 102 -12.23 0.28 -27.34
C TRP G 102 -10.76 0.60 -27.07
N ALA G 103 -10.09 1.23 -28.02
CA ALA G 103 -8.70 1.64 -27.84
C ALA G 103 -8.58 2.94 -27.07
N GLY G 104 -9.65 3.74 -27.03
CA GLY G 104 -9.58 5.09 -26.51
C GLY G 104 -8.85 6.04 -27.43
N SER G 105 -8.87 5.77 -28.73
CA SER G 105 -8.02 6.47 -29.70
C SER G 105 -8.82 7.42 -30.60
N GLY G 106 -9.75 8.19 -30.03
CA GLY G 106 -10.32 9.33 -30.75
C GLY G 106 -10.99 8.98 -32.07
N LEU G 107 -10.86 9.86 -33.07
CA LEU G 107 -11.53 9.64 -34.35
C LEU G 107 -10.60 8.79 -35.21
N ASP G 108 -10.73 7.49 -34.98
CA ASP G 108 -9.90 6.44 -35.56
C ASP G 108 -9.76 6.53 -37.09
N HIS G 109 -10.88 6.74 -37.79
CA HIS G 109 -11.02 6.52 -39.23
C HIS G 109 -12.11 7.44 -39.75
N TRP G 110 -11.90 7.94 -40.97
CA TRP G 110 -12.77 8.97 -41.54
C TRP G 110 -13.23 8.57 -42.91
N GLY G 111 -14.39 9.06 -43.30
CA GLY G 111 -14.78 9.01 -44.70
C GLY G 111 -13.98 10.02 -45.54
N GLN G 112 -14.27 10.02 -46.84
CA GLN G 112 -13.63 10.91 -47.81
C GLN G 112 -14.22 12.30 -47.82
N GLY G 113 -15.28 12.55 -47.06
CA GLY G 113 -15.96 13.82 -47.13
C GLY G 113 -17.07 13.81 -48.15
N THR G 114 -18.06 14.65 -47.93
CA THR G 114 -19.11 14.96 -48.89
C THR G 114 -19.36 16.47 -48.86
N LEU G 115 -19.56 17.06 -50.04
CA LEU G 115 -19.70 18.51 -50.15
C LEU G 115 -21.14 18.94 -49.92
N VAL G 116 -21.32 19.95 -49.09
CA VAL G 116 -22.63 20.55 -48.84
C VAL G 116 -22.51 22.07 -48.98
N ALA G 117 -23.47 22.68 -49.67
CA ALA G 117 -23.61 24.13 -49.75
C ALA G 117 -25.10 24.45 -49.94
N VAL G 118 -25.63 25.43 -49.22
CA VAL G 118 -27.03 25.80 -49.42
C VAL G 118 -27.13 27.30 -49.74
N SER G 119 -27.88 27.62 -50.80
CA SER G 119 -28.02 28.99 -51.28
C SER G 119 -29.24 29.07 -52.22
N SER G 120 -29.91 30.23 -52.17
CA SER G 120 -31.00 30.60 -53.04
C SER G 120 -30.57 30.84 -54.50
N ALA G 121 -29.28 30.73 -54.81
CA ALA G 121 -28.79 30.89 -56.17
C ALA G 121 -29.43 29.92 -57.14
N SER G 122 -29.34 30.25 -58.44
CA SER G 122 -29.71 29.35 -59.52
C SER G 122 -28.52 29.17 -60.45
N THR G 123 -28.33 27.94 -60.96
CA THR G 123 -27.16 27.63 -61.79
C THR G 123 -26.96 28.70 -62.88
N LYS G 124 -25.96 29.56 -62.69
CA LYS G 124 -25.60 30.56 -63.67
C LYS G 124 -24.18 30.35 -64.15
N GLY G 125 -23.98 30.48 -65.46
CA GLY G 125 -22.67 30.43 -66.05
C GLY G 125 -21.91 31.73 -65.87
N PRO G 126 -20.58 31.64 -65.93
CA PRO G 126 -19.75 32.84 -65.72
C PRO G 126 -19.77 33.80 -66.92
N SER G 127 -19.31 35.02 -66.62
CA SER G 127 -18.96 36.05 -67.60
C SER G 127 -17.47 36.27 -67.47
N VAL G 128 -16.72 35.95 -68.50
CA VAL G 128 -15.28 36.14 -68.49
C VAL G 128 -14.99 37.53 -69.07
N PHE G 129 -14.22 38.32 -68.33
CA PHE G 129 -13.84 39.68 -68.67
C PHE G 129 -12.33 39.77 -68.74
N PRO G 130 -11.77 40.39 -69.79
CA PRO G 130 -10.32 40.44 -69.94
C PRO G 130 -9.65 41.32 -68.89
N LEU G 131 -8.44 40.92 -68.50
CA LEU G 131 -7.52 41.74 -67.71
C LEU G 131 -6.25 41.99 -68.56
N ALA G 132 -6.29 43.04 -69.38
CA ALA G 132 -5.23 43.37 -70.35
C ALA G 132 -4.07 44.10 -69.69
N PRO G 133 -2.88 44.08 -70.32
CA PRO G 133 -1.72 44.87 -69.83
C PRO G 133 -1.54 46.22 -70.52
N SER G 134 -0.59 47.02 -70.05
CA SER G 134 -0.27 48.33 -70.65
C SER G 134 -0.09 48.27 -72.17
N THR G 142 8.58 42.22 -69.31
CA THR G 142 7.87 41.20 -68.55
C THR G 142 6.58 41.71 -67.85
N ALA G 143 5.44 41.42 -68.49
CA ALA G 143 4.13 41.93 -68.11
C ALA G 143 3.19 40.79 -67.75
N ALA G 144 1.99 41.17 -67.29
CA ALA G 144 1.02 40.23 -66.74
C ALA G 144 -0.37 40.55 -67.27
N LEU G 145 -1.14 39.49 -67.55
CA LEU G 145 -2.51 39.57 -68.02
C LEU G 145 -3.32 38.42 -67.45
N GLY G 146 -4.58 38.34 -67.83
CA GLY G 146 -5.41 37.22 -67.41
C GLY G 146 -6.88 37.43 -67.71
N CYS G 147 -7.70 36.57 -67.12
CA CYS G 147 -9.13 36.62 -67.24
C CYS G 147 -9.77 36.88 -65.88
N LEU G 148 -11.04 37.31 -65.90
CA LEU G 148 -11.85 37.49 -64.70
C LEU G 148 -13.18 36.77 -64.91
N VAL G 149 -13.36 35.61 -64.25
CA VAL G 149 -14.61 34.86 -64.33
C VAL G 149 -15.50 35.34 -63.20
N LYS G 150 -16.68 35.83 -63.55
CA LYS G 150 -17.48 36.56 -62.57
C LYS G 150 -18.91 36.05 -62.60
N ASP G 151 -19.56 36.06 -61.42
CA ASP G 151 -20.99 35.79 -61.28
C ASP G 151 -21.38 34.40 -61.81
N TYR G 152 -20.95 33.37 -61.06
CA TYR G 152 -21.31 31.98 -61.37
C TYR G 152 -21.75 31.22 -60.12
N PHE G 153 -22.33 30.02 -60.35
CA PHE G 153 -22.84 29.09 -59.34
C PHE G 153 -23.27 27.76 -59.98
N PRO G 154 -22.96 26.59 -59.39
CA PRO G 154 -22.09 26.23 -58.27
C PRO G 154 -20.61 26.37 -58.56
N GLU G 155 -19.84 25.86 -57.62
CA GLU G 155 -18.41 26.18 -57.54
C GLU G 155 -17.42 25.65 -58.59
N PRO G 156 -17.46 24.40 -59.04
CA PRO G 156 -16.35 23.94 -59.90
C PRO G 156 -16.25 24.69 -61.24
N VAL G 157 -15.18 25.46 -61.40
CA VAL G 157 -14.84 26.15 -62.64
C VAL G 157 -13.37 25.84 -62.93
N THR G 158 -13.06 25.60 -64.20
CA THR G 158 -11.71 25.26 -64.63
C THR G 158 -11.22 26.32 -65.60
N VAL G 159 -10.02 26.82 -65.37
CA VAL G 159 -9.39 27.80 -66.23
C VAL G 159 -8.05 27.27 -66.67
N SER G 160 -7.85 27.19 -67.98
CA SER G 160 -6.60 26.81 -68.61
C SER G 160 -6.21 27.91 -69.61
N TRP G 161 -5.06 27.75 -70.25
CA TRP G 161 -4.55 28.80 -71.13
C TRP G 161 -4.05 28.18 -72.44
N ASN G 162 -4.43 28.80 -73.57
CA ASN G 162 -4.04 28.33 -74.91
C ASN G 162 -4.31 26.82 -75.06
N SER G 163 -5.46 26.36 -74.57
CA SER G 163 -5.85 24.94 -74.63
C SER G 163 -4.98 24.08 -73.72
N GLY G 164 -4.29 24.69 -72.77
CA GLY G 164 -3.42 24.00 -71.85
C GLY G 164 -1.95 24.07 -72.22
N ALA G 165 -1.60 24.77 -73.29
CA ALA G 165 -0.21 24.82 -73.71
C ALA G 165 0.60 25.82 -72.88
N LEU G 166 -0.05 26.78 -72.26
CA LEU G 166 0.59 27.74 -71.37
C LEU G 166 0.24 27.31 -69.95
N THR G 167 1.26 26.82 -69.22
CA THR G 167 1.11 26.43 -67.82
C THR G 167 2.08 27.16 -66.93
N SER G 168 3.19 27.65 -67.49
CA SER G 168 4.22 28.33 -66.71
C SER G 168 3.78 29.75 -66.41
N GLY G 169 3.91 30.14 -65.15
CA GLY G 169 3.54 31.47 -64.71
C GLY G 169 2.07 31.69 -64.46
N VAL G 170 1.26 30.62 -64.50
CA VAL G 170 -0.19 30.76 -64.34
C VAL G 170 -0.52 30.70 -62.86
N HIS G 171 -1.45 31.55 -62.43
CA HIS G 171 -1.98 31.53 -61.08
C HIS G 171 -3.49 31.69 -61.19
N THR G 172 -4.26 30.65 -60.89
CA THR G 172 -5.71 30.78 -60.86
C THR G 172 -6.17 30.90 -59.41
N PHE G 173 -7.01 31.89 -59.13
CA PHE G 173 -7.05 32.08 -57.68
C PHE G 173 -8.23 31.34 -57.06
N PRO G 174 -8.04 30.89 -55.83
CA PRO G 174 -9.18 30.36 -55.08
C PRO G 174 -10.40 31.25 -55.21
N ALA G 175 -11.50 30.69 -55.70
CA ALA G 175 -12.75 31.41 -55.82
C ALA G 175 -13.14 32.11 -54.54
N VAL G 176 -13.92 33.17 -54.64
CA VAL G 176 -14.41 33.93 -53.50
C VAL G 176 -15.92 34.11 -53.66
N LEU G 177 -16.67 33.98 -52.56
CA LEU G 177 -18.11 34.16 -52.59
C LEU G 177 -18.42 35.64 -52.40
N GLN G 178 -19.08 36.26 -53.40
CA GLN G 178 -19.37 37.69 -53.39
C GLN G 178 -20.61 38.05 -52.56
N SER G 179 -20.73 39.33 -52.22
CA SER G 179 -21.91 39.83 -51.49
C SER G 179 -23.20 39.40 -52.18
N SER G 180 -23.16 39.19 -53.50
CA SER G 180 -24.34 38.86 -54.27
C SER G 180 -24.78 37.42 -54.09
N GLY G 181 -23.99 36.61 -53.39
CA GLY G 181 -24.21 35.20 -53.31
C GLY G 181 -23.66 34.41 -54.47
N LEU G 182 -22.81 35.00 -55.30
CA LEU G 182 -22.22 34.31 -56.43
C LEU G 182 -20.71 34.29 -56.29
N TYR G 183 -20.08 33.42 -57.07
CA TYR G 183 -18.66 33.15 -56.96
C TYR G 183 -17.90 33.96 -58.02
N SER G 184 -16.74 34.48 -57.63
CA SER G 184 -15.86 35.22 -58.55
C SER G 184 -14.46 34.66 -58.43
N LEU G 185 -13.71 34.75 -59.53
CA LEU G 185 -12.38 34.19 -59.62
C LEU G 185 -11.63 34.88 -60.75
N SER G 186 -10.32 35.02 -60.59
CA SER G 186 -9.48 35.55 -61.65
C SER G 186 -8.32 34.61 -61.90
N SER G 187 -7.85 34.60 -63.14
CA SER G 187 -6.73 33.77 -63.54
C SER G 187 -5.71 34.63 -64.28
N VAL G 188 -4.51 34.68 -63.75
CA VAL G 188 -3.46 35.54 -64.28
C VAL G 188 -2.30 34.68 -64.78
N VAL G 189 -1.59 35.20 -65.76
CA VAL G 189 -0.37 34.56 -66.25
C VAL G 189 0.64 35.67 -66.52
N THR G 190 1.92 35.37 -66.32
CA THR G 190 3.00 36.31 -66.58
C THR G 190 3.74 35.85 -67.84
N VAL G 191 3.90 36.78 -68.79
CA VAL G 191 4.48 36.48 -70.09
C VAL G 191 5.50 37.53 -70.44
N PRO G 192 6.46 37.20 -71.31
CA PRO G 192 7.44 38.20 -71.78
C PRO G 192 6.73 39.42 -72.36
N SER G 193 7.26 40.61 -72.05
CA SER G 193 6.68 41.81 -72.64
C SER G 193 6.93 41.88 -74.15
N SER G 194 7.81 41.02 -74.64
CA SER G 194 8.14 40.91 -76.07
C SER G 194 7.30 39.85 -76.75
N SER G 195 6.01 39.82 -76.44
CA SER G 195 5.10 38.81 -76.95
C SER G 195 3.68 39.32 -77.13
N LEU G 196 3.39 40.56 -76.71
CA LEU G 196 2.05 41.11 -76.80
C LEU G 196 1.77 41.60 -78.22
N GLY G 197 0.69 41.09 -78.81
CA GLY G 197 0.36 41.30 -80.20
C GLY G 197 0.91 40.24 -81.14
N THR G 198 2.00 39.57 -80.76
CA THR G 198 2.63 38.59 -81.64
C THR G 198 2.13 37.16 -81.39
N GLN G 199 1.92 36.81 -80.13
CA GLN G 199 1.51 35.47 -79.72
C GLN G 199 0.20 35.61 -78.94
N THR G 200 -0.86 35.01 -79.48
CA THR G 200 -2.19 35.19 -78.94
C THR G 200 -2.33 34.50 -77.58
N TYR G 201 -3.02 35.14 -76.66
CA TYR G 201 -3.24 34.60 -75.33
C TYR G 201 -4.74 34.42 -75.11
N ILE G 202 -5.18 33.16 -75.08
CA ILE G 202 -6.59 32.80 -74.92
C ILE G 202 -6.75 32.02 -73.62
N CYS G 203 -7.72 32.40 -72.80
CA CYS G 203 -8.03 31.66 -71.58
C CYS G 203 -9.30 30.83 -71.81
N ASN G 204 -9.24 29.57 -71.42
CA ASN G 204 -10.30 28.61 -71.65
C ASN G 204 -10.99 28.32 -70.33
N VAL G 205 -12.14 28.94 -70.12
CA VAL G 205 -13.00 28.67 -68.98
C VAL G 205 -14.11 27.72 -69.42
N ASN G 206 -14.47 26.79 -68.55
CA ASN G 206 -15.72 26.06 -68.72
C ASN G 206 -16.29 25.73 -67.33
N HIS G 207 -17.58 25.45 -67.32
CA HIS G 207 -18.37 25.40 -66.10
C HIS G 207 -19.46 24.35 -66.34
N LYS G 208 -19.15 23.11 -66.00
CA LYS G 208 -20.00 21.97 -66.35
C LYS G 208 -21.34 21.92 -65.63
N PRO G 209 -21.57 22.70 -64.53
CA PRO G 209 -22.95 22.76 -64.03
C PRO G 209 -23.94 23.21 -65.10
N SER G 210 -23.70 24.38 -65.69
CA SER G 210 -24.34 24.73 -66.96
C SER G 210 -23.58 24.07 -68.10
N ASN G 211 -23.97 24.37 -69.34
CA ASN G 211 -23.19 23.80 -70.44
C ASN G 211 -22.01 24.66 -70.78
N THR G 212 -21.88 25.82 -70.14
CA THR G 212 -21.14 26.94 -70.70
C THR G 212 -19.64 26.68 -70.74
N LYS G 213 -19.01 27.27 -71.75
CA LYS G 213 -17.63 26.96 -72.13
C LYS G 213 -17.18 28.11 -73.02
N VAL G 214 -16.37 29.01 -72.48
CA VAL G 214 -16.03 30.27 -73.15
C VAL G 214 -14.52 30.41 -73.26
N ASP G 215 -14.06 30.83 -74.44
CA ASP G 215 -12.65 31.15 -74.68
C ASP G 215 -12.58 32.60 -75.11
N LYS G 216 -11.82 33.43 -74.38
CA LYS G 216 -11.62 34.82 -74.80
C LYS G 216 -10.13 35.15 -74.98
N LYS G 217 -9.84 35.79 -76.11
CA LYS G 217 -8.51 36.33 -76.42
C LYS G 217 -8.32 37.61 -75.62
N ALA G 218 -7.32 37.62 -74.75
CA ALA G 218 -7.16 38.66 -73.75
C ALA G 218 -6.13 39.70 -74.22
N GLU G 219 -6.44 40.35 -75.35
CA GLU G 219 -5.51 41.26 -76.03
C GLU G 219 -5.34 42.59 -75.28
N PRO G 220 -4.34 43.40 -75.67
CA PRO G 220 -4.21 44.84 -75.37
C PRO G 220 -5.39 45.69 -75.84
N ASP H 1 -18.28 24.25 -21.79
CA ASP H 1 -17.51 23.79 -22.94
C ASP H 1 -16.02 23.95 -22.71
N ILE H 2 -15.25 23.18 -23.48
CA ILE H 2 -13.79 23.25 -23.49
C ILE H 2 -13.38 23.92 -24.79
N GLN H 3 -12.57 24.95 -24.71
CA GLN H 3 -12.12 25.66 -25.90
C GLN H 3 -10.64 25.36 -26.08
N MET H 4 -10.28 24.84 -27.26
CA MET H 4 -8.90 24.50 -27.57
C MET H 4 -8.18 25.64 -28.31
N THR H 5 -6.96 25.94 -27.87
CA THR H 5 -6.14 27.00 -28.43
C THR H 5 -4.73 26.47 -28.69
N GLN H 6 -4.34 26.43 -29.95
CA GLN H 6 -3.08 25.90 -30.45
C GLN H 6 -2.01 27.00 -30.55
N SER H 7 -0.73 26.56 -30.59
CA SER H 7 0.39 27.45 -30.30
C SER H 7 0.40 28.75 -31.11
N PRO H 8 0.74 28.77 -32.46
CA PRO H 8 0.34 29.93 -33.27
C PRO H 8 -0.86 29.55 -34.12
N SER H 9 -1.02 30.23 -35.24
CA SER H 9 -1.89 29.74 -36.29
C SER H 9 -1.11 29.15 -37.45
N SER H 10 0.19 29.48 -37.58
CA SER H 10 0.97 29.21 -38.77
C SER H 10 2.43 29.05 -38.37
N LEU H 11 3.22 28.46 -39.27
CA LEU H 11 4.62 28.16 -38.98
C LEU H 11 5.38 28.01 -40.28
N SER H 12 6.54 28.65 -40.36
CA SER H 12 7.42 28.50 -41.50
C SER H 12 8.63 27.67 -41.10
N ALA H 13 8.85 26.56 -41.80
CA ALA H 13 9.87 25.62 -41.41
C ALA H 13 10.55 25.05 -42.64
N SER H 14 11.56 24.22 -42.39
CA SER H 14 12.47 23.68 -43.39
C SER H 14 12.61 22.17 -43.22
N VAL H 15 12.82 21.48 -44.34
CA VAL H 15 13.05 20.05 -44.29
C VAL H 15 14.28 19.77 -43.44
N GLY H 16 14.12 18.85 -42.50
CA GLY H 16 15.13 18.54 -41.53
C GLY H 16 15.03 19.31 -40.24
N ASP H 17 14.08 20.24 -40.12
CA ASP H 17 13.95 20.97 -38.87
C ASP H 17 13.14 20.15 -37.87
N ARG H 18 13.18 20.56 -36.62
CA ARG H 18 12.37 19.97 -35.56
C ARG H 18 11.28 20.95 -35.16
N VAL H 19 10.02 20.54 -35.35
CA VAL H 19 8.86 21.39 -35.21
C VAL H 19 8.16 21.07 -33.89
N THR H 20 7.65 22.10 -33.21
CA THR H 20 6.97 21.95 -31.92
C THR H 20 5.72 22.82 -31.90
N ILE H 21 4.56 22.18 -31.82
CA ILE H 21 3.26 22.85 -31.73
C ILE H 21 2.60 22.50 -30.39
N THR H 22 2.19 23.52 -29.63
CA THR H 22 1.48 23.31 -28.38
C THR H 22 -0.02 23.56 -28.52
N CYS H 23 -0.75 23.12 -27.51
CA CYS H 23 -2.20 23.19 -27.51
C CYS H 23 -2.69 23.29 -26.07
N ARG H 24 -3.73 24.11 -25.84
CA ARG H 24 -4.22 24.44 -24.51
C ARG H 24 -5.72 24.21 -24.37
N ALA H 25 -6.10 23.73 -23.21
CA ALA H 25 -7.49 23.44 -22.88
C ALA H 25 -8.03 24.51 -21.94
N SER H 26 -9.33 24.77 -22.04
CA SER H 26 -10.00 25.73 -21.18
C SER H 26 -9.94 25.28 -19.72
N GLN H 27 -10.48 24.10 -19.42
CA GLN H 27 -10.32 23.47 -18.12
C GLN H 27 -9.38 22.27 -18.27
N SER H 28 -9.10 21.60 -17.17
CA SER H 28 -8.27 20.40 -17.25
C SER H 28 -9.03 19.27 -17.94
N ILE H 29 -8.35 18.63 -18.89
CA ILE H 29 -8.85 17.47 -19.60
C ILE H 29 -7.99 16.23 -19.32
N SER H 30 -7.14 16.30 -18.30
CA SER H 30 -6.22 15.23 -17.92
C SER H 30 -5.37 14.90 -19.15
N SER H 31 -5.46 13.71 -19.71
CA SER H 31 -4.65 13.30 -20.85
C SER H 31 -5.53 12.91 -22.03
N TYR H 32 -6.76 13.42 -22.09
CA TYR H 32 -7.67 13.03 -23.17
C TYR H 32 -7.56 14.02 -24.33
N LEU H 33 -6.46 13.90 -25.07
CA LEU H 33 -6.19 14.82 -26.16
C LEU H 33 -5.50 14.10 -27.31
N ASN H 34 -6.02 14.29 -28.53
CA ASN H 34 -5.52 13.63 -29.73
C ASN H 34 -5.01 14.65 -30.73
N TRP H 35 -4.08 14.26 -31.59
CA TRP H 35 -3.52 15.14 -32.62
C TRP H 35 -3.79 14.61 -34.02
N TYR H 36 -4.26 15.50 -34.91
CA TYR H 36 -4.58 15.15 -36.29
C TYR H 36 -3.77 15.97 -37.30
N GLN H 37 -3.55 15.37 -38.47
CA GLN H 37 -2.94 15.99 -39.64
C GLN H 37 -3.97 16.05 -40.75
N GLN H 38 -3.97 17.17 -41.51
CA GLN H 38 -4.84 17.35 -42.66
C GLN H 38 -4.14 18.10 -43.80
N LYS H 39 -4.12 17.47 -44.95
CA LYS H 39 -3.61 17.99 -46.20
C LYS H 39 -4.74 18.60 -47.02
N PRO H 40 -4.43 19.54 -47.92
CA PRO H 40 -5.52 20.27 -48.60
C PRO H 40 -6.43 19.31 -49.35
N GLY H 41 -7.73 19.47 -49.14
CA GLY H 41 -8.72 18.72 -49.91
C GLY H 41 -8.95 17.31 -49.42
N LYS H 42 -8.35 16.94 -48.29
CA LYS H 42 -8.46 15.57 -47.82
C LYS H 42 -9.03 15.53 -46.41
N ALA H 43 -9.40 14.33 -45.96
CA ALA H 43 -9.92 14.16 -44.62
C ALA H 43 -8.77 14.21 -43.62
N PRO H 44 -9.05 14.59 -42.37
CA PRO H 44 -8.01 14.55 -41.34
C PRO H 44 -7.70 13.11 -40.96
N LYS H 45 -6.43 12.84 -40.67
CA LYS H 45 -6.03 11.51 -40.20
C LYS H 45 -5.31 11.63 -38.86
N LEU H 46 -5.47 10.61 -38.04
CA LEU H 46 -4.96 10.59 -36.68
C LEU H 46 -3.45 10.35 -36.62
N LEU H 47 -2.78 11.04 -35.71
CA LEU H 47 -1.35 10.89 -35.45
C LEU H 47 -1.06 10.39 -34.04
N ILE H 48 -1.63 11.04 -33.04
CA ILE H 48 -1.36 10.81 -31.62
C ILE H 48 -2.72 10.82 -30.94
N TYR H 49 -2.98 9.81 -30.10
CA TYR H 49 -4.15 9.75 -29.25
C TYR H 49 -3.70 9.60 -27.80
N ALA H 50 -4.59 9.96 -26.87
CA ALA H 50 -4.29 9.88 -25.43
C ALA H 50 -3.06 10.73 -25.07
N ALA H 51 -2.82 11.78 -25.85
CA ALA H 51 -1.76 12.78 -25.61
C ALA H 51 -0.37 12.30 -26.03
N SER H 52 -0.05 11.00 -25.86
CA SER H 52 1.30 10.56 -26.19
C SER H 52 1.40 9.22 -26.90
N SER H 53 0.29 8.64 -27.35
CA SER H 53 0.36 7.32 -27.98
C SER H 53 0.46 7.46 -29.49
N LEU H 54 1.51 6.89 -30.09
CA LEU H 54 1.75 6.95 -31.52
C LEU H 54 0.82 5.97 -32.23
N GLN H 55 -0.21 6.50 -32.90
CA GLN H 55 -1.09 5.68 -33.70
C GLN H 55 -0.31 4.79 -34.67
N SER H 56 -0.79 3.55 -34.86
CA SER H 56 -0.06 2.59 -35.68
C SER H 56 -0.01 3.05 -37.14
N GLY H 57 1.05 2.64 -37.83
CA GLY H 57 1.33 3.12 -39.17
C GLY H 57 2.05 4.45 -39.24
N VAL H 58 1.89 5.29 -38.23
CA VAL H 58 2.44 6.65 -38.22
C VAL H 58 3.95 6.58 -37.96
N PRO H 59 4.78 7.31 -38.73
CA PRO H 59 6.22 7.31 -38.47
C PRO H 59 6.61 7.76 -37.06
N SER H 60 7.83 7.41 -36.64
CA SER H 60 8.28 7.69 -35.28
C SER H 60 8.80 9.11 -35.08
N ARG H 61 8.99 9.89 -36.15
CA ARG H 61 9.33 11.30 -35.97
C ARG H 61 8.29 12.03 -35.13
N PHE H 62 7.01 11.68 -35.29
CA PHE H 62 5.96 12.32 -34.52
C PHE H 62 5.94 11.77 -33.10
N SER H 63 5.48 12.61 -32.17
CA SER H 63 5.54 12.31 -30.74
C SER H 63 4.75 13.34 -29.94
N GLY H 64 4.06 12.86 -28.90
CA GLY H 64 3.24 13.73 -28.08
C GLY H 64 3.68 13.79 -26.63
N SER H 65 3.24 14.87 -25.97
CA SER H 65 3.51 15.13 -24.55
C SER H 65 2.46 16.08 -24.03
N GLY H 66 2.37 16.17 -22.70
CA GLY H 66 1.47 17.09 -22.03
C GLY H 66 0.49 16.38 -21.11
N SER H 67 -0.14 17.19 -20.26
CA SER H 67 -1.10 16.70 -19.26
C SER H 67 -1.91 17.87 -18.70
N GLY H 68 -3.17 17.60 -18.38
CA GLY H 68 -4.01 18.56 -17.70
C GLY H 68 -4.53 19.65 -18.61
N THR H 69 -3.66 20.58 -18.96
CA THR H 69 -4.06 21.75 -19.74
C THR H 69 -3.11 22.10 -20.89
N ASP H 70 -1.87 21.60 -20.89
CA ASP H 70 -0.85 21.99 -21.87
C ASP H 70 -0.24 20.76 -22.53
N PHE H 71 -0.32 20.70 -23.86
CA PHE H 71 0.11 19.53 -24.64
C PHE H 71 1.01 19.99 -25.80
N THR H 72 1.76 19.05 -26.37
CA THR H 72 2.84 19.36 -27.31
C THR H 72 3.06 18.26 -28.33
N LEU H 73 2.94 18.62 -29.60
CA LEU H 73 3.25 17.73 -30.72
C LEU H 73 4.63 18.08 -31.28
N THR H 74 5.45 17.07 -31.51
CA THR H 74 6.82 17.26 -31.96
C THR H 74 7.12 16.35 -33.15
N ILE H 75 7.72 16.91 -34.20
CA ILE H 75 8.26 16.14 -35.31
C ILE H 75 9.78 16.18 -35.20
N SER H 76 10.41 15.01 -35.25
CA SER H 76 11.83 14.88 -34.94
C SER H 76 12.75 15.19 -36.11
N SER H 77 12.25 15.19 -37.34
CA SER H 77 12.99 15.62 -38.51
C SER H 77 12.03 15.79 -39.67
N LEU H 78 11.55 17.02 -39.85
CA LEU H 78 10.54 17.33 -40.85
C LEU H 78 10.99 16.86 -42.23
N GLN H 79 10.11 16.17 -42.92
CA GLN H 79 10.28 15.74 -44.29
C GLN H 79 9.13 16.33 -45.09
N PRO H 80 9.29 16.44 -46.42
CA PRO H 80 8.27 17.11 -47.26
C PRO H 80 6.82 16.66 -47.04
N GLU H 81 6.61 15.42 -46.61
CA GLU H 81 5.26 14.92 -46.35
C GLU H 81 4.57 15.71 -45.24
N ASP H 82 5.33 16.32 -44.33
CA ASP H 82 4.78 16.92 -43.12
C ASP H 82 4.10 18.26 -43.40
N PHE H 83 4.37 18.87 -44.55
CA PHE H 83 3.78 20.18 -44.84
C PHE H 83 2.27 20.02 -45.01
N ALA H 84 1.53 20.49 -44.01
CA ALA H 84 0.09 20.27 -43.87
C ALA H 84 -0.39 21.12 -42.70
N THR H 85 -1.66 21.01 -42.36
CA THR H 85 -2.22 21.70 -41.21
C THR H 85 -2.55 20.69 -40.12
N TYR H 86 -2.25 21.04 -38.86
CA TYR H 86 -2.34 20.10 -37.75
C TYR H 86 -3.34 20.59 -36.71
N TYR H 87 -4.11 19.64 -36.17
CA TYR H 87 -5.15 19.92 -35.19
C TYR H 87 -4.94 19.11 -33.91
N CYS H 88 -5.10 19.75 -32.77
CA CYS H 88 -5.34 19.03 -31.54
C CYS H 88 -6.85 18.99 -31.28
N GLN H 89 -7.28 18.00 -30.50
CA GLN H 89 -8.69 17.72 -30.31
C GLN H 89 -8.92 17.10 -28.93
N GLN H 90 -9.92 17.62 -28.24
CA GLN H 90 -10.12 17.31 -26.84
C GLN H 90 -11.23 16.26 -26.66
N SER H 91 -10.97 15.25 -25.83
CA SER H 91 -11.88 14.11 -25.63
C SER H 91 -12.37 14.02 -24.19
N TYR H 92 -12.79 15.11 -23.62
CA TYR H 92 -13.22 15.17 -22.23
C TYR H 92 -14.64 15.72 -22.09
N SER H 93 -15.07 16.61 -22.97
CA SER H 93 -16.40 17.18 -22.86
C SER H 93 -17.42 16.25 -23.50
N THR H 94 -18.69 16.61 -23.33
CA THR H 94 -19.77 15.83 -23.89
C THR H 94 -19.69 15.77 -25.42
N LEU H 95 -19.16 16.84 -26.04
CA LEU H 95 -18.89 16.90 -27.48
C LEU H 95 -17.44 17.29 -27.69
N TRP H 96 -16.72 16.48 -28.45
CA TRP H 96 -15.31 16.75 -28.61
C TRP H 96 -15.12 18.05 -29.39
N THR H 97 -14.04 18.75 -29.09
CA THR H 97 -13.78 19.98 -29.80
C THR H 97 -12.37 19.94 -30.37
N PHE H 98 -12.17 20.64 -31.48
CA PHE H 98 -10.87 20.67 -32.10
C PHE H 98 -10.16 21.97 -31.77
N GLY H 99 -8.86 21.98 -32.04
CA GLY H 99 -8.12 23.23 -32.00
C GLY H 99 -8.42 24.01 -33.26
N GLN H 100 -7.97 25.28 -33.29
CA GLN H 100 -8.28 26.12 -34.44
C GLN H 100 -7.45 25.76 -35.66
N GLY H 101 -6.29 25.16 -35.46
CA GLY H 101 -5.43 24.71 -36.55
C GLY H 101 -4.10 25.42 -36.55
N THR H 102 -3.05 24.76 -37.07
CA THR H 102 -1.77 25.43 -37.32
C THR H 102 -1.19 24.90 -38.61
N LYS H 103 -0.99 25.80 -39.58
CA LYS H 103 -0.46 25.47 -40.89
C LYS H 103 1.06 25.56 -40.83
N VAL H 104 1.74 24.50 -41.26
CA VAL H 104 3.20 24.51 -41.34
C VAL H 104 3.58 24.73 -42.81
N GLU H 105 4.32 25.80 -43.08
CA GLU H 105 4.60 26.23 -44.42
C GLU H 105 6.09 26.08 -44.68
N ILE H 106 6.44 25.95 -45.96
CA ILE H 106 7.82 25.68 -46.35
C ILE H 106 8.56 27.01 -46.37
N LYS H 107 9.68 27.08 -45.66
CA LYS H 107 10.42 28.32 -45.48
C LYS H 107 11.24 28.65 -46.72
N ARG H 108 11.61 29.93 -46.82
CA ARG H 108 12.16 30.47 -48.04
C ARG H 108 12.73 31.85 -47.73
N THR H 109 13.61 32.34 -48.60
CA THR H 109 14.17 33.66 -48.45
C THR H 109 13.11 34.72 -48.82
N VAL H 110 13.32 35.94 -48.33
CA VAL H 110 12.38 37.03 -48.56
C VAL H 110 12.31 37.34 -50.05
N ALA H 111 11.09 37.57 -50.56
CA ALA H 111 10.87 37.90 -51.97
C ALA H 111 9.81 39.00 -52.13
N ALA H 112 10.13 40.03 -52.92
CA ALA H 112 9.28 41.20 -53.16
C ALA H 112 8.16 40.87 -54.15
N PRO H 113 6.97 41.43 -53.91
CA PRO H 113 5.84 41.21 -54.84
C PRO H 113 5.88 42.12 -56.05
N SER H 114 5.62 41.53 -57.21
CA SER H 114 5.38 42.30 -58.42
C SER H 114 3.91 42.70 -58.48
N VAL H 115 3.65 44.01 -58.48
CA VAL H 115 2.29 44.55 -58.35
C VAL H 115 1.78 44.97 -59.73
N PHE H 116 0.56 44.56 -60.06
CA PHE H 116 -0.09 44.86 -61.32
C PHE H 116 -1.49 45.36 -61.02
N ILE H 117 -1.96 46.30 -61.85
CA ILE H 117 -3.31 46.83 -61.67
C ILE H 117 -4.04 46.76 -63.00
N PHE H 118 -5.33 46.45 -62.92
CA PHE H 118 -6.13 46.11 -64.10
C PHE H 118 -7.45 46.85 -64.02
N PRO H 119 -7.80 47.65 -65.02
CA PRO H 119 -9.07 48.38 -64.97
C PRO H 119 -10.21 47.51 -65.46
N PRO H 120 -11.44 47.88 -65.14
CA PRO H 120 -12.59 47.15 -65.68
C PRO H 120 -12.62 47.23 -67.20
N SER H 121 -13.16 46.19 -67.81
CA SER H 121 -13.15 46.06 -69.26
C SER H 121 -14.48 46.57 -69.80
N ASP H 122 -14.42 47.23 -70.95
CA ASP H 122 -15.63 47.83 -71.53
C ASP H 122 -16.82 46.87 -71.45
N GLU H 123 -16.61 45.60 -71.83
CA GLU H 123 -17.73 44.66 -71.85
C GLU H 123 -18.40 44.54 -70.49
N GLN H 124 -17.64 44.61 -69.40
CA GLN H 124 -18.28 44.57 -68.08
C GLN H 124 -19.07 45.83 -67.79
N LEU H 125 -18.60 47.00 -68.24
CA LEU H 125 -19.30 48.25 -67.97
C LEU H 125 -20.60 48.38 -68.75
N LYS H 126 -20.67 47.76 -69.93
CA LYS H 126 -21.93 47.75 -70.64
C LYS H 126 -22.98 46.76 -70.00
N SER H 127 -22.67 46.26 -68.79
CA SER H 127 -23.54 45.35 -68.05
C SER H 127 -24.01 45.83 -66.67
N GLY H 128 -23.41 46.88 -66.09
CA GLY H 128 -23.91 47.52 -64.88
C GLY H 128 -22.95 47.60 -63.70
N THR H 129 -21.79 46.95 -63.78
CA THR H 129 -20.86 46.88 -62.66
C THR H 129 -19.43 47.02 -63.16
N ALA H 130 -18.49 47.30 -62.25
CA ALA H 130 -17.08 47.50 -62.61
C ALA H 130 -16.16 46.91 -61.54
N SER H 131 -15.11 46.22 -61.98
CA SER H 131 -14.17 45.52 -61.09
C SER H 131 -12.75 45.97 -61.39
N VAL H 132 -12.10 46.57 -60.40
CA VAL H 132 -10.69 46.93 -60.47
C VAL H 132 -9.90 45.85 -59.72
N VAL H 133 -8.95 45.21 -60.40
CA VAL H 133 -8.23 44.05 -59.88
C VAL H 133 -6.77 44.42 -59.64
N CYS H 134 -6.21 44.01 -58.51
CA CYS H 134 -4.81 44.26 -58.19
C CYS H 134 -4.13 42.95 -57.79
N LEU H 135 -3.16 42.51 -58.61
CA LEU H 135 -2.41 41.27 -58.44
C LEU H 135 -1.05 41.49 -57.77
N LEU H 136 -0.74 40.64 -56.78
CA LEU H 136 0.59 40.55 -56.18
C LEU H 136 1.19 39.19 -56.52
N ASN H 137 2.32 39.21 -57.24
CA ASN H 137 2.87 38.04 -57.93
C ASN H 137 4.11 37.53 -57.22
N ASN H 138 4.05 36.28 -56.76
CA ASN H 138 5.21 35.46 -56.40
C ASN H 138 6.09 36.11 -55.32
N PHE H 139 5.49 36.33 -54.16
CA PHE H 139 6.21 36.77 -52.96
C PHE H 139 6.21 35.64 -51.92
N TYR H 140 7.18 35.71 -50.98
CA TYR H 140 7.26 34.68 -49.95
C TYR H 140 6.72 35.14 -48.61
N PRO H 141 7.07 36.34 -48.10
CA PRO H 141 6.70 36.65 -46.71
C PRO H 141 5.20 36.58 -46.41
N ARG H 142 4.39 36.26 -47.43
CA ARG H 142 3.00 35.83 -47.28
C ARG H 142 2.06 36.98 -46.88
N GLU H 143 2.47 37.68 -45.84
CA GLU H 143 1.76 38.82 -45.29
C GLU H 143 1.86 40.04 -46.21
N ALA H 144 0.72 40.68 -46.48
CA ALA H 144 0.73 41.87 -47.34
C ALA H 144 -0.41 42.80 -46.93
N LYS H 145 -0.21 44.11 -47.12
CA LYS H 145 -1.27 45.10 -46.96
C LYS H 145 -1.59 45.67 -48.33
N VAL H 146 -2.87 45.61 -48.70
CA VAL H 146 -3.36 46.19 -49.95
C VAL H 146 -4.29 47.36 -49.61
N GLN H 147 -4.02 48.53 -50.18
CA GLN H 147 -4.85 49.68 -49.94
C GLN H 147 -5.56 50.06 -51.23
N TRP H 148 -6.86 50.35 -51.11
CA TRP H 148 -7.67 50.81 -52.23
C TRP H 148 -7.96 52.29 -52.05
N LYS H 149 -7.69 53.09 -53.10
CA LYS H 149 -7.96 54.53 -53.10
C LYS H 149 -8.65 54.91 -54.40
N VAL H 150 -9.75 55.64 -54.30
CA VAL H 150 -10.38 56.27 -55.47
C VAL H 150 -10.29 57.77 -55.27
N ASP H 151 -9.67 58.46 -56.23
CA ASP H 151 -9.31 59.88 -56.08
C ASP H 151 -8.64 60.14 -54.73
N ASN H 152 -7.84 59.16 -54.31
CA ASN H 152 -7.02 59.24 -53.11
C ASN H 152 -7.90 59.28 -51.84
N ALA H 153 -8.90 58.39 -51.82
CA ALA H 153 -9.74 58.12 -50.65
C ALA H 153 -9.83 56.62 -50.45
N LEU H 154 -9.35 56.13 -49.29
CA LEU H 154 -9.32 54.70 -49.03
C LEU H 154 -10.72 54.10 -48.81
N GLN H 155 -11.01 53.01 -49.53
CA GLN H 155 -12.29 52.32 -49.55
C GLN H 155 -12.46 51.34 -48.39
N SER H 156 -13.72 51.01 -48.09
CA SER H 156 -14.04 50.04 -47.05
C SER H 156 -15.27 49.24 -47.47
N GLY H 157 -15.32 47.98 -47.04
CA GLY H 157 -16.47 47.10 -47.25
C GLY H 157 -16.77 46.77 -48.71
N ASN H 158 -15.80 47.01 -49.61
CA ASN H 158 -15.98 46.82 -51.06
C ASN H 158 -14.78 46.16 -51.73
N SER H 159 -13.91 45.53 -50.95
CA SER H 159 -12.72 44.84 -51.43
C SER H 159 -12.77 43.36 -51.05
N GLN H 160 -12.10 42.51 -51.84
CA GLN H 160 -12.04 41.08 -51.53
C GLN H 160 -10.71 40.49 -51.99
N GLU H 161 -10.05 39.75 -51.09
CA GLU H 161 -8.71 39.19 -51.30
C GLU H 161 -8.81 37.68 -51.55
N SER H 162 -7.79 37.12 -52.20
CA SER H 162 -7.77 35.68 -52.47
C SER H 162 -6.35 35.23 -52.76
N VAL H 163 -5.84 34.22 -52.06
CA VAL H 163 -4.42 33.90 -52.12
C VAL H 163 -4.21 32.45 -52.53
N THR H 164 -3.19 32.22 -53.33
CA THR H 164 -2.86 30.87 -53.74
C THR H 164 -2.15 30.13 -52.62
N GLU H 165 -2.09 28.82 -52.75
CA GLU H 165 -1.21 28.07 -51.89
C GLU H 165 0.22 28.23 -52.38
N GLN H 166 1.17 27.99 -51.48
CA GLN H 166 2.57 28.04 -51.85
C GLN H 166 2.80 27.30 -53.16
N ASP H 167 3.66 27.86 -53.99
CA ASP H 167 3.93 27.28 -55.30
C ASP H 167 4.72 25.97 -55.16
N SER H 168 4.34 24.96 -55.94
CA SER H 168 5.08 23.70 -55.92
C SER H 168 6.48 23.87 -56.50
N LYS H 169 6.69 24.90 -57.34
CA LYS H 169 7.97 25.15 -57.99
C LYS H 169 8.75 26.30 -57.35
N ASP H 170 8.07 27.28 -56.75
CA ASP H 170 8.69 28.45 -56.14
C ASP H 170 8.66 28.45 -54.62
N SER H 171 7.68 27.79 -53.99
CA SER H 171 7.37 27.92 -52.57
C SER H 171 6.87 29.32 -52.21
N THR H 172 6.22 30.01 -53.16
CA THR H 172 5.80 31.39 -53.03
C THR H 172 4.28 31.53 -53.08
N TYR H 173 3.81 32.66 -52.56
CA TYR H 173 2.40 33.02 -52.57
C TYR H 173 2.13 34.04 -53.66
N SER H 174 0.84 34.16 -54.05
CA SER H 174 0.36 35.14 -55.02
C SER H 174 -1.04 35.57 -54.59
N LEU H 175 -1.34 36.87 -54.68
CA LEU H 175 -2.56 37.45 -54.13
C LEU H 175 -3.30 38.28 -55.17
N SER H 176 -4.63 38.29 -55.09
CA SER H 176 -5.48 39.13 -55.93
C SER H 176 -6.53 39.84 -55.09
N SER H 177 -6.49 41.16 -55.08
CA SER H 177 -7.54 41.99 -54.47
C SER H 177 -8.48 42.50 -55.55
N THR H 178 -9.78 42.52 -55.26
CA THR H 178 -10.76 43.00 -56.23
C THR H 178 -11.68 44.02 -55.57
N LEU H 179 -11.71 45.24 -56.13
CA LEU H 179 -12.60 46.29 -55.66
C LEU H 179 -13.76 46.36 -56.65
N THR H 180 -14.98 46.20 -56.15
CA THR H 180 -16.18 46.17 -56.98
C THR H 180 -17.04 47.40 -56.66
N LEU H 181 -17.45 48.11 -57.71
CA LEU H 181 -18.28 49.32 -57.63
C LEU H 181 -19.43 49.25 -58.63
N SER H 182 -20.46 50.06 -58.40
CA SER H 182 -21.46 50.28 -59.44
C SER H 182 -20.83 51.09 -60.57
N LYS H 183 -21.44 51.03 -61.76
CA LYS H 183 -20.93 51.86 -62.85
C LYS H 183 -21.10 53.34 -62.55
N ALA H 184 -22.18 53.72 -61.84
CA ALA H 184 -22.37 55.12 -61.47
C ALA H 184 -21.24 55.62 -60.58
N ASP H 185 -20.92 54.88 -59.53
CA ASP H 185 -19.84 55.30 -58.64
C ASP H 185 -18.48 55.25 -59.32
N TYR H 186 -18.34 54.44 -60.37
CA TYR H 186 -17.04 54.28 -61.01
C TYR H 186 -16.76 55.41 -61.99
N GLU H 187 -17.77 55.82 -62.79
CA GLU H 187 -17.57 56.85 -63.80
C GLU H 187 -17.47 58.26 -63.22
N LYS H 188 -17.45 58.39 -61.89
CA LYS H 188 -17.42 59.68 -61.23
C LYS H 188 -16.08 59.94 -60.53
N HIS H 189 -15.16 58.99 -60.61
CA HIS H 189 -13.80 59.15 -60.14
C HIS H 189 -12.83 58.97 -61.31
N LYS H 190 -11.63 59.54 -61.14
CA LYS H 190 -10.61 59.44 -62.18
C LYS H 190 -9.47 58.53 -61.76
N VAL H 191 -8.83 58.81 -60.63
CA VAL H 191 -7.66 58.05 -60.19
C VAL H 191 -8.11 56.86 -59.34
N TYR H 192 -7.64 55.66 -59.71
CA TYR H 192 -7.89 54.43 -58.95
C TYR H 192 -6.54 53.81 -58.63
N ALA H 193 -6.23 53.71 -57.34
CA ALA H 193 -4.90 53.34 -56.90
C ALA H 193 -4.93 52.06 -56.07
N CYS H 194 -3.77 51.43 -56.01
CA CYS H 194 -3.55 50.20 -55.25
C CYS H 194 -2.19 50.34 -54.57
N GLU H 195 -2.17 50.34 -53.24
CA GLU H 195 -0.94 50.55 -52.48
C GLU H 195 -0.62 49.30 -51.67
N VAL H 196 0.53 48.70 -51.93
CA VAL H 196 0.97 47.48 -51.26
C VAL H 196 2.11 47.81 -50.32
N THR H 197 2.05 47.26 -49.11
CA THR H 197 3.15 47.29 -48.16
C THR H 197 3.48 45.86 -47.77
N HIS H 198 4.76 45.61 -47.58
CA HIS H 198 5.31 44.27 -47.52
C HIS H 198 6.69 44.35 -46.85
N GLN H 199 7.10 43.22 -46.26
CA GLN H 199 8.43 43.15 -45.64
C GLN H 199 9.54 43.29 -46.68
N GLY H 200 9.39 42.62 -47.83
CA GLY H 200 10.42 42.62 -48.85
C GLY H 200 10.70 43.96 -49.51
N LEU H 201 9.86 44.95 -49.25
CA LEU H 201 10.04 46.30 -49.77
C LEU H 201 10.14 47.30 -48.62
N SER H 202 11.23 48.06 -48.61
CA SER H 202 11.48 49.08 -47.59
C SER H 202 10.50 50.26 -47.66
N SER H 203 9.89 50.54 -48.83
CA SER H 203 8.80 51.53 -48.88
C SER H 203 7.58 51.00 -49.62
N PRO H 204 6.35 51.35 -49.18
CA PRO H 204 5.14 50.91 -49.89
C PRO H 204 5.08 51.39 -51.35
N VAL H 205 4.55 50.51 -52.21
CA VAL H 205 4.46 50.74 -53.64
C VAL H 205 3.01 50.98 -54.04
N THR H 206 2.80 51.87 -55.02
CA THR H 206 1.47 52.27 -55.50
C THR H 206 1.38 52.02 -57.00
N LYS H 207 0.30 51.38 -57.43
CA LYS H 207 0.03 51.21 -58.84
C LYS H 207 -1.33 51.81 -59.17
N SER H 208 -1.39 52.67 -60.19
CA SER H 208 -2.63 53.36 -60.48
C SER H 208 -2.88 53.44 -61.99
N PHE H 209 -4.01 54.04 -62.32
CA PHE H 209 -4.46 54.41 -63.65
C PHE H 209 -5.59 55.40 -63.46
N ASN H 210 -5.80 56.29 -64.44
CA ASN H 210 -6.94 57.19 -64.27
C ASN H 210 -7.80 57.34 -65.52
N ARG H 211 -8.58 56.32 -65.83
CA ARG H 211 -9.60 56.53 -66.84
C ARG H 211 -10.90 55.89 -66.39
#